data_4ZOE
#
_entry.id   4ZOE
#
_cell.length_a   89.750
_cell.length_b   95.100
_cell.length_c   214.996
_cell.angle_alpha   90.000
_cell.angle_beta   96.340
_cell.angle_gamma   90.000
#
_symmetry.space_group_name_H-M   'I 1 2 1'
#
loop_
_entity.id
_entity.type
_entity.pdbx_description
1 polymer 'Lin1840 protein'
2 non-polymer 'MAGNESIUM ION'
3 non-polymer GLYCEROL
4 water water
#
_entity_poly.entity_id   1
_entity_poly.type   'polypeptide(L)'
_entity_poly.pdbx_seq_one_letter_code
;MEQEKVQELVSQMTLDEKIAQCLQLSPFLFKGTNKNAELTGPLLQEMKLTDAHTENAGSVLGSSSALDMIGIQEAYLKTN
RLGIPLVFMADVIHGYKTVFPIPLALGCSFDRETVRVMAEVSALEATADGHHVTFSPMLDLVRDPRWGRVMESTGEDPFL
NSELGKAMVDGYQGDASKLNENLEQMAACVKHFAAYGAAEAGLEYNTVNMSTRELYQNYLPAYNAAIQAGAKLVMTAFNV
VDGIPATMNKWLNRDVLRGEMEFDGVLISDWGAVAEVINHGTARNPKEAAQFSMEAGVDLEMMTTCYIHELKGLIEEGKL
SENLLDEAVLRMLNLKNDLGLFEDPYRGLKNNDRTKDILTDESRGKARAAGVESAVLLENKSRLLPLAKEAKIALVGPLA
TSPDILGGWNVYGEEKDGINVETGLREVFETVEVVSTEYTELSEEDKVAVKAAVQNMDVVVLALGEKNEWGGEAGSLATI
RLPEAQYQLAKFVQTLGKPVVITLFNGRPLEVKELAESSDALLELWFPGTEAGRVTADLLSGASNPSGKLSMSFPQTTGQ
IPVYYNHLRTGRPQTPENKGERYVSHYLDIPNEPFYPFGYGKSYSEFELKTSSLPKELNLGESLHVEVTIKNISDIAGKE
VIQVYLQDVTASISRPVKELKAFEKVALQAGEEKTVTFELTSEAFSFYNHQLEKVQEPGLHRVFVGTSSEDVDVFEVEVG
GYVLEHHHHHH
;
_entity_poly.pdbx_strand_id   A,B
#
# COMPACT_ATOMS: atom_id res chain seq x y z
N MET A 1 -30.43 38.69 0.51
CA MET A 1 -31.23 39.33 1.57
C MET A 1 -30.49 39.39 2.89
N GLU A 2 -31.00 40.17 3.83
CA GLU A 2 -30.30 40.39 5.11
C GLU A 2 -30.25 39.11 5.93
N GLN A 3 -29.23 38.99 6.76
CA GLN A 3 -29.01 37.81 7.59
C GLN A 3 -30.17 37.56 8.56
N GLU A 4 -30.75 38.63 9.11
CA GLU A 4 -31.89 38.48 10.02
C GLU A 4 -33.10 37.87 9.34
N LYS A 5 -33.28 38.13 8.04
CA LYS A 5 -34.34 37.43 7.28
C LYS A 5 -34.03 35.93 7.05
N VAL A 6 -32.75 35.63 6.77
CA VAL A 6 -32.34 34.23 6.70
C VAL A 6 -32.63 33.54 8.04
N GLN A 7 -32.15 34.10 9.16
CA GLN A 7 -32.40 33.52 10.48
C GLN A 7 -33.90 33.38 10.77
N GLU A 8 -34.67 34.38 10.35
CA GLU A 8 -36.11 34.35 10.50
C GLU A 8 -36.77 33.17 9.78
N LEU A 9 -36.28 32.83 8.56
CA LEU A 9 -36.79 31.63 7.81
C LEU A 9 -36.59 30.39 8.64
N VAL A 10 -35.39 30.24 9.21
CA VAL A 10 -35.13 29.05 10.05
C VAL A 10 -36.15 28.97 11.21
N SER A 11 -36.28 30.05 11.96
CA SER A 11 -37.31 30.16 13.01
C SER A 11 -38.72 29.78 12.60
N GLN A 12 -39.10 30.04 11.35
CA GLN A 12 -40.47 29.81 10.84
C GLN A 12 -40.74 28.42 10.28
N MET A 13 -39.69 27.75 9.83
CA MET A 13 -39.83 26.41 9.30
C MET A 13 -40.33 25.40 10.31
N THR A 14 -41.13 24.46 9.86
CA THR A 14 -41.56 23.35 10.68
C THR A 14 -40.39 22.40 10.75
N LEU A 15 -40.42 21.48 11.71
CA LEU A 15 -39.38 20.45 11.83
C LEU A 15 -39.32 19.64 10.55
N ASP A 16 -40.48 19.28 10.00
CA ASP A 16 -40.51 18.52 8.76
C ASP A 16 -39.91 19.28 7.55
N GLU A 17 -40.14 20.58 7.49
CA GLU A 17 -39.49 21.46 6.51
C GLU A 17 -37.96 21.53 6.68
N LYS A 18 -37.51 21.57 7.92
CA LYS A 18 -36.08 21.69 8.22
C LYS A 18 -35.41 20.40 7.79
N ILE A 19 -36.08 19.27 8.03
CA ILE A 19 -35.46 17.96 7.79
C ILE A 19 -35.29 17.76 6.27
N ALA A 20 -36.35 18.09 5.51
CA ALA A 20 -36.32 17.96 4.06
C ALA A 20 -35.35 18.90 3.38
N GLN A 21 -35.10 20.04 4.02
CA GLN A 21 -34.13 20.97 3.51
C GLN A 21 -32.72 20.33 3.38
N CYS A 22 -32.47 19.31 4.21
CA CYS A 22 -31.20 18.54 4.18
C CYS A 22 -31.15 17.34 3.27
N LEU A 23 -32.06 17.31 2.30
CA LEU A 23 -32.18 16.27 1.27
C LEU A 23 -31.89 16.81 -0.14
N GLN A 24 -31.07 16.10 -0.91
CA GLN A 24 -30.87 16.36 -2.40
C GLN A 24 -31.39 15.19 -3.27
N LEU A 25 -32.08 15.55 -4.35
CA LEU A 25 -32.72 14.60 -5.23
C LEU A 25 -32.39 14.84 -6.64
N SER A 26 -32.49 13.78 -7.47
CA SER A 26 -32.32 13.89 -8.93
C SER A 26 -33.48 14.68 -9.50
N PRO A 27 -33.31 15.29 -10.66
CA PRO A 27 -34.34 16.24 -11.11
C PRO A 27 -35.69 15.62 -11.38
N PHE A 28 -35.68 14.42 -11.97
CA PHE A 28 -36.93 13.77 -12.32
C PHE A 28 -37.77 13.33 -11.14
N LEU A 29 -37.29 13.49 -9.88
CA LEU A 29 -38.17 13.29 -8.71
C LEU A 29 -38.97 14.54 -8.34
N PHE A 30 -38.81 15.63 -9.08
CA PHE A 30 -39.54 16.86 -8.80
C PHE A 30 -40.59 16.94 -9.89
N LYS A 31 -41.73 17.47 -9.55
CA LYS A 31 -42.69 17.86 -10.52
C LYS A 31 -42.05 19.09 -11.29
N GLY A 32 -42.33 19.19 -12.59
CA GLY A 32 -41.81 20.30 -13.39
C GLY A 32 -40.56 19.96 -14.15
N THR A 33 -40.08 18.73 -13.93
CA THR A 33 -38.95 18.22 -14.69
C THR A 33 -39.33 18.07 -16.16
N ASN A 34 -38.39 18.17 -17.07
CA ASN A 34 -38.77 17.97 -18.47
C ASN A 34 -37.95 16.89 -19.13
N LYS A 35 -37.56 15.89 -18.35
CA LYS A 35 -36.83 14.72 -18.86
C LYS A 35 -36.89 13.57 -17.86
N ASN A 36 -37.11 12.36 -18.38
CA ASN A 36 -37.15 11.12 -17.56
C ASN A 36 -38.36 11.01 -16.61
N ALA A 37 -39.47 11.71 -16.95
CA ALA A 37 -40.76 11.56 -16.23
C ALA A 37 -41.18 10.08 -16.01
N GLU A 38 -40.78 9.25 -16.96
CA GLU A 38 -41.05 7.81 -16.85
C GLU A 38 -40.31 7.16 -15.66
N LEU A 39 -39.21 7.78 -15.21
CA LEU A 39 -38.48 7.29 -14.02
C LEU A 39 -39.07 7.72 -12.67
N THR A 40 -39.93 8.74 -12.67
CA THR A 40 -40.37 9.43 -11.46
C THR A 40 -41.18 8.58 -10.53
N GLY A 41 -42.19 7.91 -11.07
CA GLY A 41 -43.16 7.15 -10.28
C GLY A 41 -42.62 5.95 -9.50
N PRO A 42 -41.95 5.03 -10.18
CA PRO A 42 -41.30 3.94 -9.49
C PRO A 42 -40.30 4.41 -8.43
N LEU A 43 -39.40 5.32 -8.80
CA LEU A 43 -38.33 5.78 -7.84
C LEU A 43 -38.86 6.53 -6.59
N LEU A 44 -39.88 7.37 -6.76
CA LEU A 44 -40.55 8.01 -5.63
C LEU A 44 -41.04 6.90 -4.70
N GLN A 45 -41.64 5.83 -5.28
CA GLN A 45 -42.21 4.74 -4.42
C GLN A 45 -41.13 3.89 -3.72
N GLU A 46 -40.04 3.60 -4.40
CA GLU A 46 -38.97 2.80 -3.79
C GLU A 46 -38.21 3.49 -2.64
N MET A 47 -38.07 4.82 -2.72
CA MET A 47 -37.44 5.68 -1.73
C MET A 47 -38.42 6.21 -0.71
N LYS A 48 -39.72 5.99 -1.03
CA LYS A 48 -40.87 6.32 -0.16
C LYS A 48 -40.93 7.83 0.09
N LEU A 49 -40.77 8.54 -1.01
CA LEU A 49 -40.83 9.99 -1.01
C LEU A 49 -42.26 10.41 -1.37
N THR A 50 -42.77 11.39 -0.64
CA THR A 50 -44.09 11.95 -0.83
C THR A 50 -43.92 13.39 -1.24
N ASP A 51 -45.03 14.08 -1.50
CA ASP A 51 -44.98 15.46 -1.87
C ASP A 51 -44.49 16.38 -0.78
N ALA A 52 -44.88 16.13 0.46
CA ALA A 52 -44.34 16.95 1.55
C ALA A 52 -42.83 16.86 1.55
N HIS A 53 -42.32 15.72 1.06
CA HIS A 53 -40.82 15.58 0.93
C HIS A 53 -40.25 16.39 -0.23
N THR A 54 -40.73 16.14 -1.46
CA THR A 54 -40.14 16.77 -2.64
C THR A 54 -40.44 18.26 -2.73
N GLU A 55 -41.60 18.68 -2.30
CA GLU A 55 -41.89 20.12 -2.26
C GLU A 55 -41.13 20.87 -1.18
N ASN A 56 -40.43 20.13 -0.31
CA ASN A 56 -39.56 20.80 0.67
C ASN A 56 -38.03 20.42 0.59
N ALA A 57 -37.69 19.56 -0.36
CA ALA A 57 -36.30 19.19 -0.58
C ALA A 57 -35.42 20.36 -0.75
N GLY A 58 -34.15 20.19 -0.30
CA GLY A 58 -33.19 21.27 -0.32
C GLY A 58 -32.52 21.57 -1.63
N SER A 59 -32.25 20.52 -2.40
CA SER A 59 -31.37 20.71 -3.52
C SER A 59 -31.72 19.69 -4.63
N VAL A 60 -31.41 20.08 -5.87
CA VAL A 60 -31.38 19.25 -7.01
C VAL A 60 -29.93 18.92 -7.41
N LEU A 61 -29.72 17.65 -7.80
CA LEU A 61 -28.45 17.07 -8.30
C LEU A 61 -28.66 16.67 -9.74
N GLY A 62 -27.92 17.24 -10.65
CA GLY A 62 -27.82 16.77 -12.03
C GLY A 62 -28.99 17.08 -12.96
N SER A 63 -29.49 18.29 -12.85
CA SER A 63 -30.47 18.84 -13.81
C SER A 63 -29.87 18.67 -15.25
N SER A 64 -30.71 18.31 -16.22
CA SER A 64 -30.25 18.05 -17.59
C SER A 64 -30.11 19.29 -18.47
N SER A 65 -30.75 20.42 -18.11
CA SER A 65 -30.71 21.64 -18.94
C SER A 65 -31.31 22.86 -18.20
N ALA A 66 -31.14 24.03 -18.77
CA ALA A 66 -31.78 25.26 -18.26
C ALA A 66 -33.28 25.06 -18.15
N LEU A 67 -33.93 24.43 -19.15
CA LEU A 67 -35.40 24.21 -19.06
C LEU A 67 -35.81 23.31 -17.94
N ASP A 68 -34.98 22.32 -17.61
CA ASP A 68 -35.33 21.39 -16.56
C ASP A 68 -35.36 22.21 -15.28
N MET A 69 -34.25 22.93 -15.01
CA MET A 69 -34.09 23.77 -13.83
C MET A 69 -35.31 24.72 -13.74
N ILE A 70 -35.51 25.47 -14.78
CA ILE A 70 -36.65 26.48 -14.74
C ILE A 70 -37.95 25.84 -14.37
N GLY A 71 -38.27 24.71 -15.04
CA GLY A 71 -39.54 23.97 -14.85
C GLY A 71 -39.64 23.47 -13.42
N ILE A 72 -38.52 22.90 -12.95
CA ILE A 72 -38.43 22.42 -11.58
C ILE A 72 -38.56 23.53 -10.58
N GLN A 73 -37.82 24.65 -10.79
CA GLN A 73 -37.78 25.70 -9.84
C GLN A 73 -39.18 26.42 -9.83
N GLU A 74 -39.76 26.59 -11.02
CA GLU A 74 -41.12 27.24 -11.12
C GLU A 74 -42.17 26.46 -10.37
N ALA A 75 -42.21 25.16 -10.65
CA ALA A 75 -43.15 24.27 -9.97
C ALA A 75 -42.96 24.21 -8.46
N TYR A 76 -41.72 24.16 -8.01
CA TYR A 76 -41.41 24.09 -6.58
C TYR A 76 -41.79 25.40 -5.81
N LEU A 77 -41.50 26.57 -6.38
CA LEU A 77 -41.91 27.83 -5.77
C LEU A 77 -43.43 28.06 -5.87
N LYS A 78 -44.17 27.35 -6.72
CA LYS A 78 -45.62 27.46 -6.64
C LYS A 78 -46.11 26.90 -5.29
N THR A 79 -45.46 25.84 -4.79
CA THR A 79 -46.03 25.04 -3.73
C THR A 79 -45.27 25.20 -2.39
N ASN A 80 -44.06 25.77 -2.45
CA ASN A 80 -43.23 25.93 -1.25
C ASN A 80 -43.78 26.99 -0.32
N ARG A 81 -44.23 26.56 0.87
CA ARG A 81 -44.89 27.46 1.81
C ARG A 81 -44.14 28.77 2.09
N LEU A 82 -42.86 28.66 2.46
CA LEU A 82 -42.06 29.82 2.75
C LEU A 82 -41.26 30.43 1.61
N GLY A 83 -41.26 29.86 0.40
CA GLY A 83 -40.54 30.55 -0.70
C GLY A 83 -39.03 30.30 -0.68
N ILE A 84 -38.64 29.11 -0.28
CA ILE A 84 -37.18 28.81 -0.21
C ILE A 84 -36.79 28.12 -1.52
N PRO A 85 -36.02 28.80 -2.40
CA PRO A 85 -35.71 28.22 -3.71
C PRO A 85 -34.79 26.98 -3.62
N LEU A 86 -34.87 26.08 -4.59
CA LEU A 86 -33.88 24.98 -4.70
C LEU A 86 -32.51 25.46 -5.12
N VAL A 87 -31.48 24.79 -4.62
CA VAL A 87 -30.13 25.00 -5.13
C VAL A 87 -29.77 23.77 -6.05
N PHE A 88 -29.22 24.04 -7.24
CA PHE A 88 -28.99 23.06 -8.29
C PHE A 88 -27.50 22.83 -8.36
N MET A 89 -27.10 21.57 -8.23
CA MET A 89 -25.69 21.21 -8.25
C MET A 89 -25.37 20.19 -9.36
N ALA A 90 -24.13 20.23 -9.87
CA ALA A 90 -23.82 19.36 -10.97
C ALA A 90 -22.30 18.98 -10.98
N ASP A 91 -22.04 17.96 -11.78
CA ASP A 91 -20.68 17.37 -11.98
C ASP A 91 -20.02 18.06 -13.14
N VAL A 92 -19.37 19.19 -12.90
CA VAL A 92 -18.63 19.87 -13.92
C VAL A 92 -17.14 19.80 -13.48
N ILE A 93 -16.50 18.78 -14.04
CA ILE A 93 -15.18 18.33 -13.58
C ILE A 93 -14.03 18.90 -14.39
N HIS A 94 -14.16 18.83 -15.66
CA HIS A 94 -13.16 19.49 -16.51
C HIS A 94 -13.83 20.04 -17.79
N GLY A 95 -14.90 20.78 -17.57
CA GLY A 95 -15.67 21.29 -18.67
C GLY A 95 -17.11 20.89 -18.63
N TYR A 96 -17.97 21.74 -19.19
CA TYR A 96 -19.34 21.48 -19.29
C TYR A 96 -19.67 20.89 -20.67
N LYS A 97 -19.94 21.75 -21.66
CA LYS A 97 -20.09 21.32 -23.05
C LYS A 97 -18.77 21.44 -23.83
N THR A 98 -18.00 22.50 -23.61
CA THR A 98 -16.65 22.55 -24.10
C THR A 98 -15.77 21.76 -23.09
N VAL A 99 -15.27 20.62 -23.54
CA VAL A 99 -14.59 19.70 -22.59
C VAL A 99 -13.09 20.02 -22.68
N PHE A 100 -12.48 20.31 -21.55
CA PHE A 100 -11.10 20.58 -21.44
C PHE A 100 -10.35 19.25 -21.12
N PRO A 101 -9.03 19.32 -21.13
CA PRO A 101 -8.30 18.07 -20.72
C PRO A 101 -8.76 17.61 -19.33
N ILE A 102 -8.75 16.27 -19.12
CA ILE A 102 -8.94 15.70 -17.78
C ILE A 102 -8.01 16.32 -16.72
N PRO A 103 -8.46 16.29 -15.44
CA PRO A 103 -7.69 17.01 -14.44
C PRO A 103 -6.23 16.54 -14.33
N LEU A 104 -5.98 15.25 -14.56
CA LEU A 104 -4.62 14.70 -14.43
C LEU A 104 -3.71 15.34 -15.47
N ALA A 105 -4.28 15.59 -16.60
CA ALA A 105 -3.61 16.21 -17.74
C ALA A 105 -3.41 17.68 -17.40
N LEU A 106 -4.41 18.33 -16.83
CA LEU A 106 -4.23 19.77 -16.42
C LEU A 106 -3.06 19.85 -15.38
N GLY A 107 -2.94 18.84 -14.53
CA GLY A 107 -1.82 18.81 -13.60
C GLY A 107 -0.49 18.89 -14.37
N CYS A 108 -0.38 18.08 -15.41
CA CYS A 108 0.84 18.07 -16.27
C CYS A 108 1.14 19.45 -16.97
N SER A 109 0.12 20.32 -17.08
CA SER A 109 0.33 21.66 -17.54
C SER A 109 1.33 22.53 -16.73
N PHE A 110 1.47 22.21 -15.44
CA PHE A 110 2.05 23.03 -14.45
C PHE A 110 1.73 24.52 -14.62
N ASP A 111 0.50 24.80 -15.04
CA ASP A 111 0.08 26.15 -15.44
C ASP A 111 -1.21 26.60 -14.76
N ARG A 112 -1.06 27.45 -13.77
CA ARG A 112 -2.12 27.90 -12.91
C ARG A 112 -3.19 28.62 -13.77
N GLU A 113 -2.76 29.45 -14.73
CA GLU A 113 -3.73 30.25 -15.55
C GLU A 113 -4.57 29.32 -16.47
N THR A 114 -3.97 28.26 -17.00
CA THR A 114 -4.69 27.28 -17.77
C THR A 114 -5.81 26.66 -16.91
N VAL A 115 -5.52 26.30 -15.66
CA VAL A 115 -6.54 25.73 -14.84
C VAL A 115 -7.63 26.73 -14.48
N ARG A 116 -7.24 27.97 -14.20
CA ARG A 116 -8.20 29.01 -13.87
C ARG A 116 -9.19 29.23 -15.03
N VAL A 117 -8.63 29.34 -16.23
CA VAL A 117 -9.44 29.52 -17.43
C VAL A 117 -10.40 28.36 -17.71
N MET A 118 -9.94 27.13 -17.51
CA MET A 118 -10.83 26.00 -17.68
C MET A 118 -12.05 26.15 -16.75
N ALA A 119 -11.76 26.52 -15.49
CA ALA A 119 -12.84 26.55 -14.48
C ALA A 119 -13.81 27.74 -14.84
N GLU A 120 -13.21 28.84 -15.29
CA GLU A 120 -14.04 29.99 -15.75
C GLU A 120 -14.95 29.68 -16.91
N VAL A 121 -14.42 29.03 -17.94
CA VAL A 121 -15.25 28.64 -19.10
C VAL A 121 -16.29 27.63 -18.61
N SER A 122 -15.89 26.71 -17.74
CA SER A 122 -16.87 25.69 -17.29
C SER A 122 -18.04 26.38 -16.59
N ALA A 123 -17.71 27.35 -15.73
CA ALA A 123 -18.78 28.10 -14.98
C ALA A 123 -19.67 28.90 -15.92
N LEU A 124 -19.04 29.55 -16.89
CA LEU A 124 -19.82 30.34 -17.91
C LEU A 124 -20.89 29.46 -18.51
N GLU A 125 -20.47 28.28 -18.98
CA GLU A 125 -21.40 27.36 -19.61
C GLU A 125 -22.39 26.72 -18.65
N ALA A 126 -21.89 26.31 -17.48
CA ALA A 126 -22.72 25.54 -16.51
C ALA A 126 -23.80 26.46 -15.96
N THR A 127 -23.41 27.68 -15.63
CA THR A 127 -24.44 28.68 -15.21
C THR A 127 -25.45 29.01 -16.29
N ALA A 128 -25.00 29.10 -17.52
CA ALA A 128 -25.92 29.25 -18.68
C ALA A 128 -26.97 28.13 -18.78
N ASP A 129 -26.65 26.92 -18.26
CA ASP A 129 -27.62 25.82 -18.25
C ASP A 129 -28.28 25.67 -16.88
N GLY A 130 -28.06 26.64 -16.01
CA GLY A 130 -28.82 26.75 -14.75
C GLY A 130 -28.24 26.07 -13.51
N HIS A 131 -27.00 25.62 -13.59
CA HIS A 131 -26.32 25.10 -12.42
C HIS A 131 -25.70 26.16 -11.51
N HIS A 132 -25.88 26.02 -10.19
CA HIS A 132 -25.35 26.91 -9.19
C HIS A 132 -24.05 26.37 -8.55
N VAL A 133 -23.89 25.05 -8.43
CA VAL A 133 -22.69 24.48 -7.75
C VAL A 133 -22.07 23.45 -8.64
N THR A 134 -20.73 23.39 -8.66
CA THR A 134 -20.06 22.23 -9.26
C THR A 134 -19.32 21.45 -8.24
N PHE A 135 -19.24 20.13 -8.48
CA PHE A 135 -18.56 19.19 -7.59
C PHE A 135 -17.10 19.06 -8.06
N SER A 136 -16.38 20.18 -7.94
CA SER A 136 -14.99 20.36 -8.37
C SER A 136 -14.42 21.54 -7.59
N PRO A 137 -13.13 21.54 -7.26
CA PRO A 137 -12.09 20.59 -7.60
C PRO A 137 -12.01 19.29 -6.73
N MET A 138 -11.47 18.23 -7.40
CA MET A 138 -11.09 16.95 -6.75
C MET A 138 -9.63 17.07 -6.36
N LEU A 139 -9.39 17.04 -5.05
CA LEU A 139 -8.08 17.36 -4.45
C LEU A 139 -7.49 16.22 -3.72
N ASP A 140 -7.89 15.00 -4.13
CA ASP A 140 -7.31 13.80 -3.54
C ASP A 140 -5.84 13.52 -4.02
N LEU A 141 -4.87 13.44 -3.11
CA LEU A 141 -3.55 13.05 -3.45
C LEU A 141 -3.59 11.59 -3.97
N VAL A 142 -2.85 11.35 -5.07
CA VAL A 142 -2.83 10.04 -5.72
C VAL A 142 -1.42 9.55 -5.91
N ARG A 143 -1.17 8.30 -5.46
CA ARG A 143 0.09 7.60 -5.66
C ARG A 143 -0.10 6.21 -6.27
N ASP A 144 -1.28 5.90 -6.77
CA ASP A 144 -1.69 4.52 -7.16
C ASP A 144 -2.54 4.60 -8.43
N PRO A 145 -1.87 4.50 -9.58
CA PRO A 145 -2.57 4.48 -10.87
C PRO A 145 -3.53 3.29 -11.20
N ARG A 146 -3.62 2.27 -10.35
CA ARG A 146 -4.65 1.25 -10.51
C ARG A 146 -6.01 1.95 -10.35
N TRP A 147 -6.10 2.95 -9.46
CA TRP A 147 -7.35 3.60 -9.13
C TRP A 147 -7.77 4.42 -10.34
N GLY A 148 -8.98 4.17 -10.83
CA GLY A 148 -9.47 4.89 -11.97
C GLY A 148 -9.68 6.37 -11.82
N ARG A 149 -9.92 6.78 -10.59
CA ARG A 149 -10.07 8.19 -10.24
C ARG A 149 -8.87 9.06 -10.21
N VAL A 150 -7.67 8.52 -10.51
CA VAL A 150 -6.49 9.34 -10.68
C VAL A 150 -6.74 10.43 -11.78
N MET A 151 -7.63 10.14 -12.76
CA MET A 151 -7.85 11.05 -13.87
C MET A 151 -8.47 12.39 -13.35
N GLU A 152 -9.06 12.34 -12.18
CA GLU A 152 -9.75 13.50 -11.55
C GLU A 152 -8.86 14.37 -10.67
N SER A 153 -7.65 13.89 -10.32
CA SER A 153 -6.70 14.60 -9.52
C SER A 153 -5.67 15.21 -10.40
N THR A 154 -4.87 16.17 -9.84
CA THR A 154 -3.75 16.70 -10.51
C THR A 154 -2.45 15.95 -10.15
N GLY A 155 -2.52 14.83 -9.43
CA GLY A 155 -1.30 13.97 -9.29
C GLY A 155 -0.78 13.71 -7.91
N GLU A 156 0.52 13.35 -7.83
CA GLU A 156 1.10 12.89 -6.64
C GLU A 156 1.73 13.97 -5.71
N ASP A 157 1.70 15.25 -6.06
CA ASP A 157 2.31 16.30 -5.27
C ASP A 157 1.33 17.19 -4.57
N PRO A 158 1.33 17.19 -3.24
CA PRO A 158 0.38 18.07 -2.55
C PRO A 158 0.54 19.58 -2.91
N PHE A 159 1.79 20.07 -3.10
CA PHE A 159 1.99 21.54 -3.51
C PHE A 159 1.37 21.86 -4.83
N LEU A 160 1.71 21.07 -5.88
CA LEU A 160 1.05 21.31 -7.15
C LEU A 160 -0.48 21.22 -6.97
N ASN A 161 -0.93 20.17 -6.31
CA ASN A 161 -2.39 20.01 -6.20
C ASN A 161 -2.99 21.22 -5.48
N SER A 162 -2.29 21.66 -4.44
CA SER A 162 -2.75 22.86 -3.69
C SER A 162 -2.90 24.12 -4.59
N GLU A 163 -1.88 24.34 -5.40
CA GLU A 163 -1.79 25.53 -6.25
C GLU A 163 -2.84 25.43 -7.33
N LEU A 164 -2.97 24.30 -8.01
CA LEU A 164 -4.01 24.23 -9.08
C LEU A 164 -5.41 24.18 -8.50
N GLY A 165 -5.56 23.63 -7.28
CA GLY A 165 -6.86 23.62 -6.67
C GLY A 165 -7.35 25.07 -6.42
N LYS A 166 -6.47 25.90 -5.91
CA LYS A 166 -6.82 27.31 -5.73
C LYS A 166 -7.17 28.00 -7.04
N ALA A 167 -6.37 27.73 -8.07
CA ALA A 167 -6.64 28.23 -9.41
C ALA A 167 -8.05 27.83 -9.92
N MET A 168 -8.49 26.57 -9.72
CA MET A 168 -9.85 26.15 -10.10
C MET A 168 -10.96 26.88 -9.36
N VAL A 169 -10.82 26.94 -8.03
CA VAL A 169 -11.75 27.68 -7.16
C VAL A 169 -11.90 29.11 -7.63
N ASP A 170 -10.76 29.80 -7.81
CA ASP A 170 -10.72 31.19 -8.29
C ASP A 170 -11.48 31.25 -9.67
N GLY A 171 -11.20 30.25 -10.54
CA GLY A 171 -11.83 30.24 -11.88
C GLY A 171 -13.34 30.05 -11.82
N TYR A 172 -13.83 29.13 -10.97
CA TYR A 172 -15.32 28.84 -10.87
C TYR A 172 -16.05 29.99 -10.17
N GLN A 173 -15.46 30.50 -9.09
CA GLN A 173 -16.16 31.39 -8.15
C GLN A 173 -15.94 32.87 -8.36
N GLY A 174 -14.77 33.22 -8.87
CA GLY A 174 -14.29 34.59 -8.79
C GLY A 174 -14.23 35.07 -7.37
N ASP A 175 -14.66 36.30 -7.15
CA ASP A 175 -14.76 36.83 -5.82
C ASP A 175 -15.99 36.20 -5.20
N ALA A 176 -15.76 35.29 -4.28
CA ALA A 176 -16.84 34.49 -3.70
C ALA A 176 -17.89 35.29 -2.94
N SER A 177 -17.55 36.46 -2.42
CA SER A 177 -18.52 37.32 -1.72
C SER A 177 -19.48 38.02 -2.68
N LYS A 178 -19.26 37.91 -3.99
CA LYS A 178 -20.13 38.49 -4.96
C LYS A 178 -20.85 37.46 -5.85
N LEU A 179 -21.03 36.25 -5.35
CA LEU A 179 -21.75 35.22 -6.13
C LEU A 179 -23.21 35.50 -6.28
N ASN A 180 -23.69 36.50 -5.55
CA ASN A 180 -25.10 36.93 -5.76
C ASN A 180 -25.22 37.89 -6.92
N GLU A 181 -24.10 38.41 -7.37
CA GLU A 181 -24.00 39.39 -8.45
C GLU A 181 -23.42 38.87 -9.71
N ASN A 182 -22.40 38.02 -9.60
CA ASN A 182 -21.68 37.54 -10.78
C ASN A 182 -22.26 36.20 -11.13
N LEU A 183 -23.32 36.23 -11.93
CA LEU A 183 -24.12 35.02 -12.27
C LEU A 183 -23.57 34.14 -13.40
N GLU A 184 -22.36 34.47 -13.87
CA GLU A 184 -21.58 33.56 -14.74
C GLU A 184 -20.53 32.74 -13.99
N GLN A 185 -20.28 33.08 -12.72
CA GLN A 185 -19.48 32.27 -11.78
C GLN A 185 -20.42 31.43 -10.97
N MET A 186 -19.90 30.37 -10.35
CA MET A 186 -20.70 29.41 -9.58
C MET A 186 -19.93 28.95 -8.33
N ALA A 187 -20.61 28.33 -7.39
CA ALA A 187 -19.95 27.87 -6.19
C ALA A 187 -19.15 26.63 -6.53
N ALA A 188 -18.00 26.49 -5.88
CA ALA A 188 -17.23 25.29 -5.96
C ALA A 188 -17.43 24.42 -4.72
N CYS A 189 -17.22 23.10 -4.92
CA CYS A 189 -17.27 22.12 -3.87
C CYS A 189 -16.04 21.25 -3.89
N VAL A 190 -15.20 21.49 -2.91
CA VAL A 190 -14.02 20.64 -2.67
C VAL A 190 -14.39 19.21 -2.43
N LYS A 191 -13.64 18.26 -3.02
CA LYS A 191 -13.95 16.84 -2.77
C LYS A 191 -12.63 16.05 -2.79
N HIS A 192 -12.60 14.85 -2.26
CA HIS A 192 -13.58 14.22 -1.40
C HIS A 192 -12.84 14.18 -0.03
N PHE A 193 -13.51 14.70 0.97
CA PHE A 193 -12.87 14.86 2.27
C PHE A 193 -13.05 13.58 3.05
N ALA A 194 -11.99 12.79 3.34
CA ALA A 194 -10.64 13.05 2.97
C ALA A 194 -9.92 11.76 2.62
N ALA A 195 -8.94 11.89 1.74
CA ALA A 195 -7.85 10.92 1.53
C ALA A 195 -8.32 9.70 0.76
N TYR A 196 -9.32 9.92 -0.05
CA TYR A 196 -9.94 8.88 -0.84
C TYR A 196 -8.98 8.21 -1.84
N GLY A 197 -8.00 8.95 -2.37
CA GLY A 197 -7.08 8.39 -3.37
C GLY A 197 -6.10 7.38 -2.80
N ALA A 198 -6.11 7.17 -1.48
CA ALA A 198 -5.15 6.19 -0.89
C ALA A 198 -5.79 4.78 -0.82
N ALA A 199 -6.91 4.60 -1.50
CA ALA A 199 -7.60 3.32 -1.55
C ALA A 199 -6.60 2.17 -1.70
N GLU A 200 -6.70 1.22 -0.77
CA GLU A 200 -5.79 0.10 -0.77
C GLU A 200 -5.93 -0.73 -2.07
N ALA A 201 -4.76 -1.09 -2.61
CA ALA A 201 -4.55 -1.90 -3.84
C ALA A 201 -5.25 -1.28 -5.07
N GLY A 202 -5.42 0.06 -5.04
CA GLY A 202 -6.16 0.85 -6.01
C GLY A 202 -7.58 0.40 -6.30
N LEU A 203 -8.18 -0.31 -5.35
CA LEU A 203 -9.53 -0.87 -5.52
C LEU A 203 -10.60 0.13 -5.13
N GLU A 204 -11.53 0.33 -6.04
CA GLU A 204 -12.57 1.40 -5.75
C GLU A 204 -13.21 1.25 -4.40
N TYR A 205 -13.32 2.37 -3.67
CA TYR A 205 -14.01 2.49 -2.36
C TYR A 205 -13.31 1.77 -1.24
N ASN A 206 -12.13 1.21 -1.51
CA ASN A 206 -11.53 0.31 -0.56
C ASN A 206 -10.87 1.06 0.62
N THR A 207 -10.58 0.29 1.66
CA THR A 207 -9.86 0.83 2.87
C THR A 207 -8.74 1.83 2.58
N VAL A 208 -8.72 2.91 3.37
CA VAL A 208 -7.66 3.91 3.42
C VAL A 208 -7.13 3.89 4.86
N ASN A 209 -5.83 3.80 5.00
CA ASN A 209 -5.22 3.94 6.36
C ASN A 209 -3.85 4.56 6.27
N MET A 210 -3.62 5.54 7.11
CA MET A 210 -2.35 6.24 7.23
C MET A 210 -2.30 6.87 8.63
N SER A 211 -1.11 7.21 9.05
CA SER A 211 -1.00 7.88 10.33
C SER A 211 -1.66 9.29 10.24
N THR A 212 -2.17 9.74 11.39
CA THR A 212 -2.66 11.11 11.47
C THR A 212 -1.63 12.16 10.96
N ARG A 213 -0.34 11.92 11.29
CA ARG A 213 0.71 12.83 10.88
C ARG A 213 0.85 12.90 9.37
N GLU A 214 0.81 11.75 8.72
CA GLU A 214 0.81 11.64 7.27
C GLU A 214 -0.46 12.30 6.64
N LEU A 215 -1.60 12.00 7.19
CA LEU A 215 -2.83 12.70 6.80
C LEU A 215 -2.60 14.22 6.79
N TYR A 216 -2.16 14.81 7.87
CA TYR A 216 -1.87 16.24 7.81
C TYR A 216 -0.76 16.64 6.84
N GLN A 217 0.35 15.88 6.82
CA GLN A 217 1.48 16.26 6.02
C GLN A 217 1.24 16.34 4.53
N ASN A 218 0.58 15.29 3.99
CA ASN A 218 0.42 15.07 2.52
C ASN A 218 -1.01 15.05 2.02
N TYR A 219 -1.96 14.62 2.87
CA TYR A 219 -3.29 14.36 2.34
C TYR A 219 -4.27 15.49 2.54
N LEU A 220 -4.09 16.35 3.55
CA LEU A 220 -5.02 17.44 3.80
C LEU A 220 -4.63 18.78 3.16
N PRO A 221 -3.32 18.98 2.85
CA PRO A 221 -3.00 20.36 2.47
C PRO A 221 -3.84 20.91 1.27
N ALA A 222 -4.05 20.15 0.20
CA ALA A 222 -4.80 20.75 -0.94
C ALA A 222 -6.21 21.09 -0.57
N TYR A 223 -6.89 20.24 0.20
CA TYR A 223 -8.30 20.58 0.60
C TYR A 223 -8.22 21.93 1.32
N ASN A 224 -7.26 22.04 2.25
CA ASN A 224 -7.11 23.23 3.07
C ASN A 224 -6.90 24.48 2.23
N ALA A 225 -6.01 24.40 1.25
CA ALA A 225 -5.72 25.54 0.38
C ALA A 225 -7.01 25.98 -0.31
N ALA A 226 -7.81 25.03 -0.78
CA ALA A 226 -9.00 25.40 -1.49
C ALA A 226 -10.05 25.97 -0.55
N ILE A 227 -10.09 25.45 0.67
CA ILE A 227 -11.07 25.99 1.67
C ILE A 227 -10.62 27.44 1.98
N GLN A 228 -9.32 27.63 2.23
CA GLN A 228 -8.79 28.98 2.60
C GLN A 228 -9.03 30.00 1.46
N ALA A 229 -8.98 29.54 0.22
CA ALA A 229 -9.22 30.36 -0.92
C ALA A 229 -10.71 30.68 -1.09
N GLY A 230 -11.60 30.14 -0.25
CA GLY A 230 -13.05 30.50 -0.35
C GLY A 230 -14.00 29.49 -0.93
N ALA A 231 -13.55 28.24 -1.19
CA ALA A 231 -14.48 27.24 -1.71
C ALA A 231 -15.76 27.16 -0.91
N LYS A 232 -16.93 27.24 -1.55
CA LYS A 232 -18.15 27.34 -0.80
C LYS A 232 -18.61 26.08 -0.11
N LEU A 233 -18.41 24.91 -0.75
CA LEU A 233 -18.89 23.63 -0.18
C LEU A 233 -17.74 22.65 -0.03
N VAL A 234 -17.96 21.66 0.79
CA VAL A 234 -17.09 20.49 0.87
C VAL A 234 -17.90 19.25 0.75
N MET A 235 -17.35 18.19 0.14
CA MET A 235 -18.10 16.90 -0.04
C MET A 235 -17.41 15.77 0.76
N THR A 236 -18.15 14.93 1.48
CA THR A 236 -17.51 13.83 2.25
C THR A 236 -16.96 12.67 1.33
N ALA A 237 -16.01 11.84 1.85
CA ALA A 237 -15.45 10.82 1.05
C ALA A 237 -16.20 9.51 1.36
N PHE A 238 -16.26 8.60 0.38
CA PHE A 238 -16.66 7.23 0.61
C PHE A 238 -15.85 6.32 1.57
N ASN A 239 -14.60 6.64 1.75
CA ASN A 239 -13.63 5.72 2.44
C ASN A 239 -13.70 5.94 3.94
N VAL A 240 -13.20 4.94 4.64
CA VAL A 240 -12.83 5.13 6.07
C VAL A 240 -11.62 6.06 6.18
N VAL A 241 -11.54 6.87 7.24
CA VAL A 241 -10.40 7.63 7.69
C VAL A 241 -10.13 7.12 9.05
N ASP A 242 -8.97 6.49 9.20
CA ASP A 242 -8.62 5.74 10.42
C ASP A 242 -9.77 4.94 11.03
N GLY A 243 -10.37 4.09 10.18
CA GLY A 243 -11.42 3.20 10.64
C GLY A 243 -12.85 3.70 10.68
N ILE A 244 -13.05 4.98 10.51
CA ILE A 244 -14.41 5.56 10.58
C ILE A 244 -14.71 6.18 9.26
N PRO A 245 -15.80 5.68 8.63
CA PRO A 245 -16.23 6.31 7.35
C PRO A 245 -16.24 7.86 7.45
N ALA A 246 -15.64 8.53 6.49
CA ALA A 246 -15.43 9.94 6.57
C ALA A 246 -16.79 10.69 6.88
N THR A 247 -17.86 10.23 6.27
CA THR A 247 -19.22 10.89 6.32
C THR A 247 -19.71 11.03 7.77
N MET A 248 -19.38 10.04 8.58
CA MET A 248 -19.79 10.11 10.02
C MET A 248 -18.57 10.21 10.95
N ASN A 249 -17.47 10.73 10.43
CA ASN A 249 -16.29 10.89 11.21
C ASN A 249 -16.21 12.31 11.88
N LYS A 250 -16.52 12.31 13.21
CA LYS A 250 -16.82 13.52 13.91
C LYS A 250 -15.54 14.25 14.07
N TRP A 251 -14.47 13.58 14.40
CA TRP A 251 -13.19 14.26 14.50
C TRP A 251 -12.80 14.95 13.18
N LEU A 252 -12.96 14.24 12.07
CA LEU A 252 -12.58 14.78 10.79
C LEU A 252 -13.34 15.99 10.40
N ASN A 253 -14.66 15.90 10.59
CA ASN A 253 -15.55 16.88 10.02
C ASN A 253 -15.83 18.04 10.99
N ARG A 254 -15.99 17.74 12.29
CA ARG A 254 -16.16 18.78 13.34
C ARG A 254 -14.83 19.39 13.73
N ASP A 255 -13.88 18.57 14.18
CA ASP A 255 -12.64 19.10 14.75
C ASP A 255 -11.73 19.68 13.68
N VAL A 256 -11.48 18.88 12.64
CA VAL A 256 -10.53 19.29 11.57
C VAL A 256 -11.16 20.26 10.57
N LEU A 257 -12.23 19.84 9.88
CA LEU A 257 -12.78 20.65 8.84
C LEU A 257 -13.46 21.92 9.34
N ARG A 258 -14.37 21.79 10.26
CA ARG A 258 -15.01 23.01 10.82
C ARG A 258 -14.22 23.77 11.86
N GLY A 259 -13.45 23.08 12.67
CA GLY A 259 -12.64 23.71 13.70
C GLY A 259 -11.33 24.27 13.17
N GLU A 260 -10.40 23.39 12.82
CA GLU A 260 -9.07 23.85 12.41
C GLU A 260 -9.06 24.60 11.09
N MET A 261 -9.81 24.11 10.10
CA MET A 261 -9.80 24.71 8.78
C MET A 261 -10.85 25.83 8.68
N GLU A 262 -11.59 25.99 9.76
CA GLU A 262 -12.63 27.04 9.92
C GLU A 262 -13.68 27.06 8.80
N PHE A 263 -14.08 25.89 8.30
CA PHE A 263 -15.05 25.80 7.16
C PHE A 263 -16.44 25.93 7.74
N ASP A 264 -17.23 26.88 7.24
CA ASP A 264 -18.55 27.16 7.80
C ASP A 264 -19.65 27.08 6.71
N GLY A 265 -19.40 26.31 5.64
CA GLY A 265 -20.33 26.12 4.56
C GLY A 265 -20.95 24.76 4.61
N VAL A 266 -21.68 24.46 3.56
CA VAL A 266 -22.44 23.23 3.47
C VAL A 266 -21.43 22.09 3.29
N LEU A 267 -21.56 21.10 4.14
CA LEU A 267 -20.94 19.75 3.98
C LEU A 267 -21.99 18.80 3.35
N ILE A 268 -21.76 18.41 2.09
CA ILE A 268 -22.70 17.54 1.33
C ILE A 268 -22.07 16.15 1.33
N SER A 269 -22.89 15.11 1.52
CA SER A 269 -22.48 13.74 1.34
C SER A 269 -22.11 13.46 -0.06
N ASP A 270 -21.16 12.54 -0.25
CA ASP A 270 -21.04 11.91 -1.57
C ASP A 270 -22.31 11.07 -1.82
N TRP A 271 -22.48 10.47 -2.99
CA TRP A 271 -23.71 9.79 -3.32
C TRP A 271 -24.03 8.53 -2.46
N GLY A 272 -25.14 8.58 -1.71
CA GLY A 272 -25.48 7.50 -0.82
C GLY A 272 -24.57 7.30 0.37
N ALA A 273 -23.56 8.15 0.56
CA ALA A 273 -22.51 7.90 1.55
C ALA A 273 -23.08 7.91 3.01
N VAL A 274 -24.19 8.64 3.21
CA VAL A 274 -24.87 8.62 4.54
C VAL A 274 -25.38 7.18 4.79
N ALA A 275 -26.18 6.60 3.87
CA ALA A 275 -26.76 5.23 3.97
C ALA A 275 -25.66 4.13 4.01
N GLU A 276 -24.59 4.40 3.30
CA GLU A 276 -23.47 3.41 3.15
C GLU A 276 -22.63 3.27 4.39
N VAL A 277 -22.77 4.18 5.38
CA VAL A 277 -22.04 3.92 6.68
C VAL A 277 -22.54 2.62 7.31
N ILE A 278 -23.80 2.25 7.01
CA ILE A 278 -24.33 0.94 7.36
C ILE A 278 -23.53 -0.20 6.78
N ASN A 279 -23.20 -0.09 5.47
CA ASN A 279 -22.45 -1.15 4.84
C ASN A 279 -21.05 -1.28 5.45
N HIS A 280 -20.43 -0.15 5.82
CA HIS A 280 -19.09 -0.14 6.39
C HIS A 280 -19.14 -0.73 7.78
N GLY A 281 -20.33 -0.91 8.37
CA GLY A 281 -20.39 -1.61 9.68
C GLY A 281 -20.16 -0.67 10.90
N THR A 282 -20.47 0.63 10.70
CA THR A 282 -20.28 1.64 11.75
C THR A 282 -21.68 2.34 12.07
N ALA A 283 -22.73 1.75 11.55
CA ALA A 283 -24.13 2.17 11.93
C ALA A 283 -25.01 0.98 11.69
N ARG A 284 -25.92 0.69 12.62
CA ARG A 284 -26.65 -0.59 12.55
C ARG A 284 -27.80 -0.48 11.54
N ASN A 285 -28.24 0.70 11.32
CA ASN A 285 -29.52 0.93 10.56
C ASN A 285 -29.57 2.38 10.10
N PRO A 286 -30.64 2.77 9.38
CA PRO A 286 -30.71 4.18 8.95
C PRO A 286 -30.88 5.22 10.05
N LYS A 287 -31.47 4.79 11.18
CA LYS A 287 -31.62 5.65 12.33
C LYS A 287 -30.25 5.98 12.87
N GLU A 288 -29.35 5.03 12.97
CA GLU A 288 -28.01 5.38 13.46
C GLU A 288 -27.22 6.18 12.42
N ALA A 289 -27.25 5.76 11.17
CA ALA A 289 -26.56 6.51 10.06
C ALA A 289 -26.93 8.01 10.06
N ALA A 290 -28.24 8.30 10.27
CA ALA A 290 -28.68 9.66 10.36
C ALA A 290 -28.11 10.37 11.58
N GLN A 291 -28.18 9.72 12.70
CA GLN A 291 -27.68 10.34 13.94
C GLN A 291 -26.25 10.70 13.77
N PHE A 292 -25.46 9.70 13.39
CA PHE A 292 -24.03 9.90 13.39
C PHE A 292 -23.58 10.91 12.31
N SER A 293 -24.28 10.93 11.17
CA SER A 293 -23.90 11.85 10.08
C SER A 293 -24.29 13.25 10.51
N MET A 294 -25.42 13.43 11.23
CA MET A 294 -25.76 14.75 11.67
C MET A 294 -24.79 15.21 12.82
N GLU A 295 -24.45 14.34 13.74
CA GLU A 295 -23.47 14.71 14.72
C GLU A 295 -22.10 15.12 14.14
N ALA A 296 -21.71 14.47 13.06
CA ALA A 296 -20.48 14.81 12.32
C ALA A 296 -20.60 16.06 11.46
N GLY A 297 -21.83 16.61 11.30
CA GLY A 297 -21.95 17.91 10.66
C GLY A 297 -22.25 17.87 9.15
N VAL A 298 -22.72 16.74 8.64
CA VAL A 298 -23.15 16.64 7.24
C VAL A 298 -24.50 17.34 7.13
N ASP A 299 -24.56 18.27 6.23
CA ASP A 299 -25.75 19.15 6.09
C ASP A 299 -26.71 18.71 5.04
N LEU A 300 -26.26 17.88 4.10
CA LEU A 300 -27.07 17.62 2.93
C LEU A 300 -26.83 16.18 2.46
N GLU A 301 -27.88 15.39 2.50
CA GLU A 301 -27.82 13.99 2.16
C GLU A 301 -28.08 13.81 0.68
N MET A 302 -27.06 13.28 -0.05
CA MET A 302 -27.22 13.08 -1.49
C MET A 302 -27.94 11.79 -1.90
N MET A 303 -29.24 11.94 -2.27
CA MET A 303 -30.00 10.81 -2.78
C MET A 303 -30.19 9.51 -1.95
N THR A 304 -30.07 9.63 -0.64
CA THR A 304 -30.61 8.59 0.24
C THR A 304 -31.50 9.27 1.27
N THR A 305 -32.17 8.43 2.10
CA THR A 305 -33.31 8.90 2.82
C THR A 305 -33.17 8.76 4.32
N CYS A 306 -31.92 8.68 4.83
CA CYS A 306 -31.76 8.45 6.21
C CYS A 306 -32.32 9.65 6.98
N TYR A 307 -31.95 10.85 6.53
CA TYR A 307 -32.38 12.04 7.24
C TYR A 307 -33.89 12.17 7.20
N ILE A 308 -34.41 12.07 5.98
CA ILE A 308 -35.82 12.43 5.75
C ILE A 308 -36.73 11.46 6.54
N HIS A 309 -36.34 10.18 6.72
CA HIS A 309 -37.15 9.17 7.41
C HIS A 309 -36.87 9.05 8.95
N GLU A 310 -35.70 9.45 9.42
CA GLU A 310 -35.26 9.22 10.82
C GLU A 310 -35.02 10.44 11.71
N LEU A 311 -34.78 11.61 11.16
CA LEU A 311 -34.45 12.73 12.02
C LEU A 311 -35.55 13.18 12.99
N LYS A 312 -36.79 13.15 12.53
CA LYS A 312 -37.91 13.67 13.36
C LYS A 312 -37.94 12.88 14.64
N GLY A 313 -37.90 11.57 14.50
CA GLY A 313 -37.88 10.62 15.61
C GLY A 313 -36.65 10.74 16.53
N LEU A 314 -35.45 10.92 15.95
CA LEU A 314 -34.23 11.20 16.74
C LEU A 314 -34.36 12.51 17.50
N ILE A 315 -35.07 13.48 16.95
CA ILE A 315 -35.18 14.77 17.60
C ILE A 315 -36.27 14.69 18.69
N GLU A 316 -37.42 14.12 18.33
CA GLU A 316 -38.53 13.92 19.28
C GLU A 316 -38.15 13.10 20.52
N GLU A 317 -37.38 12.02 20.32
CA GLU A 317 -36.77 11.22 21.39
C GLU A 317 -35.58 11.92 22.10
N GLY A 318 -35.07 13.04 21.66
CA GLY A 318 -33.93 13.59 22.42
C GLY A 318 -32.57 12.87 22.24
N LYS A 319 -32.44 12.08 21.19
CA LYS A 319 -31.10 11.44 20.92
C LYS A 319 -30.22 12.42 20.14
N LEU A 320 -30.89 13.38 19.52
CA LEU A 320 -30.29 14.38 18.67
C LEU A 320 -30.88 15.73 18.94
N SER A 321 -30.03 16.73 19.13
CA SER A 321 -30.49 18.05 19.36
C SER A 321 -31.00 18.71 18.12
N GLU A 322 -32.15 19.38 18.22
CA GLU A 322 -32.65 20.18 17.11
C GLU A 322 -31.70 21.36 16.74
N ASN A 323 -30.81 21.78 17.65
CA ASN A 323 -29.85 22.79 17.31
C ASN A 323 -28.92 22.33 16.16
N LEU A 324 -28.55 21.06 16.09
CA LEU A 324 -27.63 20.60 15.00
C LEU A 324 -28.38 20.72 13.67
N LEU A 325 -29.65 20.36 13.65
CA LEU A 325 -30.49 20.54 12.48
C LEU A 325 -30.65 21.99 12.09
N ASP A 326 -30.88 22.89 13.03
CA ASP A 326 -30.93 24.29 12.70
C ASP A 326 -29.63 24.88 12.13
N GLU A 327 -28.51 24.38 12.62
CA GLU A 327 -27.24 24.84 12.10
C GLU A 327 -27.11 24.42 10.64
N ALA A 328 -27.45 23.18 10.31
CA ALA A 328 -27.43 22.64 8.93
C ALA A 328 -28.32 23.47 7.99
N VAL A 329 -29.53 23.76 8.47
CA VAL A 329 -30.53 24.45 7.64
C VAL A 329 -30.01 25.86 7.40
N LEU A 330 -29.42 26.51 8.44
CA LEU A 330 -28.86 27.82 8.25
C LEU A 330 -27.74 27.81 7.24
N ARG A 331 -26.84 26.83 7.31
CA ARG A 331 -25.83 26.80 6.25
C ARG A 331 -26.41 26.63 4.86
N MET A 332 -27.43 25.79 4.73
CA MET A 332 -28.09 25.57 3.43
C MET A 332 -28.69 26.88 2.95
N LEU A 333 -29.46 27.56 3.82
CA LEU A 333 -30.01 28.92 3.44
C LEU A 333 -28.91 29.95 3.19
N ASN A 334 -27.82 29.98 3.97
CA ASN A 334 -26.76 30.93 3.67
C ASN A 334 -26.20 30.68 2.29
N LEU A 335 -26.06 29.41 1.90
CA LEU A 335 -25.57 29.11 0.54
C LEU A 335 -26.48 29.72 -0.51
N LYS A 336 -27.76 29.51 -0.33
CA LYS A 336 -28.76 29.98 -1.28
C LYS A 336 -28.71 31.47 -1.33
N ASN A 337 -28.56 32.11 -0.16
CA ASN A 337 -28.41 33.58 -0.10
C ASN A 337 -27.15 34.09 -0.76
N ASP A 338 -26.01 33.37 -0.59
CA ASP A 338 -24.77 33.72 -1.27
C ASP A 338 -24.84 33.67 -2.83
N LEU A 339 -25.71 32.83 -3.33
CA LEU A 339 -25.95 32.65 -4.76
C LEU A 339 -27.02 33.62 -5.28
N GLY A 340 -27.65 34.35 -4.36
CA GLY A 340 -28.65 35.38 -4.77
C GLY A 340 -30.00 34.82 -5.04
N LEU A 341 -30.22 33.59 -4.60
CA LEU A 341 -31.42 32.89 -4.95
C LEU A 341 -32.69 33.46 -4.38
N PHE A 342 -32.57 34.20 -3.27
CA PHE A 342 -33.78 34.84 -2.67
C PHE A 342 -34.26 36.08 -3.42
N GLU A 343 -33.35 36.70 -4.17
CA GLU A 343 -33.70 37.83 -5.05
C GLU A 343 -33.97 37.32 -6.45
N ASP A 344 -33.11 36.43 -6.96
CA ASP A 344 -33.37 35.76 -8.26
C ASP A 344 -33.19 34.23 -8.21
N PRO A 345 -34.29 33.50 -7.99
CA PRO A 345 -34.18 32.05 -7.89
C PRO A 345 -33.72 31.34 -9.20
N TYR A 346 -33.74 32.05 -10.33
CA TYR A 346 -33.38 31.47 -11.62
C TYR A 346 -32.00 31.85 -12.04
N ARG A 347 -31.26 32.55 -11.16
CA ARG A 347 -29.90 32.95 -11.39
C ARG A 347 -29.59 33.40 -12.81
N GLY A 348 -30.35 34.41 -13.25
CA GLY A 348 -29.98 35.14 -14.49
C GLY A 348 -30.61 34.66 -15.79
N LEU A 349 -31.37 33.55 -15.72
CA LEU A 349 -31.86 32.86 -16.90
C LEU A 349 -33.29 33.20 -17.24
N LYS A 350 -34.07 33.67 -16.27
CA LYS A 350 -35.54 33.62 -16.41
C LYS A 350 -35.98 34.44 -17.59
N ASN A 351 -35.34 35.60 -17.80
CA ASN A 351 -35.55 36.45 -19.00
C ASN A 351 -34.29 36.68 -19.85
N ASN A 352 -33.42 35.67 -19.93
CA ASN A 352 -32.13 35.82 -20.56
C ASN A 352 -31.63 34.42 -20.92
N ASP A 353 -31.96 33.98 -22.13
CA ASP A 353 -31.43 32.72 -22.65
C ASP A 353 -29.95 32.93 -22.94
N ARG A 354 -29.10 32.12 -22.31
CA ARG A 354 -27.65 32.20 -22.50
C ARG A 354 -27.09 30.97 -23.30
N THR A 355 -27.92 30.30 -24.10
CA THR A 355 -27.44 29.34 -25.14
C THR A 355 -26.24 29.89 -25.89
N LYS A 356 -26.27 31.20 -26.17
CA LYS A 356 -25.20 31.87 -26.89
C LYS A 356 -23.78 31.63 -26.23
N ASP A 357 -23.75 31.42 -24.93
CA ASP A 357 -22.52 31.34 -24.21
C ASP A 357 -21.93 29.93 -24.21
N ILE A 358 -22.62 28.97 -24.83
CA ILE A 358 -22.26 27.55 -24.75
C ILE A 358 -21.53 27.09 -26.02
N LEU A 359 -20.36 26.48 -25.85
CA LEU A 359 -19.61 25.92 -26.95
C LEU A 359 -19.25 27.00 -27.99
N THR A 360 -18.75 28.14 -27.51
CA THR A 360 -18.27 29.21 -28.39
C THR A 360 -16.98 28.78 -29.02
N ASP A 361 -16.65 29.33 -30.19
CA ASP A 361 -15.30 29.16 -30.76
C ASP A 361 -14.22 29.71 -29.83
N GLU A 362 -14.47 30.84 -29.17
CA GLU A 362 -13.50 31.36 -28.19
C GLU A 362 -13.20 30.29 -27.10
N SER A 363 -14.24 29.66 -26.63
CA SER A 363 -14.10 28.65 -25.58
C SER A 363 -13.42 27.42 -26.17
N ARG A 364 -13.81 27.01 -27.36
CA ARG A 364 -13.02 25.92 -28.05
C ARG A 364 -11.50 26.21 -28.20
N GLY A 365 -11.09 27.45 -28.49
CA GLY A 365 -9.68 27.86 -28.50
C GLY A 365 -8.99 27.72 -27.17
N LYS A 366 -9.71 28.13 -26.11
CA LYS A 366 -9.17 27.98 -24.74
C LYS A 366 -8.95 26.47 -24.39
N ALA A 367 -9.88 25.63 -24.76
CA ALA A 367 -9.79 24.13 -24.63
C ALA A 367 -8.62 23.54 -25.45
N ARG A 368 -8.45 23.97 -26.70
CA ARG A 368 -7.22 23.63 -27.46
C ARG A 368 -5.97 24.07 -26.83
N ALA A 369 -5.92 25.31 -26.33
CA ALA A 369 -4.75 25.81 -25.73
C ALA A 369 -4.45 25.02 -24.45
N ALA A 370 -5.51 24.71 -23.70
CA ALA A 370 -5.31 23.84 -22.51
C ALA A 370 -4.74 22.47 -22.90
N GLY A 371 -5.23 21.86 -23.97
CA GLY A 371 -4.70 20.55 -24.46
C GLY A 371 -3.24 20.63 -24.82
N VAL A 372 -2.81 21.68 -25.56
CA VAL A 372 -1.37 21.79 -25.89
C VAL A 372 -0.44 22.20 -24.75
N GLU A 373 -1.01 22.76 -23.65
CA GLU A 373 -0.25 23.01 -22.43
C GLU A 373 -0.02 21.73 -21.60
N SER A 374 -0.91 20.78 -21.79
CA SER A 374 -1.05 19.63 -20.88
C SER A 374 -0.39 18.33 -21.40
N ALA A 375 -0.22 18.18 -22.74
CA ALA A 375 0.36 16.95 -23.30
C ALA A 375 1.79 16.90 -22.83
N VAL A 376 2.28 15.70 -22.75
CA VAL A 376 3.67 15.47 -22.28
C VAL A 376 4.39 14.69 -23.34
N LEU A 377 5.47 15.28 -23.88
CA LEU A 377 6.35 14.62 -24.80
C LEU A 377 7.31 13.78 -24.01
N LEU A 378 7.24 12.47 -24.19
CA LEU A 378 8.03 11.49 -23.37
C LEU A 378 9.25 11.00 -24.07
N GLU A 379 9.18 10.87 -25.38
CA GLU A 379 10.37 10.46 -26.19
C GLU A 379 10.33 11.15 -27.53
N ASN A 380 11.51 11.45 -28.05
CA ASN A 380 11.63 12.13 -29.38
C ASN A 380 13.02 11.87 -29.85
N LYS A 381 13.19 10.66 -30.30
CA LYS A 381 14.49 10.16 -30.77
C LYS A 381 14.79 10.65 -32.20
N SER A 382 15.94 11.27 -32.40
CA SER A 382 16.31 11.80 -33.75
C SER A 382 15.45 12.94 -34.33
N ARG A 383 14.77 13.72 -33.51
CA ARG A 383 13.92 14.80 -34.05
C ARG A 383 13.00 14.27 -35.11
N LEU A 384 12.44 13.11 -34.82
CA LEU A 384 11.32 12.68 -35.60
C LEU A 384 10.28 13.84 -35.55
N LEU A 385 9.98 14.31 -34.36
CA LEU A 385 8.98 15.38 -34.22
C LEU A 385 9.71 16.73 -34.08
N PRO A 386 9.12 17.84 -34.56
CA PRO A 386 7.84 17.90 -35.28
C PRO A 386 7.93 17.35 -36.74
N LEU A 387 6.79 16.86 -37.20
CA LEU A 387 6.64 16.38 -38.55
C LEU A 387 6.44 17.60 -39.51
N ALA A 388 7.01 17.56 -40.69
CA ALA A 388 6.65 18.58 -41.70
C ALA A 388 5.22 18.36 -42.17
N LYS A 389 4.64 19.46 -42.65
CA LYS A 389 3.30 19.39 -43.14
C LYS A 389 3.15 18.58 -44.35
N GLU A 390 4.23 18.32 -45.08
CA GLU A 390 4.10 17.43 -46.24
C GLU A 390 4.43 15.94 -45.93
N ALA A 391 4.67 15.61 -44.66
CA ALA A 391 4.93 14.22 -44.30
C ALA A 391 3.75 13.36 -44.66
N LYS A 392 4.06 12.20 -45.20
CA LYS A 392 3.06 11.27 -45.62
C LYS A 392 2.85 10.35 -44.41
N ILE A 393 1.65 10.47 -43.83
CA ILE A 393 1.27 9.81 -42.53
C ILE A 393 0.40 8.56 -42.72
N ALA A 394 0.89 7.45 -42.20
CA ALA A 394 0.03 6.30 -41.89
C ALA A 394 -0.51 6.43 -40.45
N LEU A 395 -1.82 6.64 -40.32
CA LEU A 395 -2.44 6.87 -39.01
C LEU A 395 -3.13 5.55 -38.67
N VAL A 396 -2.64 4.83 -37.64
CA VAL A 396 -3.14 3.51 -37.39
C VAL A 396 -3.41 3.32 -35.91
N GLY A 397 -4.35 2.45 -35.66
CA GLY A 397 -4.72 2.01 -34.28
C GLY A 397 -6.11 2.40 -33.80
N PRO A 398 -6.40 2.05 -32.54
CA PRO A 398 -7.65 2.20 -31.95
C PRO A 398 -8.03 3.64 -31.73
N LEU A 399 -7.05 4.55 -31.64
CA LEU A 399 -7.33 6.00 -31.43
C LEU A 399 -7.25 6.79 -32.73
N ALA A 400 -7.17 6.10 -33.88
CA ALA A 400 -7.02 6.85 -35.12
C ALA A 400 -8.34 7.58 -35.45
N THR A 401 -9.43 6.91 -35.20
CA THR A 401 -10.79 7.44 -35.49
C THR A 401 -11.75 7.43 -34.31
N SER A 402 -11.37 6.82 -33.18
CA SER A 402 -12.26 6.80 -32.03
C SER A 402 -12.68 8.17 -31.59
N PRO A 403 -13.96 8.33 -31.35
CA PRO A 403 -14.44 9.60 -30.84
C PRO A 403 -14.32 9.73 -29.34
N ASP A 404 -13.83 8.66 -28.72
CA ASP A 404 -13.69 8.60 -27.26
C ASP A 404 -12.39 9.27 -26.79
N ILE A 405 -12.42 10.59 -26.85
CA ILE A 405 -11.29 11.43 -26.49
C ILE A 405 -11.67 12.53 -25.54
N LEU A 406 -12.91 12.52 -25.03
CA LEU A 406 -13.39 13.61 -24.16
C LEU A 406 -13.17 13.29 -22.71
N GLY A 407 -12.83 12.03 -22.41
CA GLY A 407 -12.41 11.63 -21.09
C GLY A 407 -13.50 11.10 -20.22
N GLY A 408 -13.10 10.53 -19.12
CA GLY A 408 -14.05 10.25 -18.09
C GLY A 408 -14.60 11.54 -17.37
N TRP A 409 -15.64 11.33 -16.59
CA TRP A 409 -16.28 12.46 -15.89
C TRP A 409 -16.69 13.60 -16.86
N ASN A 410 -17.31 13.14 -17.94
CA ASN A 410 -17.82 14.04 -18.96
C ASN A 410 -19.34 13.77 -18.99
N VAL A 411 -20.08 14.51 -18.16
CA VAL A 411 -21.48 14.24 -17.92
C VAL A 411 -22.31 14.95 -18.98
N TYR A 412 -21.78 16.05 -19.50
CA TYR A 412 -22.53 16.95 -20.35
C TYR A 412 -21.95 17.13 -21.75
N GLY A 413 -20.66 16.79 -21.97
CA GLY A 413 -20.05 17.04 -23.26
C GLY A 413 -20.39 15.93 -24.24
N GLU A 414 -20.42 16.24 -25.52
CA GLU A 414 -20.92 15.30 -26.51
C GLU A 414 -19.83 15.00 -27.54
N GLU A 415 -19.70 13.73 -27.87
CA GLU A 415 -18.63 13.27 -28.74
C GLU A 415 -18.85 13.80 -30.16
N LYS A 416 -20.10 14.00 -30.54
CA LYS A 416 -20.38 14.50 -31.87
C LYS A 416 -19.70 15.87 -32.09
N ASP A 417 -19.50 16.65 -31.02
CA ASP A 417 -18.81 17.96 -31.12
C ASP A 417 -17.27 17.87 -30.99
N GLY A 418 -16.75 16.71 -30.62
CA GLY A 418 -15.28 16.58 -30.50
C GLY A 418 -14.61 16.30 -31.83
N ILE A 419 -13.28 16.43 -31.84
CA ILE A 419 -12.48 16.36 -33.02
C ILE A 419 -11.57 15.15 -32.79
N ASN A 420 -11.85 14.09 -33.53
CA ASN A 420 -11.00 12.89 -33.49
C ASN A 420 -9.64 13.09 -34.16
N VAL A 421 -8.78 12.09 -34.00
CA VAL A 421 -7.42 12.26 -34.45
C VAL A 421 -7.33 12.40 -35.97
N GLU A 422 -8.02 11.55 -36.70
CA GLU A 422 -7.99 11.63 -38.15
C GLU A 422 -8.42 13.01 -38.62
N THR A 423 -9.53 13.47 -38.10
CA THR A 423 -10.06 14.81 -38.47
C THR A 423 -9.14 15.89 -38.15
N GLY A 424 -8.52 15.87 -36.98
CA GLY A 424 -7.49 16.86 -36.64
C GLY A 424 -6.32 16.80 -37.60
N LEU A 425 -5.82 15.60 -37.91
CA LEU A 425 -4.59 15.49 -38.71
C LEU A 425 -4.88 16.00 -40.14
N ARG A 426 -6.06 15.73 -40.63
CA ARG A 426 -6.39 16.13 -42.04
C ARG A 426 -6.56 17.63 -42.23
N GLU A 427 -6.79 18.35 -41.15
CA GLU A 427 -6.77 19.82 -41.22
C GLU A 427 -5.37 20.39 -41.45
N VAL A 428 -4.34 19.59 -41.23
CA VAL A 428 -2.96 20.08 -41.16
C VAL A 428 -2.12 19.38 -42.20
N PHE A 429 -2.29 18.07 -42.31
CA PHE A 429 -1.47 17.20 -43.20
C PHE A 429 -2.24 16.81 -44.48
N GLU A 430 -1.66 17.13 -45.61
CA GLU A 430 -2.25 16.79 -46.93
C GLU A 430 -2.35 15.29 -47.18
N THR A 431 -1.32 14.50 -46.77
CA THR A 431 -1.34 13.07 -47.00
C THR A 431 -1.41 12.13 -45.73
N VAL A 432 -2.60 11.62 -45.49
CA VAL A 432 -2.94 10.69 -44.37
C VAL A 432 -3.65 9.46 -44.87
N GLU A 433 -3.05 8.29 -44.62
CA GLU A 433 -3.73 7.07 -44.86
C GLU A 433 -4.09 6.36 -43.53
N VAL A 434 -5.36 6.05 -43.35
CA VAL A 434 -5.87 5.60 -42.01
C VAL A 434 -6.21 4.16 -41.95
N VAL A 435 -5.81 3.50 -40.88
CA VAL A 435 -6.21 2.15 -40.67
C VAL A 435 -6.63 2.04 -39.21
N SER A 436 -7.94 1.97 -38.99
CA SER A 436 -8.45 1.88 -37.60
C SER A 436 -8.34 0.43 -37.15
N THR A 437 -8.04 0.20 -35.87
CA THR A 437 -8.18 -1.15 -35.35
C THR A 437 -9.03 -1.10 -34.07
N GLU A 438 -9.38 -2.27 -33.55
CA GLU A 438 -10.19 -2.40 -32.34
C GLU A 438 -9.27 -2.20 -31.07
N TYR A 439 -9.88 -1.82 -29.96
CA TYR A 439 -9.17 -1.56 -28.72
C TYR A 439 -8.49 -2.80 -28.15
N THR A 440 -9.04 -4.00 -28.37
CA THR A 440 -8.58 -5.23 -27.69
C THR A 440 -8.21 -6.41 -28.58
N GLU A 441 -8.14 -6.18 -29.89
CA GLU A 441 -7.93 -7.22 -30.89
C GLU A 441 -6.84 -6.74 -31.82
N LEU A 442 -6.07 -7.67 -32.36
CA LEU A 442 -5.22 -7.41 -33.50
C LEU A 442 -5.39 -8.59 -34.47
N SER A 443 -6.10 -8.42 -35.59
CA SER A 443 -6.34 -9.53 -36.49
C SER A 443 -5.30 -9.64 -37.58
N GLU A 444 -5.24 -10.80 -38.24
CA GLU A 444 -4.42 -10.94 -39.42
C GLU A 444 -4.79 -9.94 -40.50
N GLU A 445 -6.08 -9.71 -40.63
CA GLU A 445 -6.58 -8.77 -41.60
C GLU A 445 -6.12 -7.33 -41.28
N ASP A 446 -6.11 -6.97 -40.00
CA ASP A 446 -5.60 -5.67 -39.55
C ASP A 446 -4.16 -5.51 -39.96
N LYS A 447 -3.35 -6.55 -39.72
CA LYS A 447 -1.93 -6.50 -40.01
C LYS A 447 -1.63 -6.25 -41.51
N VAL A 448 -2.36 -6.95 -42.35
CA VAL A 448 -2.23 -6.80 -43.81
C VAL A 448 -2.54 -5.36 -44.13
N ALA A 449 -3.62 -4.83 -43.55
CA ALA A 449 -4.01 -3.45 -43.86
C ALA A 449 -3.04 -2.40 -43.36
N VAL A 450 -2.60 -2.53 -42.10
CA VAL A 450 -1.57 -1.69 -41.56
C VAL A 450 -0.30 -1.76 -42.43
N LYS A 451 0.12 -2.97 -42.82
CA LYS A 451 1.38 -3.10 -43.56
C LYS A 451 1.33 -2.35 -44.88
N ALA A 452 0.20 -2.43 -45.55
CA ALA A 452 -0.06 -1.70 -46.79
C ALA A 452 -0.03 -0.16 -46.62
N ALA A 453 -0.68 0.38 -45.56
CA ALA A 453 -0.68 1.83 -45.29
C ALA A 453 0.70 2.36 -45.00
N VAL A 454 1.41 1.60 -44.17
CA VAL A 454 2.79 1.94 -43.82
C VAL A 454 3.74 1.89 -45.03
N GLN A 455 3.61 0.85 -45.85
CA GLN A 455 4.36 0.74 -47.11
C GLN A 455 4.19 1.97 -47.99
N ASN A 456 2.96 2.44 -48.17
CA ASN A 456 2.70 3.66 -48.89
C ASN A 456 3.22 4.99 -48.30
N MET A 457 3.21 5.13 -46.98
CA MET A 457 3.49 6.40 -46.32
C MET A 457 4.92 6.49 -45.85
N ASP A 458 5.33 7.62 -45.23
CA ASP A 458 6.72 7.76 -44.77
C ASP A 458 6.88 7.64 -43.25
N VAL A 459 5.87 7.98 -42.46
CA VAL A 459 5.97 7.92 -40.95
C VAL A 459 4.65 7.36 -40.45
N VAL A 460 4.67 6.79 -39.24
CA VAL A 460 3.50 6.18 -38.68
C VAL A 460 3.18 6.98 -37.48
N VAL A 461 1.91 7.39 -37.38
CA VAL A 461 1.34 7.92 -36.15
C VAL A 461 0.45 6.72 -35.66
N LEU A 462 0.94 6.05 -34.61
CA LEU A 462 0.33 4.96 -33.97
C LEU A 462 -0.47 5.45 -32.79
N ALA A 463 -1.80 5.41 -32.93
CA ALA A 463 -2.67 6.05 -31.95
C ALA A 463 -3.29 4.96 -31.08
N LEU A 464 -2.75 4.89 -29.86
CA LEU A 464 -3.17 3.91 -28.87
C LEU A 464 -3.89 4.50 -27.69
N GLY A 465 -4.59 3.68 -26.93
CA GLY A 465 -5.17 4.15 -25.71
C GLY A 465 -6.30 3.38 -25.09
N GLU A 466 -6.76 3.99 -23.98
CA GLU A 466 -7.79 3.38 -23.17
C GLU A 466 -9.15 3.91 -23.59
N LYS A 467 -10.15 3.07 -23.48
CA LYS A 467 -11.56 3.53 -23.42
C LYS A 467 -11.76 4.31 -22.12
N ASN A 468 -12.63 5.32 -22.15
CA ASN A 468 -12.69 6.12 -20.91
C ASN A 468 -13.35 5.31 -19.75
N GLU A 469 -14.15 4.30 -20.13
CA GLU A 469 -14.82 3.47 -19.16
C GLU A 469 -13.85 2.56 -18.39
N TRP A 470 -12.61 2.46 -18.89
CA TRP A 470 -11.59 1.73 -18.11
C TRP A 470 -10.98 2.49 -16.91
N GLY A 471 -11.39 3.73 -16.70
CA GLY A 471 -11.02 4.54 -15.56
C GLY A 471 -12.26 5.31 -15.08
N GLY A 472 -11.96 6.38 -14.36
CA GLY A 472 -13.04 7.13 -13.62
C GLY A 472 -13.53 6.31 -12.43
N GLU A 473 -14.67 6.69 -11.88
CA GLU A 473 -15.21 5.95 -10.76
C GLU A 473 -15.57 4.44 -11.04
N ALA A 474 -15.04 3.54 -10.21
CA ALA A 474 -15.24 2.11 -10.25
C ALA A 474 -14.68 1.52 -11.55
N GLY A 475 -13.61 2.12 -11.97
CA GLY A 475 -12.79 1.72 -13.08
C GLY A 475 -11.35 1.44 -12.57
N SER A 476 -11.23 0.49 -11.63
CA SER A 476 -9.92 0.03 -11.08
C SER A 476 -9.35 -1.04 -11.98
N LEU A 477 -8.06 -0.94 -12.29
CA LEU A 477 -7.38 -2.02 -12.95
C LEU A 477 -6.31 -2.50 -12.09
N ALA A 478 -6.28 -3.80 -11.89
CA ALA A 478 -5.19 -4.39 -11.12
C ALA A 478 -3.88 -4.36 -11.87
N THR A 479 -3.90 -4.40 -13.19
CA THR A 479 -2.69 -4.33 -14.00
C THR A 479 -2.82 -3.09 -14.88
N ILE A 480 -1.89 -2.14 -14.66
CA ILE A 480 -1.95 -0.86 -15.33
C ILE A 480 -1.31 -0.93 -16.74
N ARG A 481 -1.94 -1.75 -17.62
CA ARG A 481 -1.44 -1.90 -18.97
C ARG A 481 -2.61 -1.67 -19.95
N LEU A 482 -2.31 -1.31 -21.18
CA LEU A 482 -3.29 -1.34 -22.21
C LEU A 482 -3.66 -2.80 -22.53
N PRO A 483 -4.73 -3.02 -23.25
CA PRO A 483 -4.88 -4.37 -23.80
C PRO A 483 -3.65 -4.92 -24.52
N GLU A 484 -3.39 -6.21 -24.35
CA GLU A 484 -2.16 -6.72 -24.87
C GLU A 484 -2.10 -6.54 -26.44
N ALA A 485 -3.27 -6.51 -27.07
CA ALA A 485 -3.31 -6.33 -28.52
C ALA A 485 -2.68 -5.02 -28.93
N GLN A 486 -2.73 -3.96 -28.10
CA GLN A 486 -2.09 -2.72 -28.47
C GLN A 486 -0.57 -2.76 -28.42
N TYR A 487 -0.07 -3.45 -27.41
CA TYR A 487 1.40 -3.66 -27.32
C TYR A 487 1.85 -4.54 -28.49
N GLN A 488 1.02 -5.51 -28.88
CA GLN A 488 1.34 -6.39 -30.02
C GLN A 488 1.35 -5.56 -31.30
N LEU A 489 0.38 -4.66 -31.43
CA LEU A 489 0.39 -3.66 -32.55
C LEU A 489 1.60 -2.80 -32.59
N ALA A 490 2.04 -2.29 -31.48
CA ALA A 490 3.22 -1.43 -31.49
C ALA A 490 4.46 -2.28 -31.94
N LYS A 491 4.50 -3.55 -31.49
CA LYS A 491 5.62 -4.47 -31.87
C LYS A 491 5.59 -4.73 -33.36
N PHE A 492 4.38 -5.03 -33.87
CA PHE A 492 4.18 -5.21 -35.32
C PHE A 492 4.65 -3.98 -36.11
N VAL A 493 4.14 -2.80 -35.78
CA VAL A 493 4.51 -1.59 -36.53
C VAL A 493 6.01 -1.34 -36.56
N GLN A 494 6.68 -1.63 -35.45
CA GLN A 494 8.09 -1.40 -35.38
C GLN A 494 8.83 -2.22 -36.47
N THR A 495 8.35 -3.42 -36.74
CA THR A 495 8.95 -4.30 -37.79
C THR A 495 8.87 -3.75 -39.20
N LEU A 496 8.04 -2.74 -39.47
CA LEU A 496 7.78 -2.26 -40.86
C LEU A 496 8.86 -1.26 -41.35
N GLY A 497 9.79 -0.94 -40.48
CA GLY A 497 10.98 -0.17 -40.86
C GLY A 497 10.84 1.35 -41.02
N LYS A 498 9.68 1.91 -40.72
CA LYS A 498 9.48 3.36 -40.81
C LYS A 498 9.41 4.02 -39.43
N PRO A 499 9.76 5.28 -39.33
CA PRO A 499 9.73 5.93 -37.99
C PRO A 499 8.30 5.99 -37.46
N VAL A 500 8.16 5.74 -36.15
CA VAL A 500 6.89 5.70 -35.49
C VAL A 500 6.77 6.75 -34.39
N VAL A 501 5.69 7.56 -34.41
CA VAL A 501 5.28 8.34 -33.25
C VAL A 501 4.05 7.64 -32.66
N ILE A 502 4.03 7.32 -31.37
CA ILE A 502 2.86 6.81 -30.68
C ILE A 502 2.20 7.98 -29.99
N THR A 503 0.95 8.22 -30.29
CA THR A 503 0.17 9.21 -29.65
C THR A 503 -0.76 8.43 -28.69
N LEU A 504 -0.53 8.55 -27.39
CA LEU A 504 -1.23 7.75 -26.36
C LEU A 504 -2.35 8.56 -25.64
N PHE A 505 -3.56 8.02 -25.64
CA PHE A 505 -4.70 8.59 -24.95
C PHE A 505 -5.14 7.69 -23.82
N ASN A 506 -5.31 8.27 -22.62
CA ASN A 506 -5.52 7.52 -21.43
C ASN A 506 -5.77 8.41 -20.25
N GLY A 507 -6.27 7.79 -19.18
CA GLY A 507 -6.61 8.47 -17.96
C GLY A 507 -5.77 8.19 -16.73
N ARG A 508 -4.72 7.39 -16.89
CA ARG A 508 -3.87 6.99 -15.76
C ARG A 508 -2.52 6.73 -16.32
N PRO A 509 -1.49 6.84 -15.50
CA PRO A 509 -0.21 6.20 -15.79
C PRO A 509 -0.41 4.77 -16.23
N LEU A 510 0.37 4.35 -17.23
CA LEU A 510 0.36 2.96 -17.73
C LEU A 510 1.83 2.51 -17.76
N GLU A 511 1.99 1.21 -17.91
CA GLU A 511 3.26 0.61 -18.22
C GLU A 511 3.64 0.89 -19.71
N VAL A 512 4.53 1.84 -19.92
CA VAL A 512 4.79 2.29 -21.29
C VAL A 512 6.14 1.93 -21.79
N LYS A 513 6.95 1.24 -20.93
CA LYS A 513 8.26 0.83 -21.39
C LYS A 513 8.23 0.19 -22.78
N GLU A 514 7.34 -0.78 -23.01
CA GLU A 514 7.29 -1.49 -24.28
C GLU A 514 6.86 -0.61 -25.45
N LEU A 515 6.17 0.48 -25.15
CA LEU A 515 5.77 1.39 -26.18
C LEU A 515 6.97 2.30 -26.50
N ALA A 516 7.66 2.82 -25.49
CA ALA A 516 8.83 3.69 -25.67
C ALA A 516 9.87 2.95 -26.45
N GLU A 517 10.08 1.68 -26.12
CA GLU A 517 11.08 0.90 -26.82
C GLU A 517 10.70 0.45 -28.23
N SER A 518 9.46 0.58 -28.61
CA SER A 518 8.98 0.03 -29.88
C SER A 518 8.72 1.19 -30.88
N SER A 519 9.05 2.44 -30.48
CA SER A 519 8.76 3.63 -31.25
C SER A 519 9.90 4.64 -31.18
N ASP A 520 9.86 5.62 -32.07
CA ASP A 520 10.88 6.71 -32.07
C ASP A 520 10.48 7.92 -31.28
N ALA A 521 9.18 8.17 -31.22
CA ALA A 521 8.61 9.27 -30.42
C ALA A 521 7.36 8.76 -29.67
N LEU A 522 7.12 9.34 -28.51
CA LEU A 522 5.97 9.03 -27.64
C LEU A 522 5.37 10.31 -27.07
N LEU A 523 4.13 10.61 -27.38
CA LEU A 523 3.41 11.81 -26.94
C LEU A 523 2.16 11.34 -26.15
N GLU A 524 2.16 11.74 -24.91
CA GLU A 524 1.11 11.46 -23.96
C GLU A 524 0.10 12.61 -24.04
N LEU A 525 -1.03 12.33 -24.63
CA LEU A 525 -2.08 13.34 -24.76
C LEU A 525 -3.13 13.26 -23.69
N TRP A 526 -3.02 12.24 -22.83
CA TRP A 526 -4.08 11.95 -21.84
C TRP A 526 -5.47 11.93 -22.59
N PHE A 527 -6.47 12.56 -22.04
CA PHE A 527 -7.68 12.80 -22.83
C PHE A 527 -7.83 14.34 -22.95
N PRO A 528 -7.58 14.91 -24.17
CA PRO A 528 -7.53 16.39 -24.12
C PRO A 528 -8.89 17.09 -24.16
N GLY A 529 -9.93 16.36 -24.47
CA GLY A 529 -11.28 16.92 -24.55
C GLY A 529 -11.73 17.21 -25.98
N THR A 530 -12.62 18.19 -26.07
CA THR A 530 -13.28 18.57 -27.29
C THR A 530 -12.38 18.82 -28.50
N GLU A 531 -11.19 19.40 -28.27
CA GLU A 531 -10.31 19.77 -29.35
C GLU A 531 -9.23 18.74 -29.50
N ALA A 532 -9.42 17.53 -28.93
CA ALA A 532 -8.39 16.48 -28.98
C ALA A 532 -7.55 16.31 -30.27
N GLY A 533 -8.20 16.10 -31.39
CA GLY A 533 -7.45 15.93 -32.68
C GLY A 533 -6.65 17.15 -33.11
N ARG A 534 -7.12 18.37 -32.81
CA ARG A 534 -6.39 19.58 -33.17
C ARG A 534 -5.21 19.73 -32.25
N VAL A 535 -5.40 19.41 -30.98
CA VAL A 535 -4.33 19.44 -30.03
C VAL A 535 -3.23 18.48 -30.54
N THR A 536 -3.63 17.31 -31.01
CA THR A 536 -2.71 16.27 -31.45
C THR A 536 -1.91 16.79 -32.73
N ALA A 537 -2.69 17.19 -33.70
CA ALA A 537 -2.13 17.78 -34.96
C ALA A 537 -1.16 18.97 -34.76
N ASP A 538 -1.49 19.91 -33.86
CA ASP A 538 -0.58 21.04 -33.61
C ASP A 538 0.72 20.62 -32.97
N LEU A 539 0.63 19.69 -31.99
CA LEU A 539 1.85 19.26 -31.37
C LEU A 539 2.73 18.47 -32.34
N LEU A 540 2.15 17.59 -33.12
CA LEU A 540 2.87 16.72 -34.09
C LEU A 540 3.56 17.57 -35.17
N SER A 541 2.82 18.60 -35.59
CA SER A 541 3.32 19.52 -36.65
C SER A 541 4.20 20.65 -36.15
N GLY A 542 4.28 20.92 -34.81
CA GLY A 542 5.12 21.98 -34.29
C GLY A 542 4.52 23.36 -34.29
N ALA A 543 3.29 23.46 -34.75
CA ALA A 543 2.51 24.66 -34.56
C ALA A 543 2.44 24.95 -33.09
N SER A 544 2.29 23.89 -32.24
CA SER A 544 2.55 23.98 -30.76
C SER A 544 3.75 23.14 -30.37
N ASN A 545 4.52 23.62 -29.40
CA ASN A 545 5.70 22.96 -28.96
C ASN A 545 5.35 22.31 -27.58
N PRO A 546 5.43 20.94 -27.52
CA PRO A 546 5.02 20.32 -26.20
C PRO A 546 5.69 20.98 -25.04
N SER A 547 4.98 21.12 -23.90
CA SER A 547 5.52 21.81 -22.73
C SER A 547 5.04 21.28 -21.39
N GLY A 548 4.32 20.15 -21.44
CA GLY A 548 3.80 19.47 -20.27
C GLY A 548 4.86 18.68 -19.59
N LYS A 549 4.65 18.45 -18.30
CA LYS A 549 5.60 17.70 -17.46
C LYS A 549 4.72 16.73 -16.66
N LEU A 550 5.25 15.55 -16.35
CA LEU A 550 4.48 14.61 -15.63
C LEU A 550 4.16 15.09 -14.25
N SER A 551 2.86 15.03 -13.91
CA SER A 551 2.47 15.25 -12.51
C SER A 551 2.21 14.00 -11.69
N MET A 552 2.40 12.84 -12.34
CA MET A 552 2.37 11.58 -11.64
C MET A 552 3.42 10.66 -12.24
N SER A 553 4.12 9.91 -11.42
CA SER A 553 5.13 8.96 -11.82
C SER A 553 4.61 7.81 -12.70
N PHE A 554 5.35 7.45 -13.74
CA PHE A 554 4.98 6.31 -14.60
C PHE A 554 5.82 5.12 -14.15
N PRO A 555 5.17 4.10 -13.48
CA PRO A 555 5.91 2.94 -12.94
C PRO A 555 6.63 2.10 -13.99
N GLN A 556 7.74 1.47 -13.56
CA GLN A 556 8.35 0.42 -14.36
C GLN A 556 7.39 -0.74 -14.67
N THR A 557 6.60 -1.12 -13.67
CA THR A 557 5.64 -2.23 -13.74
C THR A 557 4.64 -2.02 -12.64
N THR A 558 3.45 -2.63 -12.77
CA THR A 558 2.38 -2.56 -11.79
C THR A 558 2.89 -2.80 -10.36
N GLY A 559 3.72 -3.82 -10.18
CA GLY A 559 4.33 -4.11 -8.87
C GLY A 559 5.29 -3.12 -8.19
N GLN A 560 5.70 -2.05 -8.89
CA GLN A 560 6.41 -0.93 -8.29
C GLN A 560 5.52 0.00 -7.51
N ILE A 561 4.22 -0.12 -7.69
CA ILE A 561 3.25 0.82 -7.06
C ILE A 561 3.15 0.60 -5.53
N PRO A 562 3.22 1.68 -4.74
CA PRO A 562 3.35 3.11 -5.12
C PRO A 562 4.77 3.56 -5.27
N VAL A 563 5.01 4.29 -6.34
CA VAL A 563 6.23 4.93 -6.58
C VAL A 563 5.99 6.41 -6.83
N TYR A 564 6.78 7.25 -6.17
CA TYR A 564 6.55 8.67 -6.21
C TYR A 564 7.83 9.41 -5.87
N TYR A 565 7.96 10.68 -6.31
CA TYR A 565 9.27 11.37 -6.24
C TYR A 565 9.58 11.79 -4.82
N ASN A 566 8.54 12.06 -4.01
CA ASN A 566 8.73 12.64 -2.68
C ASN A 566 8.75 11.58 -1.63
N HIS A 567 9.70 10.68 -1.80
CA HIS A 567 9.79 9.51 -0.94
C HIS A 567 10.88 9.67 0.12
N LEU A 568 10.82 8.79 1.11
CA LEU A 568 11.76 8.85 2.21
C LEU A 568 12.99 8.13 1.76
N ARG A 569 14.05 8.39 2.46
CA ARG A 569 15.30 7.81 2.09
C ARG A 569 15.52 6.34 2.42
N THR A 570 14.92 5.86 3.53
CA THR A 570 15.20 4.62 4.17
C THR A 570 16.58 4.63 4.89
N GLY A 571 16.77 3.56 5.63
CA GLY A 571 18.06 3.32 6.32
C GLY A 571 19.15 2.82 5.43
N ARG A 572 18.81 2.32 4.24
CA ARG A 572 19.80 1.70 3.32
C ARG A 572 19.50 2.11 1.84
N PRO A 573 19.59 3.39 1.58
CA PRO A 573 19.42 3.93 0.25
C PRO A 573 20.40 3.39 -0.75
N GLN A 574 19.90 3.19 -1.95
CA GLN A 574 20.71 2.87 -3.07
C GLN A 574 21.42 4.17 -3.47
N THR A 575 22.72 4.06 -3.62
CA THR A 575 23.53 5.18 -4.02
C THR A 575 24.28 4.75 -5.28
N PRO A 576 24.87 5.73 -5.98
CA PRO A 576 25.59 5.23 -7.14
C PRO A 576 26.82 4.43 -6.70
N GLU A 577 27.35 4.71 -5.49
CA GLU A 577 28.49 3.96 -4.94
C GLU A 577 28.25 2.63 -4.18
N ASN A 578 26.99 2.22 -3.99
CA ASN A 578 26.70 0.83 -3.50
C ASN A 578 25.92 -0.02 -4.52
N LYS A 579 25.73 0.51 -5.72
CA LYS A 579 25.41 -0.23 -6.93
C LYS A 579 25.91 -1.64 -6.81
N GLY A 580 25.00 -2.60 -7.02
CA GLY A 580 25.41 -4.00 -7.03
C GLY A 580 25.37 -4.75 -5.71
N GLU A 581 25.48 -4.07 -4.58
CA GLU A 581 25.33 -4.74 -3.29
C GLU A 581 23.92 -5.31 -3.04
N ARG A 582 23.88 -6.39 -2.29
CA ARG A 582 22.60 -7.06 -1.96
C ARG A 582 21.82 -6.23 -0.90
N TYR A 583 22.50 -5.81 0.16
CA TYR A 583 21.85 -5.37 1.41
C TYR A 583 21.59 -3.84 1.33
N VAL A 584 20.77 -3.47 0.33
CA VAL A 584 20.34 -2.11 0.11
C VAL A 584 18.88 -2.18 -0.41
N SER A 585 18.21 -1.04 -0.30
CA SER A 585 16.80 -0.99 -0.73
C SER A 585 16.66 -1.03 -2.28
N HIS A 586 16.28 -2.20 -2.81
CA HIS A 586 16.16 -2.36 -4.25
C HIS A 586 15.26 -3.56 -4.52
N TYR A 587 14.88 -3.68 -5.78
CA TYR A 587 14.21 -4.88 -6.27
C TYR A 587 15.20 -5.71 -7.05
N LEU A 588 14.98 -7.02 -7.03
CA LEU A 588 15.82 -7.94 -7.89
C LEU A 588 15.55 -7.82 -9.37
N ASP A 589 14.31 -7.40 -9.73
CA ASP A 589 13.81 -7.53 -11.08
C ASP A 589 13.53 -6.23 -11.85
N ILE A 590 13.58 -5.09 -11.17
CA ILE A 590 13.42 -3.77 -11.77
C ILE A 590 14.20 -2.69 -11.06
N PRO A 591 14.39 -1.55 -11.71
CA PRO A 591 14.94 -0.37 -11.03
C PRO A 591 14.06 0.19 -9.95
N ASN A 592 14.68 0.93 -9.03
CA ASN A 592 13.89 1.68 -8.00
C ASN A 592 13.18 2.85 -8.62
N GLU A 593 13.81 3.46 -9.61
CA GLU A 593 13.22 4.64 -10.26
C GLU A 593 12.01 4.22 -11.05
N PRO A 594 11.01 5.14 -11.10
CA PRO A 594 9.96 4.94 -12.05
C PRO A 594 10.43 5.03 -13.47
N PHE A 595 9.67 4.51 -14.44
CA PHE A 595 10.12 4.62 -15.81
C PHE A 595 10.31 6.04 -16.22
N TYR A 596 9.35 6.89 -15.89
CA TYR A 596 9.48 8.35 -15.99
C TYR A 596 9.05 9.04 -14.65
N PRO A 597 9.77 10.12 -14.27
CA PRO A 597 9.58 10.70 -12.98
C PRO A 597 8.69 11.94 -13.01
N PHE A 598 8.32 12.38 -11.82
CA PHE A 598 7.53 13.64 -11.64
C PHE A 598 8.33 14.80 -12.32
N GLY A 599 7.63 15.68 -12.95
CA GLY A 599 8.26 16.89 -13.47
C GLY A 599 9.03 16.71 -14.76
N TYR A 600 8.98 15.51 -15.35
CA TYR A 600 9.63 15.25 -16.65
C TYR A 600 8.70 15.48 -17.85
N GLY A 601 9.28 16.07 -18.91
CA GLY A 601 8.65 16.19 -20.20
C GLY A 601 9.67 16.83 -21.12
N LYS A 602 9.59 16.50 -22.38
CA LYS A 602 10.49 17.02 -23.40
C LYS A 602 9.95 18.27 -24.08
N SER A 603 10.83 18.80 -24.94
CA SER A 603 10.46 19.98 -25.72
C SER A 603 11.18 19.91 -27.11
N TYR A 604 10.63 20.67 -28.07
CA TYR A 604 11.29 20.89 -29.38
C TYR A 604 12.42 21.98 -29.17
N SER A 605 12.47 22.68 -28.02
CA SER A 605 13.43 23.69 -27.72
C SER A 605 14.52 23.13 -26.81
N GLU A 606 15.54 23.94 -26.54
CA GLU A 606 16.60 23.62 -25.57
C GLU A 606 16.74 24.85 -24.68
N PHE A 607 16.93 24.65 -23.37
CA PHE A 607 17.02 25.74 -22.41
C PHE A 607 18.24 25.64 -21.59
N GLU A 608 18.66 26.76 -21.03
CA GLU A 608 19.70 26.73 -20.02
C GLU A 608 19.28 27.62 -18.89
N LEU A 609 19.49 27.16 -17.68
CA LEU A 609 19.05 27.89 -16.49
C LEU A 609 20.23 28.20 -15.65
N LYS A 610 20.14 29.26 -14.90
CA LYS A 610 21.21 29.67 -14.05
C LYS A 610 20.55 30.23 -12.83
N THR A 611 20.99 29.80 -11.66
CA THR A 611 20.41 30.29 -10.41
C THR A 611 21.36 31.33 -9.83
N SER A 612 20.84 32.49 -9.50
CA SER A 612 21.67 33.52 -8.80
C SER A 612 22.10 33.10 -7.37
N SER A 613 23.26 33.65 -6.99
CA SER A 613 23.88 33.37 -5.73
C SER A 613 22.82 33.36 -4.64
N LEU A 614 22.80 32.28 -3.86
CA LEU A 614 21.87 32.08 -2.76
C LEU A 614 22.63 32.28 -1.45
N PRO A 615 21.96 32.75 -0.38
CA PRO A 615 22.56 32.75 0.97
C PRO A 615 22.99 31.38 1.46
N LYS A 616 24.06 31.33 2.20
CA LYS A 616 24.45 30.11 2.85
C LYS A 616 23.72 29.93 4.20
N GLU A 617 23.09 30.99 4.71
CA GLU A 617 22.35 30.89 5.95
C GLU A 617 21.10 31.71 5.90
N LEU A 618 20.20 31.38 6.81
CA LEU A 618 18.89 31.92 6.81
C LEU A 618 18.46 31.81 8.27
N ASN A 619 17.73 32.82 8.73
CA ASN A 619 17.15 32.75 10.06
C ASN A 619 15.87 31.89 10.04
N LEU A 620 15.48 31.38 11.17
CA LEU A 620 14.20 30.82 11.29
C LEU A 620 13.20 31.88 11.00
N GLY A 621 12.12 31.48 10.31
CA GLY A 621 11.02 32.32 9.93
C GLY A 621 11.29 33.16 8.68
N GLU A 622 12.48 33.07 8.14
CA GLU A 622 12.85 33.89 7.10
C GLU A 622 12.64 33.18 5.77
N SER A 623 12.12 33.94 4.79
CA SER A 623 12.03 33.48 3.42
C SER A 623 13.35 33.31 2.69
N LEU A 624 13.38 32.32 1.81
CA LEU A 624 14.47 32.22 0.91
C LEU A 624 13.98 32.66 -0.49
N HIS A 625 14.71 33.61 -1.07
CA HIS A 625 14.39 34.23 -2.33
C HIS A 625 15.29 33.61 -3.38
N VAL A 626 14.68 32.99 -4.39
CA VAL A 626 15.36 32.22 -5.41
C VAL A 626 15.12 32.84 -6.75
N GLU A 627 16.21 33.23 -7.39
CA GLU A 627 16.18 33.93 -8.68
C GLU A 627 16.86 33.06 -9.70
N VAL A 628 16.17 32.81 -10.78
CA VAL A 628 16.65 31.89 -11.79
C VAL A 628 16.51 32.61 -13.15
N THR A 629 17.57 32.58 -13.94
CA THR A 629 17.56 33.16 -15.27
C THR A 629 17.51 32.03 -16.23
N ILE A 630 16.58 32.07 -17.14
CA ILE A 630 16.45 31.03 -18.14
C ILE A 630 16.57 31.58 -19.55
N LYS A 631 17.31 30.87 -20.39
CA LYS A 631 17.44 31.25 -21.79
C LYS A 631 17.04 30.12 -22.72
N ASN A 632 16.20 30.42 -23.73
CA ASN A 632 16.00 29.55 -24.85
C ASN A 632 17.21 29.61 -25.80
N ILE A 633 18.02 28.55 -25.83
CA ILE A 633 19.24 28.53 -26.64
C ILE A 633 19.02 27.82 -28.00
N SER A 634 17.76 27.66 -28.44
CA SER A 634 17.44 26.96 -29.71
C SER A 634 16.83 27.98 -30.63
N ASP A 635 16.44 27.50 -31.81
CA ASP A 635 15.88 28.32 -32.79
C ASP A 635 14.36 28.20 -32.78
N ILE A 636 13.77 27.59 -31.73
CA ILE A 636 12.35 27.21 -31.69
C ILE A 636 11.68 27.86 -30.44
N ALA A 637 10.57 28.54 -30.60
CA ALA A 637 9.89 29.19 -29.50
C ALA A 637 9.40 28.05 -28.57
N GLY A 638 9.49 28.21 -27.25
CA GLY A 638 9.03 27.13 -26.35
C GLY A 638 8.81 27.54 -24.92
N LYS A 639 8.12 26.69 -24.14
CA LYS A 639 7.92 26.84 -22.73
C LYS A 639 8.66 25.73 -21.96
N GLU A 640 9.23 26.14 -20.83
CA GLU A 640 9.88 25.30 -19.90
C GLU A 640 9.26 25.53 -18.52
N VAL A 641 9.13 24.47 -17.75
CA VAL A 641 8.62 24.55 -16.35
C VAL A 641 9.78 24.53 -15.39
N ILE A 642 10.08 25.71 -14.79
CA ILE A 642 11.11 25.78 -13.83
C ILE A 642 10.51 25.25 -12.54
N GLN A 643 11.20 24.31 -11.91
CA GLN A 643 10.78 23.71 -10.60
C GLN A 643 11.78 23.93 -9.53
N VAL A 644 11.26 24.25 -8.33
CA VAL A 644 12.13 24.38 -7.19
C VAL A 644 11.66 23.42 -6.11
N TYR A 645 12.61 22.59 -5.63
CA TYR A 645 12.37 21.65 -4.56
C TYR A 645 13.21 21.96 -3.34
N LEU A 646 12.70 21.56 -2.19
CA LEU A 646 13.40 21.66 -0.94
C LEU A 646 13.51 20.27 -0.28
N GLN A 647 14.62 20.01 0.38
CA GLN A 647 14.84 18.87 1.21
C GLN A 647 15.30 19.30 2.59
N ASP A 648 14.72 18.67 3.63
CA ASP A 648 15.11 18.83 4.97
C ASP A 648 16.05 17.67 5.29
N VAL A 649 17.34 17.91 5.39
CA VAL A 649 18.31 16.81 5.47
C VAL A 649 18.21 15.93 6.70
N THR A 650 18.06 16.55 7.88
CA THR A 650 17.95 15.89 9.19
C THR A 650 16.80 16.50 9.94
N ALA A 651 15.90 15.66 10.44
CA ALA A 651 14.76 16.13 11.12
C ALA A 651 14.27 15.18 12.21
N SER A 652 13.38 15.65 13.06
CA SER A 652 12.78 14.76 14.04
C SER A 652 11.80 13.71 13.41
N ILE A 653 11.41 13.90 12.16
CA ILE A 653 10.64 12.93 11.37
C ILE A 653 11.48 12.72 10.07
N SER A 654 11.52 11.49 9.52
CA SER A 654 12.35 11.25 8.34
C SER A 654 11.60 12.01 7.25
N ARG A 655 12.23 12.96 6.49
CA ARG A 655 11.51 13.81 5.55
C ARG A 655 11.83 13.35 4.17
N PRO A 656 10.98 13.66 3.25
CA PRO A 656 11.19 13.27 1.83
C PRO A 656 12.44 13.81 1.24
N VAL A 657 12.97 13.09 0.28
CA VAL A 657 14.28 13.48 -0.33
C VAL A 657 14.22 14.78 -1.12
N LYS A 658 13.03 15.08 -1.62
CA LYS A 658 12.62 16.35 -2.22
C LYS A 658 11.13 16.54 -2.03
N GLU A 659 10.75 17.82 -1.99
CA GLU A 659 9.36 18.23 -2.17
C GLU A 659 9.29 19.48 -3.00
N LEU A 660 8.35 19.53 -3.95
CA LEU A 660 8.17 20.69 -4.76
C LEU A 660 7.62 21.83 -3.89
N LYS A 661 8.24 23.02 -4.02
CA LYS A 661 7.76 24.23 -3.30
C LYS A 661 7.54 25.46 -4.14
N ALA A 662 7.85 25.40 -5.44
CA ALA A 662 7.62 26.47 -6.37
C ALA A 662 7.74 25.97 -7.77
N PHE A 663 6.90 26.52 -8.63
CA PHE A 663 7.01 26.27 -10.09
C PHE A 663 6.52 27.47 -10.88
N GLU A 664 7.11 27.66 -12.06
CA GLU A 664 6.63 28.59 -13.02
C GLU A 664 6.92 28.12 -14.42
N LYS A 665 5.93 28.18 -15.25
CA LYS A 665 6.08 27.88 -16.63
C LYS A 665 6.46 29.19 -17.35
N VAL A 666 7.59 29.17 -18.01
CA VAL A 666 8.16 30.37 -18.66
C VAL A 666 8.18 30.21 -20.19
N ALA A 667 7.47 31.11 -20.90
CA ALA A 667 7.48 31.13 -22.35
C ALA A 667 8.64 31.97 -22.92
N LEU A 668 9.37 31.42 -23.89
CA LEU A 668 10.61 32.05 -24.42
C LEU A 668 10.66 31.90 -25.91
N GLN A 669 10.80 33.03 -26.63
CA GLN A 669 11.12 32.95 -28.06
C GLN A 669 12.49 32.44 -28.24
N ALA A 670 12.77 32.04 -29.45
CA ALA A 670 14.16 31.68 -29.80
C ALA A 670 15.18 32.73 -29.33
N GLY A 671 16.24 32.31 -28.65
CA GLY A 671 17.18 33.23 -28.04
C GLY A 671 16.75 34.12 -26.89
N GLU A 672 15.49 34.06 -26.44
CA GLU A 672 14.99 34.91 -25.37
C GLU A 672 15.44 34.49 -23.95
N GLU A 673 15.81 35.48 -23.13
CA GLU A 673 16.25 35.29 -21.75
C GLU A 673 15.28 35.99 -20.82
N LYS A 674 14.85 35.27 -19.77
CA LYS A 674 14.02 35.86 -18.73
C LYS A 674 14.60 35.51 -17.37
N THR A 675 14.25 36.35 -16.39
CA THR A 675 14.52 36.11 -15.00
C THR A 675 13.24 35.93 -14.24
N VAL A 676 13.16 34.91 -13.38
CA VAL A 676 11.93 34.78 -12.56
C VAL A 676 12.43 34.63 -11.18
N THR A 677 11.58 34.99 -10.25
CA THR A 677 11.96 34.91 -8.85
C THR A 677 10.95 34.09 -8.11
N PHE A 678 11.39 33.42 -7.07
CA PHE A 678 10.52 32.58 -6.28
C PHE A 678 10.75 32.93 -4.82
N GLU A 679 9.71 33.02 -4.01
CA GLU A 679 9.87 33.16 -2.54
C GLU A 679 9.48 31.84 -1.85
N LEU A 680 10.44 31.14 -1.26
CA LEU A 680 10.10 30.00 -0.41
C LEU A 680 10.02 30.57 1.02
N THR A 681 8.79 30.73 1.50
CA THR A 681 8.55 31.20 2.83
C THR A 681 8.97 30.15 3.82
N SER A 682 9.05 30.57 5.08
CA SER A 682 9.43 29.64 6.13
C SER A 682 8.47 28.45 6.27
N GLU A 683 7.19 28.66 5.92
CA GLU A 683 6.27 27.57 5.83
C GLU A 683 6.77 26.41 4.86
N ALA A 684 7.55 26.73 3.84
CA ALA A 684 8.08 25.71 2.90
C ALA A 684 9.07 24.83 3.59
N PHE A 685 9.64 25.30 4.70
CA PHE A 685 10.69 24.58 5.51
C PHE A 685 10.16 23.79 6.70
N SER A 686 8.84 23.92 6.86
CA SER A 686 8.10 23.48 8.07
C SER A 686 7.42 22.12 7.74
N PHE A 687 7.07 21.41 8.78
CA PHE A 687 6.50 20.09 8.62
C PHE A 687 5.77 19.75 9.91
N TYR A 688 4.94 18.70 9.87
CA TYR A 688 4.29 18.21 11.08
C TYR A 688 5.14 17.25 11.85
N ASN A 689 5.29 17.49 13.15
CA ASN A 689 6.13 16.58 13.94
C ASN A 689 5.36 15.44 14.60
N HIS A 690 6.08 14.65 15.44
CA HIS A 690 5.58 13.45 16.14
C HIS A 690 4.29 13.77 16.91
N GLN A 691 4.25 14.96 17.55
CA GLN A 691 3.05 15.45 18.30
C GLN A 691 2.04 16.26 17.43
N LEU A 692 2.21 16.25 16.10
CA LEU A 692 1.26 16.91 15.16
C LEU A 692 1.33 18.46 15.27
N GLU A 693 2.45 18.96 15.77
CA GLU A 693 2.72 20.40 15.73
C GLU A 693 3.35 20.72 14.38
N LYS A 694 2.87 21.78 13.71
CA LYS A 694 3.59 22.38 12.54
C LYS A 694 4.79 23.20 13.03
N VAL A 695 6.01 22.75 12.71
CA VAL A 695 7.22 23.29 13.28
C VAL A 695 8.23 23.65 12.21
N GLN A 696 9.15 24.54 12.55
CA GLN A 696 10.36 24.71 11.78
C GLN A 696 11.56 24.41 12.71
N GLU A 697 12.44 23.55 12.26
CA GLU A 697 13.62 23.12 13.01
C GLU A 697 14.84 23.74 12.34
N PRO A 698 15.76 24.27 13.17
CA PRO A 698 17.01 24.73 12.61
C PRO A 698 17.76 23.55 12.00
N GLY A 699 18.58 23.83 10.97
CA GLY A 699 19.40 22.83 10.34
C GLY A 699 19.58 23.00 8.84
N LEU A 700 20.22 22.01 8.21
CA LEU A 700 20.59 22.04 6.79
C LEU A 700 19.39 21.68 5.91
N HIS A 701 19.11 22.52 4.89
CA HIS A 701 18.22 22.21 3.80
C HIS A 701 18.97 22.22 2.46
N ARG A 702 18.53 21.40 1.53
CA ARG A 702 18.99 21.52 0.17
C ARG A 702 17.94 22.09 -0.66
N VAL A 703 18.33 22.93 -1.60
CA VAL A 703 17.44 23.57 -2.52
C VAL A 703 17.83 23.07 -3.90
N PHE A 704 16.83 22.70 -4.73
CA PHE A 704 17.03 22.07 -6.03
C PHE A 704 16.31 22.91 -7.03
N VAL A 705 17.04 23.37 -8.06
CA VAL A 705 16.43 24.12 -9.09
C VAL A 705 16.61 23.47 -10.47
N GLY A 706 15.54 23.26 -11.21
CA GLY A 706 15.71 22.51 -12.44
C GLY A 706 14.45 22.43 -13.26
N THR A 707 14.39 21.48 -14.14
CA THR A 707 13.29 21.30 -15.05
C THR A 707 12.56 19.93 -14.93
N SER A 708 12.97 19.18 -13.90
CA SER A 708 12.30 17.96 -13.42
C SER A 708 12.70 17.64 -11.99
N SER A 709 12.12 16.57 -11.40
CA SER A 709 12.56 16.18 -10.04
C SER A 709 13.93 15.58 -10.10
N GLU A 710 14.41 15.25 -11.30
CA GLU A 710 15.76 14.68 -11.48
C GLU A 710 16.79 15.70 -12.10
N ASP A 711 16.35 16.57 -12.97
CA ASP A 711 17.26 17.46 -13.73
C ASP A 711 17.37 18.79 -13.00
N VAL A 712 18.25 18.79 -11.98
CA VAL A 712 18.42 19.87 -11.02
C VAL A 712 19.87 20.22 -10.69
N ASP A 713 20.07 21.49 -10.31
CA ASP A 713 21.23 21.94 -9.62
C ASP A 713 20.87 21.99 -8.15
N VAL A 714 21.82 21.64 -7.30
CA VAL A 714 21.57 21.61 -5.86
C VAL A 714 22.41 22.61 -5.07
N PHE A 715 21.77 23.24 -4.09
CA PHE A 715 22.41 24.28 -3.24
C PHE A 715 22.11 23.98 -1.79
N GLU A 716 22.97 24.40 -0.85
CA GLU A 716 22.81 24.09 0.59
C GLU A 716 22.60 25.36 1.29
N VAL A 717 21.63 25.34 2.22
CA VAL A 717 21.28 26.53 3.11
C VAL A 717 21.16 26.05 4.55
N GLU A 718 21.97 26.58 5.48
CA GLU A 718 21.88 26.23 6.88
C GLU A 718 20.88 27.18 7.57
N VAL A 719 19.82 26.62 8.13
CA VAL A 719 18.76 27.41 8.80
C VAL A 719 18.99 27.42 10.29
N GLY A 720 19.12 28.63 10.89
CA GLY A 720 19.07 28.70 12.35
C GLY A 720 19.00 30.06 13.00
N GLY A 721 19.47 30.17 14.24
CA GLY A 721 19.58 31.51 14.87
C GLY A 721 18.30 31.96 15.51
N TYR A 722 17.91 33.20 15.27
CA TYR A 722 16.64 33.69 15.81
C TYR A 722 15.52 33.55 14.83
N VAL A 723 14.32 33.87 15.27
CA VAL A 723 13.12 33.73 14.47
C VAL A 723 12.65 35.11 14.04
N LEU A 724 12.35 35.24 12.75
CA LEU A 724 12.07 36.50 12.09
C LEU A 724 10.61 36.76 11.75
N MET B 1 24.51 -16.35 39.61
CA MET B 1 24.84 -15.52 40.81
C MET B 1 23.73 -14.61 41.32
N GLU B 2 23.84 -14.22 42.59
CA GLU B 2 22.93 -13.26 43.25
C GLU B 2 22.92 -11.88 42.58
N GLN B 3 21.76 -11.25 42.71
CA GLN B 3 21.42 -10.03 42.04
C GLN B 3 22.26 -8.91 42.62
N GLU B 4 22.58 -9.03 43.90
CA GLU B 4 23.46 -8.06 44.55
C GLU B 4 24.81 -8.01 43.85
N LYS B 5 25.35 -9.18 43.48
CA LYS B 5 26.67 -9.27 42.85
C LYS B 5 26.61 -8.78 41.42
N VAL B 6 25.47 -9.02 40.76
CA VAL B 6 25.25 -8.44 39.45
C VAL B 6 25.35 -6.93 39.55
N GLN B 7 24.57 -6.33 40.44
CA GLN B 7 24.52 -4.91 40.61
C GLN B 7 25.88 -4.38 41.03
N GLU B 8 26.61 -5.18 41.79
CA GLU B 8 27.92 -4.75 42.22
C GLU B 8 28.84 -4.61 41.03
N LEU B 9 28.68 -5.49 40.04
CA LEU B 9 29.53 -5.45 38.86
C LEU B 9 29.39 -4.13 38.11
N VAL B 10 28.14 -3.66 38.00
CA VAL B 10 27.86 -2.43 37.31
C VAL B 10 28.61 -1.27 38.02
N SER B 11 28.49 -1.25 39.36
CA SER B 11 29.22 -0.28 40.22
C SER B 11 30.70 -0.21 40.00
N GLN B 12 31.29 -1.37 39.74
CA GLN B 12 32.76 -1.50 39.62
C GLN B 12 33.33 -1.28 38.24
N MET B 13 32.46 -1.19 37.22
CA MET B 13 32.94 -1.10 35.86
C MET B 13 33.30 0.34 35.63
N THR B 14 34.29 0.59 34.77
CA THR B 14 34.61 1.93 34.37
C THR B 14 33.59 2.39 33.32
N LEU B 15 33.56 3.67 33.07
CA LEU B 15 32.76 4.24 31.97
C LEU B 15 33.08 3.56 30.62
N ASP B 16 34.35 3.37 30.33
CA ASP B 16 34.75 2.74 29.07
C ASP B 16 34.30 1.27 29.05
N GLU B 17 34.26 0.61 30.20
CA GLU B 17 33.85 -0.79 30.22
C GLU B 17 32.33 -0.90 30.01
N LYS B 18 31.62 0.03 30.61
CA LYS B 18 30.14 0.07 30.45
C LYS B 18 29.76 0.36 28.96
N ILE B 19 30.44 1.29 28.32
CA ILE B 19 30.19 1.67 26.91
C ILE B 19 30.41 0.46 26.01
N ALA B 20 31.52 -0.22 26.20
CA ALA B 20 31.86 -1.38 25.37
C ALA B 20 30.91 -2.53 25.60
N GLN B 21 30.32 -2.61 26.78
CA GLN B 21 29.41 -3.72 27.08
C GLN B 21 28.19 -3.64 26.18
N CYS B 22 27.96 -2.47 25.60
CA CYS B 22 26.84 -2.26 24.70
C CYS B 22 27.19 -2.43 23.24
N LEU B 23 28.35 -3.06 22.97
CA LEU B 23 28.77 -3.35 21.59
C LEU B 23 28.71 -4.82 21.21
N GLN B 24 28.15 -5.17 20.03
CA GLN B 24 28.22 -6.57 19.51
C GLN B 24 29.04 -6.68 18.23
N LEU B 25 29.99 -7.66 18.20
CA LEU B 25 30.91 -7.82 17.07
C LEU B 25 30.91 -9.23 16.51
N SER B 26 31.26 -9.35 15.22
CA SER B 26 31.44 -10.60 14.54
C SER B 26 32.63 -11.34 15.21
N PRO B 27 32.65 -12.70 15.20
CA PRO B 27 33.69 -13.45 15.95
C PRO B 27 35.15 -13.12 15.54
N PHE B 28 35.38 -12.89 14.25
CA PHE B 28 36.77 -12.68 13.77
C PHE B 28 37.36 -11.29 14.11
N LEU B 29 36.59 -10.44 14.81
CA LEU B 29 37.11 -9.23 15.44
C LEU B 29 37.74 -9.47 16.80
N PHE B 30 37.61 -10.69 17.34
CA PHE B 30 38.17 -11.02 18.64
C PHE B 30 39.41 -11.89 18.48
N LYS B 31 40.31 -11.75 19.43
CA LYS B 31 41.42 -12.67 19.56
C LYS B 31 40.87 -14.07 19.90
N GLY B 32 41.52 -15.09 19.32
CA GLY B 32 41.14 -16.50 19.60
C GLY B 32 40.07 -17.14 18.76
N THR B 33 39.53 -16.38 17.80
CA THR B 33 38.69 -16.95 16.79
C THR B 33 39.46 -18.02 16.04
N ASN B 34 38.75 -19.03 15.56
CA ASN B 34 39.44 -20.03 14.76
C ASN B 34 39.03 -19.99 13.29
N LYS B 35 38.44 -18.87 12.84
CA LYS B 35 38.03 -18.72 11.43
C LYS B 35 38.03 -17.26 10.94
N ASN B 36 38.35 -17.07 9.65
CA ASN B 36 38.40 -15.72 9.02
C ASN B 36 39.35 -14.70 9.67
N ALA B 37 40.42 -15.18 10.32
CA ALA B 37 41.34 -14.31 11.07
C ALA B 37 42.12 -13.33 10.20
N GLU B 38 42.16 -13.56 8.90
CA GLU B 38 42.77 -12.63 7.95
C GLU B 38 41.92 -11.39 7.66
N LEU B 39 40.64 -11.43 8.06
CA LEU B 39 39.75 -10.25 8.03
C LEU B 39 39.93 -9.34 9.24
N THR B 40 40.56 -9.84 10.30
CA THR B 40 40.58 -9.20 11.59
C THR B 40 41.24 -7.81 11.53
N GLY B 41 42.47 -7.77 11.08
CA GLY B 41 43.26 -6.54 11.00
C GLY B 41 42.63 -5.40 10.21
N PRO B 42 42.27 -5.64 8.94
CA PRO B 42 41.60 -4.63 8.11
C PRO B 42 40.38 -4.03 8.78
N LEU B 43 39.44 -4.89 9.18
CA LEU B 43 38.13 -4.45 9.71
C LEU B 43 38.26 -3.72 11.04
N LEU B 44 39.11 -4.22 11.93
CA LEU B 44 39.39 -3.52 13.17
C LEU B 44 39.87 -2.07 12.87
N GLN B 45 40.81 -1.92 11.93
CA GLN B 45 41.31 -0.59 11.52
C GLN B 45 40.20 0.29 10.94
N GLU B 46 39.36 -0.31 10.11
CA GLU B 46 38.27 0.40 9.45
C GLU B 46 37.17 0.89 10.37
N MET B 47 36.84 0.08 11.37
CA MET B 47 35.87 0.43 12.43
C MET B 47 36.51 1.21 13.59
N LYS B 48 37.84 1.32 13.56
CA LYS B 48 38.67 2.00 14.56
C LYS B 48 38.47 1.42 15.93
N LEU B 49 38.46 0.08 15.99
CA LEU B 49 38.34 -0.65 17.25
C LEU B 49 39.72 -0.99 17.79
N THR B 50 39.89 -0.86 19.10
CA THR B 50 41.15 -1.15 19.76
C THR B 50 40.98 -2.40 20.62
N ASP B 51 42.07 -2.87 21.22
CA ASP B 51 42.00 -3.93 22.22
C ASP B 51 41.09 -3.59 23.40
N ALA B 52 41.22 -2.37 23.91
CA ALA B 52 40.35 -1.85 24.97
C ALA B 52 38.85 -2.05 24.61
N HIS B 53 38.51 -1.85 23.35
CA HIS B 53 37.13 -2.13 22.87
C HIS B 53 36.83 -3.62 22.80
N THR B 54 37.63 -4.40 22.06
CA THR B 54 37.21 -5.81 21.86
C THR B 54 37.33 -6.66 23.12
N GLU B 55 38.27 -6.30 24.02
CA GLU B 55 38.41 -7.04 25.27
C GLU B 55 37.30 -6.74 26.24
N ASN B 56 36.48 -5.69 25.97
CA ASN B 56 35.35 -5.31 26.83
C ASN B 56 33.97 -5.30 26.06
N ALA B 57 34.00 -5.79 24.83
CA ALA B 57 32.72 -5.91 24.08
C ALA B 57 31.76 -6.78 24.81
N GLY B 58 30.47 -6.44 24.69
CA GLY B 58 29.42 -7.19 25.35
C GLY B 58 29.04 -8.52 24.71
N SER B 59 29.20 -8.65 23.38
CA SER B 59 28.57 -9.81 22.73
C SER B 59 29.21 -10.17 21.40
N VAL B 60 29.04 -11.44 21.01
CA VAL B 60 29.51 -11.94 19.72
C VAL B 60 28.29 -12.36 18.93
N LEU B 61 28.29 -12.04 17.66
CA LEU B 61 27.20 -12.43 16.76
C LEU B 61 27.79 -13.37 15.72
N GLY B 62 27.19 -14.54 15.56
CA GLY B 62 27.44 -15.38 14.43
C GLY B 62 28.72 -16.16 14.55
N SER B 63 29.00 -16.67 15.75
CA SER B 63 30.15 -17.59 15.89
C SER B 63 29.93 -18.75 14.89
N SER B 64 31.05 -19.32 14.41
CA SER B 64 31.02 -20.32 13.33
C SER B 64 30.97 -21.75 13.83
N SER B 65 31.36 -21.98 15.09
CA SER B 65 31.27 -23.28 15.74
C SER B 65 31.54 -23.22 17.26
N ALA B 66 31.38 -24.37 17.89
CA ALA B 66 31.74 -24.53 19.30
C ALA B 66 33.19 -24.11 19.55
N LEU B 67 34.06 -24.43 18.61
CA LEU B 67 35.50 -24.18 18.77
C LEU B 67 35.85 -22.71 18.63
N ASP B 68 35.09 -22.00 17.79
CA ASP B 68 35.20 -20.54 17.65
C ASP B 68 34.82 -19.94 18.99
N MET B 69 33.64 -20.30 19.47
CA MET B 69 33.11 -19.79 20.75
C MET B 69 34.10 -20.05 21.90
N ILE B 70 34.51 -21.29 22.06
CA ILE B 70 35.42 -21.62 23.18
C ILE B 70 36.73 -20.84 23.04
N GLY B 71 37.31 -20.84 21.84
CA GLY B 71 38.54 -20.08 21.56
C GLY B 71 38.45 -18.63 21.93
N ILE B 72 37.33 -18.02 21.52
CA ILE B 72 37.11 -16.60 21.75
C ILE B 72 36.79 -16.28 23.24
N GLN B 73 35.90 -17.05 23.87
CA GLN B 73 35.51 -16.84 25.25
C GLN B 73 36.76 -17.03 26.17
N GLU B 74 37.54 -18.04 25.81
CA GLU B 74 38.73 -18.40 26.62
C GLU B 74 39.73 -17.27 26.64
N ALA B 75 40.12 -16.82 25.45
CA ALA B 75 40.99 -15.67 25.27
C ALA B 75 40.40 -14.40 25.83
N TYR B 76 39.09 -14.19 25.66
CA TYR B 76 38.44 -13.00 26.22
C TYR B 76 38.51 -13.00 27.76
N LEU B 77 38.31 -14.14 28.37
CA LEU B 77 38.32 -14.21 29.84
C LEU B 77 39.73 -14.12 30.43
N LYS B 78 40.77 -14.37 29.64
CA LYS B 78 42.18 -14.13 30.06
C LYS B 78 42.44 -12.66 30.39
N THR B 79 41.91 -11.77 29.55
CA THR B 79 42.19 -10.34 29.62
C THR B 79 41.07 -9.48 30.29
N ASN B 80 39.83 -9.96 30.31
CA ASN B 80 38.75 -9.16 30.90
C ASN B 80 38.93 -8.90 32.42
N ARG B 81 38.94 -7.63 32.80
CA ARG B 81 39.31 -7.25 34.16
C ARG B 81 38.37 -7.83 35.22
N LEU B 82 37.04 -7.76 35.04
CA LEU B 82 36.06 -8.18 36.06
C LEU B 82 35.52 -9.55 35.83
N GLY B 83 35.97 -10.20 34.75
CA GLY B 83 35.52 -11.55 34.40
C GLY B 83 34.03 -11.56 33.94
N ILE B 84 33.66 -10.63 33.08
CA ILE B 84 32.28 -10.65 32.53
C ILE B 84 32.28 -11.40 31.19
N PRO B 85 31.71 -12.59 31.14
CA PRO B 85 31.81 -13.38 29.90
C PRO B 85 30.99 -12.72 28.74
N LEU B 86 31.44 -12.94 27.51
CA LEU B 86 30.64 -12.68 26.29
C LEU B 86 29.34 -13.51 26.21
N VAL B 87 28.26 -12.89 25.69
CA VAL B 87 27.09 -13.69 25.22
C VAL B 87 27.11 -13.85 23.68
N PHE B 88 26.79 -15.04 23.19
CA PHE B 88 26.94 -15.39 21.77
C PHE B 88 25.55 -15.54 21.18
N MET B 89 25.31 -14.83 20.07
CA MET B 89 23.98 -14.83 19.50
C MET B 89 24.05 -15.30 18.09
N ALA B 90 22.95 -15.86 17.59
CA ALA B 90 22.97 -16.41 16.23
C ALA B 90 21.61 -16.37 15.50
N ASP B 91 21.68 -16.43 14.15
CA ASP B 91 20.48 -16.55 13.28
C ASP B 91 20.09 -18.02 13.18
N VAL B 92 19.24 -18.47 14.09
CA VAL B 92 18.65 -19.82 14.05
C VAL B 92 17.13 -19.59 13.89
N ILE B 93 16.76 -19.62 12.61
CA ILE B 93 15.43 -19.15 12.10
C ILE B 93 14.46 -20.28 11.92
N HIS B 94 14.91 -21.37 11.32
CA HIS B 94 14.01 -22.55 11.09
C HIS B 94 14.88 -23.82 11.07
N GLY B 95 15.66 -23.90 12.13
CA GLY B 95 16.66 -24.92 12.24
C GLY B 95 18.10 -24.49 12.26
N TYR B 96 18.87 -25.32 12.94
CA TYR B 96 20.30 -25.15 12.91
C TYR B 96 21.01 -25.96 11.80
N LYS B 97 21.39 -27.23 12.10
CA LYS B 97 21.92 -28.11 11.09
C LYS B 97 20.85 -29.02 10.49
N THR B 98 19.94 -29.50 11.31
CA THR B 98 18.70 -30.05 10.85
C THR B 98 17.74 -28.88 10.49
N VAL B 99 17.57 -28.67 9.20
CA VAL B 99 16.76 -27.55 8.70
C VAL B 99 15.30 -28.00 8.56
N PHE B 100 14.42 -27.23 9.15
CA PHE B 100 13.05 -27.50 9.15
C PHE B 100 12.38 -26.59 8.06
N PRO B 101 11.11 -26.79 7.77
CA PRO B 101 10.49 -25.83 6.80
C PRO B 101 10.68 -24.37 7.23
N ILE B 102 10.72 -23.48 6.23
CA ILE B 102 10.71 -22.03 6.44
C ILE B 102 9.47 -21.63 7.26
N PRO B 103 9.57 -20.53 8.05
CA PRO B 103 8.49 -20.14 8.90
C PRO B 103 7.15 -19.98 8.24
N LEU B 104 7.13 -19.48 7.01
CA LEU B 104 5.80 -19.29 6.37
C LEU B 104 5.18 -20.65 6.12
N ALA B 105 6.01 -21.65 5.88
CA ALA B 105 5.50 -23.06 5.68
C ALA B 105 4.99 -23.55 7.04
N LEU B 106 5.77 -23.32 8.11
CA LEU B 106 5.33 -23.72 9.47
C LEU B 106 4.01 -23.00 9.79
N GLY B 107 3.84 -21.74 9.39
CA GLY B 107 2.47 -21.21 9.50
C GLY B 107 1.37 -22.05 8.91
N CYS B 108 1.57 -22.51 7.67
CA CYS B 108 0.57 -23.33 6.99
C CYS B 108 0.28 -24.67 7.71
N SER B 109 1.20 -25.10 8.59
CA SER B 109 0.87 -26.26 9.44
C SER B 109 -0.31 -26.12 10.35
N PHE B 110 -0.61 -24.88 10.78
CA PHE B 110 -1.64 -24.54 11.80
C PHE B 110 -1.45 -25.43 13.04
N ASP B 111 -0.18 -25.76 13.28
CA ASP B 111 0.15 -26.78 14.30
C ASP B 111 1.17 -26.28 15.33
N ARG B 112 0.69 -25.97 16.52
CA ARG B 112 1.51 -25.36 17.54
C ARG B 112 2.63 -26.30 17.97
N GLU B 113 2.33 -27.62 18.03
CA GLU B 113 3.32 -28.58 18.56
C GLU B 113 4.45 -28.75 17.51
N THR B 114 4.15 -28.78 16.21
CA THR B 114 5.19 -28.74 15.14
C THR B 114 6.19 -27.59 15.31
N VAL B 115 5.68 -26.41 15.59
CA VAL B 115 6.51 -25.23 15.75
C VAL B 115 7.37 -25.31 17.04
N ARG B 116 6.82 -25.87 18.12
CA ARG B 116 7.53 -25.99 19.39
C ARG B 116 8.70 -26.96 19.19
N VAL B 117 8.44 -28.06 18.46
CA VAL B 117 9.45 -29.09 18.23
C VAL B 117 10.60 -28.59 17.40
N MET B 118 10.25 -27.88 16.34
CA MET B 118 11.22 -27.25 15.51
C MET B 118 12.13 -26.37 16.36
N ALA B 119 11.53 -25.60 17.27
CA ALA B 119 12.33 -24.64 18.04
C ALA B 119 13.19 -25.39 19.09
N GLU B 120 12.65 -26.50 19.57
CA GLU B 120 13.37 -27.32 20.55
C GLU B 120 14.59 -28.01 19.96
N VAL B 121 14.45 -28.64 18.80
CA VAL B 121 15.56 -29.24 18.10
C VAL B 121 16.54 -28.17 17.71
N SER B 122 16.01 -27.03 17.27
CA SER B 122 16.90 -25.95 16.87
C SER B 122 17.84 -25.59 18.04
N ALA B 123 17.27 -25.49 19.23
CA ALA B 123 18.01 -25.03 20.42
C ALA B 123 19.00 -26.10 20.86
N LEU B 124 18.58 -27.35 20.75
CA LEU B 124 19.42 -28.49 21.13
C LEU B 124 20.68 -28.43 20.31
N GLU B 125 20.55 -28.19 18.99
CA GLU B 125 21.74 -28.16 18.09
C GLU B 125 22.54 -26.89 18.24
N ALA B 126 21.85 -25.77 18.36
CA ALA B 126 22.52 -24.47 18.43
C ALA B 126 23.38 -24.37 19.71
N THR B 127 22.79 -24.77 20.82
CA THR B 127 23.51 -24.75 22.14
C THR B 127 24.73 -25.70 22.10
N ALA B 128 24.58 -26.81 21.40
CA ALA B 128 25.66 -27.81 21.14
C ALA B 128 26.84 -27.14 20.46
N ASP B 129 26.56 -26.10 19.65
CA ASP B 129 27.61 -25.43 18.90
C ASP B 129 28.00 -24.08 19.52
N GLY B 130 27.50 -23.84 20.74
CA GLY B 130 27.98 -22.78 21.59
C GLY B 130 27.16 -21.49 21.59
N HIS B 131 26.03 -21.46 20.90
CA HIS B 131 25.19 -20.25 20.89
C HIS B 131 24.22 -20.19 22.08
N HIS B 132 24.05 -18.96 22.62
CA HIS B 132 23.21 -18.66 23.74
C HIS B 132 21.90 -17.99 23.33
N VAL B 133 21.88 -17.24 22.23
CA VAL B 133 20.63 -16.53 21.83
C VAL B 133 20.33 -16.75 20.39
N THR B 134 19.06 -16.92 20.09
CA THR B 134 18.63 -16.91 18.66
C THR B 134 17.79 -15.73 18.29
N PHE B 135 18.04 -15.21 17.09
CA PHE B 135 17.21 -14.12 16.50
C PHE B 135 15.91 -14.67 15.85
N SER B 136 15.04 -15.17 16.74
CA SER B 136 13.82 -15.84 16.41
C SER B 136 12.94 -15.84 17.67
N PRO B 137 11.63 -15.71 17.51
CA PRO B 137 10.79 -15.73 16.34
C PRO B 137 10.64 -14.34 15.61
N MET B 138 10.45 -14.38 14.28
CA MET B 138 10.12 -13.23 13.50
C MET B 138 8.61 -13.12 13.46
N LEU B 139 8.14 -12.00 13.96
CA LEU B 139 6.70 -11.85 14.22
C LEU B 139 6.02 -10.75 13.46
N ASP B 140 6.61 -10.40 12.33
CA ASP B 140 6.06 -9.32 11.50
C ASP B 140 4.84 -9.76 10.69
N LEU B 141 3.74 -9.03 10.81
CA LEU B 141 2.57 -9.37 10.07
C LEU B 141 2.90 -9.03 8.58
N VAL B 142 2.47 -9.92 7.68
CA VAL B 142 2.77 -9.74 6.25
C VAL B 142 1.50 -9.80 5.44
N ARG B 143 1.31 -8.77 4.60
CA ARG B 143 0.25 -8.75 3.61
C ARG B 143 0.73 -8.55 2.17
N ASP B 144 2.04 -8.62 1.96
CA ASP B 144 2.67 -8.19 0.67
C ASP B 144 3.73 -9.19 0.30
N PRO B 145 3.35 -10.18 -0.51
CA PRO B 145 4.28 -11.15 -0.99
C PRO B 145 5.43 -10.71 -1.95
N ARG B 146 5.48 -9.45 -2.38
CA ARG B 146 6.65 -8.93 -3.05
C ARG B 146 7.84 -8.95 -2.10
N TRP B 147 7.59 -8.76 -0.79
CA TRP B 147 8.71 -8.62 0.17
C TRP B 147 9.28 -10.01 0.36
N GLY B 148 10.58 -10.12 0.24
CA GLY B 148 11.21 -11.40 0.33
C GLY B 148 11.21 -12.04 1.74
N ARG B 149 11.07 -11.21 2.77
CA ARG B 149 11.03 -11.67 4.13
C ARG B 149 9.73 -12.24 4.60
N VAL B 150 8.73 -12.37 3.72
CA VAL B 150 7.52 -13.09 4.05
C VAL B 150 7.85 -14.56 4.44
N MET B 151 8.98 -15.12 3.95
CA MET B 151 9.29 -16.50 4.22
C MET B 151 9.58 -16.67 5.75
N GLU B 152 9.95 -15.58 6.42
CA GLU B 152 10.29 -15.61 7.88
C GLU B 152 9.11 -15.46 8.82
N SER B 153 7.98 -15.01 8.32
CA SER B 153 6.79 -14.83 9.07
C SER B 153 5.92 -16.05 8.91
N THR B 154 4.95 -16.22 9.82
CA THR B 154 3.94 -17.25 9.68
C THR B 154 2.71 -16.70 8.97
N GLY B 155 2.70 -15.43 8.51
CA GLY B 155 1.67 -15.02 7.58
C GLY B 155 0.80 -13.82 7.82
N GLU B 156 -0.37 -13.78 7.23
CA GLU B 156 -1.22 -12.62 7.32
C GLU B 156 -2.15 -12.48 8.53
N ASP B 157 -2.16 -13.43 9.45
CA ASP B 157 -3.16 -13.34 10.55
C ASP B 157 -2.49 -13.07 11.90
N PRO B 158 -2.87 -12.00 12.60
CA PRO B 158 -2.18 -11.70 13.83
C PRO B 158 -2.42 -12.80 14.88
N PHE B 159 -3.60 -13.42 14.92
CA PHE B 159 -3.80 -14.55 15.94
C PHE B 159 -2.97 -15.80 15.70
N LEU B 160 -3.02 -16.36 14.49
CA LEU B 160 -2.09 -17.42 14.19
C LEU B 160 -0.62 -17.00 14.51
N ASN B 161 -0.22 -15.81 14.08
CA ASN B 161 1.20 -15.47 14.31
C ASN B 161 1.55 -15.47 15.83
N SER B 162 0.61 -15.00 16.61
CA SER B 162 0.69 -14.84 18.10
C SER B 162 0.84 -16.20 18.70
N GLU B 163 -0.03 -17.11 18.23
CA GLU B 163 -0.02 -18.47 18.77
C GLU B 163 1.24 -19.22 18.40
N LEU B 164 1.65 -19.18 17.12
CA LEU B 164 2.88 -19.91 16.74
C LEU B 164 4.12 -19.24 17.29
N GLY B 165 4.06 -17.93 17.52
CA GLY B 165 5.17 -17.18 18.10
C GLY B 165 5.45 -17.64 19.55
N LYS B 166 4.38 -17.84 20.28
CA LYS B 166 4.48 -18.40 21.66
C LYS B 166 5.01 -19.80 21.67
N ALA B 167 4.45 -20.63 20.78
CA ALA B 167 4.96 -21.97 20.59
C ALA B 167 6.48 -21.99 20.33
N MET B 168 6.96 -21.09 19.46
CA MET B 168 8.38 -21.05 19.17
C MET B 168 9.22 -20.63 20.42
N VAL B 169 8.80 -19.57 21.09
CA VAL B 169 9.50 -19.09 22.29
C VAL B 169 9.57 -20.24 23.30
N ASP B 170 8.45 -20.93 23.49
CA ASP B 170 8.40 -22.15 24.39
C ASP B 170 9.39 -23.24 24.01
N GLY B 171 9.48 -23.57 22.71
CA GLY B 171 10.42 -24.57 22.24
C GLY B 171 11.87 -24.16 22.40
N TYR B 172 12.18 -22.88 22.21
CA TYR B 172 13.59 -22.42 22.30
C TYR B 172 14.01 -22.36 23.76
N GLN B 173 13.14 -21.82 24.60
CA GLN B 173 13.45 -21.37 25.96
C GLN B 173 13.09 -22.32 27.07
N GLY B 174 12.08 -23.15 26.82
CA GLY B 174 11.36 -23.87 27.88
C GLY B 174 11.00 -22.92 28.99
N ASP B 175 11.33 -23.27 30.23
CA ASP B 175 10.98 -22.45 31.37
C ASP B 175 12.03 -21.35 31.44
N ALA B 176 11.68 -20.13 31.03
CA ALA B 176 12.67 -19.06 30.93
C ALA B 176 13.46 -18.78 32.22
N SER B 177 12.86 -19.08 33.38
CA SER B 177 13.52 -18.82 34.69
C SER B 177 14.62 -19.86 34.96
N LYS B 178 14.68 -20.94 34.17
CA LYS B 178 15.71 -21.97 34.34
C LYS B 178 16.69 -22.07 33.20
N LEU B 179 16.90 -20.99 32.46
CA LEU B 179 17.88 -21.03 31.34
C LEU B 179 19.30 -21.11 31.88
N ASN B 180 19.49 -20.91 33.19
CA ASN B 180 20.86 -21.14 33.76
C ASN B 180 21.11 -22.63 34.03
N GLU B 181 20.02 -23.42 34.09
CA GLU B 181 20.13 -24.86 34.35
C GLU B 181 19.94 -25.67 33.10
N ASN B 182 19.03 -25.23 32.23
CA ASN B 182 18.61 -26.02 31.07
C ASN B 182 19.43 -25.60 29.84
N LEU B 183 20.63 -26.19 29.70
CA LEU B 183 21.63 -25.74 28.77
C LEU B 183 21.45 -26.21 27.31
N GLU B 184 20.41 -26.99 27.05
CA GLU B 184 20.00 -27.36 25.68
C GLU B 184 18.88 -26.42 25.18
N GLN B 185 18.37 -25.58 26.06
CA GLN B 185 17.50 -24.44 25.68
C GLN B 185 18.31 -23.15 25.61
N MET B 186 17.74 -22.15 24.93
CA MET B 186 18.46 -20.90 24.67
C MET B 186 17.51 -19.72 24.71
N ALA B 187 18.04 -18.51 24.87
CA ALA B 187 17.15 -17.35 24.84
C ALA B 187 16.60 -17.12 23.42
N ALA B 188 15.34 -16.67 23.36
CA ALA B 188 14.73 -16.22 22.11
C ALA B 188 14.80 -14.68 22.05
N CYS B 189 14.85 -14.14 20.80
CA CYS B 189 14.80 -12.74 20.53
C CYS B 189 13.67 -12.47 19.57
N VAL B 190 12.64 -11.80 20.05
CA VAL B 190 11.55 -11.34 19.19
C VAL B 190 11.98 -10.32 18.19
N LYS B 191 11.56 -10.45 16.93
CA LYS B 191 11.92 -9.45 15.95
C LYS B 191 10.75 -9.28 14.94
N HIS B 192 10.70 -8.19 14.18
CA HIS B 192 11.55 -6.95 14.26
C HIS B 192 10.61 -5.85 14.76
N PHE B 193 10.96 -5.22 15.88
CA PHE B 193 10.04 -4.34 16.54
C PHE B 193 10.11 -2.96 15.92
N ALA B 194 9.11 -2.46 15.19
CA ALA B 194 7.85 -3.05 14.82
C ALA B 194 7.41 -2.71 13.40
N ALA B 195 6.64 -3.66 12.83
CA ALA B 195 5.76 -3.50 11.67
C ALA B 195 6.59 -3.45 10.40
N TYR B 196 7.69 -4.16 10.42
CA TYR B 196 8.65 -4.18 9.34
C TYR B 196 8.06 -4.79 8.04
N GLY B 197 7.14 -5.71 8.21
CA GLY B 197 6.47 -6.37 7.12
C GLY B 197 5.59 -5.51 6.23
N ALA B 198 5.26 -4.27 6.66
CA ALA B 198 4.35 -3.40 5.90
C ALA B 198 5.11 -2.50 4.90
N ALA B 199 6.38 -2.83 4.65
CA ALA B 199 7.23 -2.11 3.73
C ALA B 199 6.48 -1.77 2.45
N GLU B 200 6.40 -0.46 2.16
CA GLU B 200 5.75 0.03 0.99
C GLU B 200 6.29 -0.62 -0.29
N ALA B 201 5.34 -1.05 -1.12
CA ALA B 201 5.55 -1.67 -2.47
C ALA B 201 6.39 -2.96 -2.41
N GLY B 202 6.37 -3.57 -1.23
CA GLY B 202 7.22 -4.71 -0.93
C GLY B 202 8.69 -4.53 -1.10
N LEU B 203 9.12 -3.28 -1.06
CA LEU B 203 10.53 -2.95 -1.27
C LEU B 203 11.37 -3.00 -0.02
N GLU B 204 12.44 -3.81 -0.05
CA GLU B 204 13.21 -3.95 1.19
C GLU B 204 13.63 -2.67 1.85
N TYR B 205 13.38 -2.60 3.16
CA TYR B 205 13.78 -1.50 4.06
C TYR B 205 12.90 -0.27 3.86
N ASN B 206 11.94 -0.39 2.99
CA ASN B 206 11.15 0.82 2.59
C ASN B 206 10.18 1.29 3.71
N THR B 207 9.68 2.53 3.52
CA THR B 207 8.74 3.20 4.39
C THR B 207 7.58 2.28 4.85
N VAL B 208 7.26 2.39 6.10
CA VAL B 208 6.07 1.80 6.70
C VAL B 208 5.21 2.96 7.24
N ASN B 209 3.92 2.95 6.97
CA ASN B 209 3.05 3.92 7.59
C ASN B 209 1.66 3.32 7.78
N MET B 210 1.12 3.53 8.97
N MET B 210 1.13 3.45 8.99
CA MET B 210 -0.20 3.08 9.32
CA MET B 210 -0.21 3.02 9.34
C MET B 210 -0.62 3.93 10.50
C MET B 210 -0.63 3.89 10.51
N SER B 211 -1.90 4.02 10.72
CA SER B 211 -2.36 4.67 11.99
C SER B 211 -1.94 3.89 13.23
N THR B 212 -1.75 4.66 14.30
CA THR B 212 -1.45 4.08 15.59
C THR B 212 -2.47 3.02 15.98
N ARG B 213 -3.75 3.28 15.69
CA ARG B 213 -4.76 2.30 16.02
C ARG B 213 -4.58 0.98 15.28
N GLU B 214 -4.13 1.06 14.01
CA GLU B 214 -3.97 -0.11 13.18
C GLU B 214 -2.71 -0.84 13.69
N LEU B 215 -1.73 -0.06 14.04
CA LEU B 215 -0.49 -0.60 14.69
C LEU B 215 -0.89 -1.47 15.89
N TYR B 216 -1.61 -0.91 16.85
CA TYR B 216 -2.04 -1.72 17.97
C TYR B 216 -2.95 -2.93 17.58
N GLN B 217 -3.92 -2.73 16.67
CA GLN B 217 -4.88 -3.78 16.38
C GLN B 217 -4.32 -5.00 15.74
N ASN B 218 -3.47 -4.78 14.73
CA ASN B 218 -2.94 -5.86 13.86
C ASN B 218 -1.40 -6.12 13.94
N TYR B 219 -0.58 -5.07 14.14
CA TYR B 219 0.86 -5.22 13.90
C TYR B 219 1.59 -5.51 15.18
N LEU B 220 1.04 -5.13 16.32
CA LEU B 220 1.69 -5.31 17.63
C LEU B 220 1.34 -6.63 18.37
N PRO B 221 0.21 -7.26 18.06
CA PRO B 221 -0.17 -8.35 19.01
C PRO B 221 0.77 -9.57 19.07
N ALA B 222 1.33 -10.03 17.92
CA ALA B 222 2.21 -11.18 18.03
C ALA B 222 3.43 -10.83 18.82
N TYR B 223 4.00 -9.62 18.67
CA TYR B 223 5.24 -9.27 19.47
C TYR B 223 4.87 -9.38 20.94
N ASN B 224 3.75 -8.83 21.29
CA ASN B 224 3.27 -8.76 22.68
C ASN B 224 3.07 -10.16 23.29
N ALA B 225 2.44 -11.07 22.53
CA ALA B 225 2.14 -12.44 22.95
C ALA B 225 3.47 -13.14 23.27
N ALA B 226 4.48 -12.91 22.43
CA ALA B 226 5.78 -13.56 22.62
C ALA B 226 6.52 -12.99 23.84
N ILE B 227 6.40 -11.69 24.03
CA ILE B 227 7.02 -10.98 25.13
C ILE B 227 6.35 -11.46 26.42
N GLN B 228 5.04 -11.51 26.45
CA GLN B 228 4.30 -12.04 27.63
C GLN B 228 4.56 -13.54 27.90
N ALA B 229 4.89 -14.29 26.86
CA ALA B 229 5.28 -15.65 27.05
C ALA B 229 6.70 -15.78 27.63
N GLY B 230 7.41 -14.68 27.78
CA GLY B 230 8.77 -14.69 28.28
C GLY B 230 9.98 -14.60 27.39
N ALA B 231 9.81 -14.19 26.14
CA ALA B 231 10.95 -13.95 25.28
C ALA B 231 12.01 -13.08 25.94
N LYS B 232 13.23 -13.56 25.98
CA LYS B 232 14.27 -12.80 26.68
C LYS B 232 14.74 -11.48 26.04
N LEU B 233 14.83 -11.43 24.70
CA LEU B 233 15.33 -10.21 24.02
C LEU B 233 14.27 -9.74 23.05
N VAL B 234 14.46 -8.50 22.61
CA VAL B 234 13.73 -7.95 21.51
C VAL B 234 14.73 -7.26 20.58
N MET B 235 14.47 -7.31 19.28
CA MET B 235 15.34 -6.62 18.27
C MET B 235 14.61 -5.49 17.59
N THR B 236 15.28 -4.35 17.38
CA THR B 236 14.65 -3.23 16.67
C THR B 236 14.48 -3.51 15.15
N ALA B 237 13.57 -2.73 14.50
CA ALA B 237 13.37 -2.85 13.08
C ALA B 237 14.11 -1.80 12.29
N PHE B 238 14.43 -2.14 11.05
CA PHE B 238 15.02 -1.21 10.08
C PHE B 238 14.08 -0.06 9.59
N ASN B 239 12.78 -0.23 9.67
CA ASN B 239 11.83 0.77 9.10
C ASN B 239 11.50 1.93 10.04
N VAL B 240 11.05 3.02 9.42
CA VAL B 240 10.35 4.03 10.20
C VAL B 240 9.02 3.46 10.76
N VAL B 241 8.58 4.00 11.89
CA VAL B 241 7.29 3.74 12.50
C VAL B 241 6.76 5.14 12.71
N ASP B 242 5.71 5.47 11.97
CA ASP B 242 5.21 6.84 11.96
C ASP B 242 6.29 7.89 11.84
N GLY B 243 7.19 7.68 10.86
CA GLY B 243 8.15 8.70 10.52
C GLY B 243 9.49 8.64 11.25
N ILE B 244 9.56 7.86 12.31
CA ILE B 244 10.73 7.82 13.16
C ILE B 244 11.32 6.41 13.10
N PRO B 245 12.57 6.31 12.59
CA PRO B 245 13.19 4.96 12.59
C PRO B 245 13.02 4.20 13.91
N ALA B 246 12.59 2.96 13.88
CA ALA B 246 12.24 2.26 15.07
C ALA B 246 13.32 2.29 16.16
N THR B 247 14.57 2.08 15.72
CA THR B 247 15.73 2.02 16.62
C THR B 247 15.83 3.24 17.54
N MET B 248 15.41 4.42 17.05
CA MET B 248 15.50 5.62 17.92
C MET B 248 14.12 6.19 18.21
N ASN B 249 13.13 5.30 18.11
CA ASN B 249 11.74 5.74 18.33
C ASN B 249 11.34 5.56 19.81
N LYS B 250 11.47 6.69 20.52
CA LYS B 250 11.38 6.70 21.98
C LYS B 250 9.98 6.27 22.44
N TRP B 251 8.92 6.76 21.79
CA TRP B 251 7.58 6.33 22.10
C TRP B 251 7.45 4.84 21.95
N LEU B 252 8.02 4.30 20.88
CA LEU B 252 7.86 2.89 20.58
C LEU B 252 8.52 1.98 21.56
N ASN B 253 9.76 2.31 21.92
CA ASN B 253 10.69 1.47 22.62
C ASN B 253 10.55 1.72 24.14
N ARG B 254 10.35 2.98 24.55
CA ARG B 254 10.16 3.26 26.01
C ARG B 254 8.73 3.18 26.43
N ASP B 255 7.86 3.89 25.73
CA ASP B 255 6.47 3.89 26.17
C ASP B 255 5.71 2.56 25.88
N VAL B 256 5.74 2.09 24.63
CA VAL B 256 5.07 0.83 24.25
C VAL B 256 5.81 -0.45 24.76
N LEU B 257 7.05 -0.64 24.36
CA LEU B 257 7.71 -1.87 24.63
C LEU B 257 8.03 -2.03 26.10
N ARG B 258 8.74 -1.09 26.65
CA ARG B 258 9.12 -1.20 28.08
C ARG B 258 8.00 -0.82 29.08
N GLY B 259 7.13 0.07 28.65
CA GLY B 259 6.05 0.55 29.46
C GLY B 259 4.79 -0.32 29.39
N GLU B 260 4.06 -0.25 28.31
CA GLU B 260 2.81 -1.03 28.16
C GLU B 260 3.06 -2.52 28.12
N MET B 261 4.13 -2.94 27.46
CA MET B 261 4.39 -4.34 27.28
C MET B 261 5.26 -4.96 28.41
N GLU B 262 5.79 -4.08 29.24
CA GLU B 262 6.55 -4.40 30.44
C GLU B 262 7.79 -5.19 30.14
N PHE B 263 8.35 -5.03 28.93
CA PHE B 263 9.60 -5.71 28.57
C PHE B 263 10.77 -5.14 29.35
N ASP B 264 11.56 -5.98 30.00
CA ASP B 264 12.71 -5.47 30.78
C ASP B 264 14.05 -6.16 30.43
N GLY B 265 14.13 -6.79 29.25
CA GLY B 265 15.34 -7.45 28.75
C GLY B 265 16.12 -6.55 27.79
N VAL B 266 17.18 -7.12 27.23
CA VAL B 266 18.03 -6.48 26.28
C VAL B 266 17.20 -6.15 25.01
N LEU B 267 17.23 -4.88 24.63
CA LEU B 267 16.84 -4.42 23.27
C LEU B 267 18.12 -4.30 22.43
N ILE B 268 18.22 -5.18 21.44
CA ILE B 268 19.30 -5.22 20.50
C ILE B 268 18.91 -4.55 19.18
N SER B 269 19.78 -3.74 18.58
CA SER B 269 19.52 -3.20 17.25
C SER B 269 19.63 -4.28 16.24
N ASP B 270 18.95 -4.07 15.13
CA ASP B 270 19.18 -4.87 13.94
C ASP B 270 20.57 -4.44 13.44
N TRP B 271 21.07 -5.11 12.44
CA TRP B 271 22.40 -4.87 11.93
C TRP B 271 22.69 -3.47 11.35
N GLY B 272 23.51 -2.71 12.05
CA GLY B 272 23.81 -1.36 11.69
C GLY B 272 22.68 -0.39 11.86
N ALA B 273 21.60 -0.83 12.52
CA ALA B 273 20.36 -0.02 12.54
C ALA B 273 20.57 1.27 13.33
N VAL B 274 21.52 1.27 14.28
CA VAL B 274 21.80 2.52 15.06
C VAL B 274 22.39 3.58 14.13
N ALA B 275 23.48 3.23 13.44
CA ALA B 275 24.18 4.12 12.53
C ALA B 275 23.21 4.57 11.39
N GLU B 276 22.35 3.65 10.97
CA GLU B 276 21.51 3.88 9.77
C GLU B 276 20.39 4.83 10.04
N VAL B 277 20.16 5.25 11.29
CA VAL B 277 19.19 6.39 11.57
C VAL B 277 19.69 7.71 10.93
N ILE B 278 21.03 7.81 10.71
CA ILE B 278 21.63 8.87 9.90
C ILE B 278 21.15 8.87 8.45
N ASN B 279 21.17 7.69 7.82
CA ASN B 279 20.70 7.55 6.47
C ASN B 279 19.22 7.92 6.37
N HIS B 280 18.41 7.54 7.34
CA HIS B 280 17.00 7.87 7.36
C HIS B 280 16.81 9.36 7.49
N GLY B 281 17.80 10.09 7.86
CA GLY B 281 17.62 11.56 7.99
C GLY B 281 17.04 11.95 9.38
N THR B 282 17.27 11.18 10.43
CA THR B 282 16.80 11.60 11.74
C THR B 282 17.89 11.74 12.84
N ALA B 283 19.12 11.59 12.42
CA ALA B 283 20.31 11.97 13.19
C ALA B 283 21.33 12.58 12.24
N ARG B 284 22.00 13.63 12.67
CA ARG B 284 22.90 14.32 11.76
C ARG B 284 24.22 13.53 11.64
N ASN B 285 24.56 12.74 12.61
CA ASN B 285 25.95 12.15 12.69
C ASN B 285 25.95 11.06 13.73
N PRO B 286 27.09 10.32 13.93
CA PRO B 286 27.07 9.22 14.90
C PRO B 286 26.88 9.67 16.36
N LYS B 287 27.26 10.90 16.73
CA LYS B 287 26.95 11.35 18.07
C LYS B 287 25.43 11.44 18.32
N GLU B 288 24.68 11.96 17.36
CA GLU B 288 23.23 12.05 17.56
C GLU B 288 22.57 10.68 17.56
N ALA B 289 22.96 9.85 16.63
CA ALA B 289 22.46 8.44 16.57
C ALA B 289 22.67 7.70 17.86
N ALA B 290 23.86 7.85 18.44
CA ALA B 290 24.12 7.29 19.76
C ALA B 290 23.16 7.85 20.84
N GLN B 291 22.98 9.17 20.84
CA GLN B 291 22.21 9.78 21.88
C GLN B 291 20.80 9.33 21.74
N PHE B 292 20.29 9.39 20.50
CA PHE B 292 18.88 9.13 20.32
C PHE B 292 18.55 7.63 20.57
N SER B 293 19.39 6.76 20.09
CA SER B 293 19.19 5.32 20.29
C SER B 293 19.31 4.95 21.79
N MET B 294 20.25 5.56 22.55
CA MET B 294 20.29 5.27 23.93
C MET B 294 19.07 5.88 24.70
N GLU B 295 18.68 7.08 24.38
CA GLU B 295 17.45 7.64 24.92
C GLU B 295 16.26 6.73 24.66
N ALA B 296 16.22 6.12 23.45
CA ALA B 296 15.16 5.15 23.16
C ALA B 296 15.32 3.82 23.83
N GLY B 297 16.47 3.51 24.50
CA GLY B 297 16.54 2.27 25.26
C GLY B 297 17.17 1.08 24.56
N VAL B 298 17.94 1.33 23.49
CA VAL B 298 18.61 0.28 22.73
C VAL B 298 19.81 -0.04 23.59
N ASP B 299 19.96 -1.29 23.99
CA ASP B 299 21.09 -1.67 24.89
C ASP B 299 22.32 -2.15 24.18
N LEU B 300 22.18 -2.63 22.94
CA LEU B 300 23.25 -3.37 22.31
C LEU B 300 23.24 -3.01 20.84
N GLU B 301 24.33 -2.46 20.39
CA GLU B 301 24.46 -1.97 19.03
C GLU B 301 25.10 -3.07 18.20
N MET B 302 24.36 -3.55 17.17
CA MET B 302 24.90 -4.62 16.33
C MET B 302 25.85 -4.17 15.23
N MET B 303 27.16 -4.40 15.46
CA MET B 303 28.18 -4.20 14.45
C MET B 303 28.35 -2.79 13.83
N THR B 304 27.96 -1.75 14.55
CA THR B 304 28.38 -0.41 14.25
C THR B 304 28.91 0.26 15.55
N THR B 305 29.47 1.45 15.41
CA THR B 305 30.39 1.99 16.44
C THR B 305 29.95 3.33 16.98
N CYS B 306 28.63 3.61 16.93
CA CYS B 306 28.15 4.87 17.39
C CYS B 306 28.35 4.96 18.89
N TYR B 307 27.95 3.91 19.57
CA TYR B 307 28.02 3.90 21.06
C TYR B 307 29.46 3.96 21.48
N ILE B 308 30.25 3.08 20.90
CA ILE B 308 31.68 2.95 21.36
C ILE B 308 32.49 4.27 21.21
N HIS B 309 32.30 5.00 20.11
CA HIS B 309 33.06 6.22 19.85
C HIS B 309 32.38 7.48 20.42
N GLU B 310 31.09 7.41 20.71
CA GLU B 310 30.34 8.62 21.07
C GLU B 310 29.78 8.73 22.48
N LEU B 311 29.51 7.63 23.18
CA LEU B 311 28.79 7.74 24.46
C LEU B 311 29.61 8.49 25.54
N LYS B 312 30.95 8.33 25.56
CA LYS B 312 31.75 8.92 26.63
C LYS B 312 31.56 10.46 26.66
N GLY B 313 31.78 11.10 25.51
CA GLY B 313 31.59 12.54 25.32
C GLY B 313 30.16 13.02 25.53
N LEU B 314 29.18 12.22 25.16
CA LEU B 314 27.79 12.57 25.48
C LEU B 314 27.54 12.58 26.98
N ILE B 315 28.12 11.66 27.68
CA ILE B 315 27.95 11.55 29.13
C ILE B 315 28.80 12.61 29.87
N GLU B 316 30.03 12.80 29.43
CA GLU B 316 30.88 13.81 30.06
C GLU B 316 30.34 15.26 29.87
N GLU B 317 29.78 15.52 28.69
CA GLU B 317 29.13 16.79 28.29
C GLU B 317 27.75 17.01 28.88
N GLY B 318 27.09 16.00 29.46
CA GLY B 318 25.79 16.25 30.07
C GLY B 318 24.59 16.11 29.15
N LYS B 319 24.84 15.73 27.91
CA LYS B 319 23.77 15.55 26.90
C LYS B 319 22.99 14.23 27.08
N LEU B 320 23.61 13.31 27.82
CA LEU B 320 23.13 12.01 28.20
C LEU B 320 23.46 11.59 29.63
N SER B 321 22.46 11.09 30.37
CA SER B 321 22.63 10.59 31.71
C SER B 321 23.35 9.27 31.71
N GLU B 322 24.38 9.20 32.51
CA GLU B 322 25.05 7.97 32.71
C GLU B 322 24.11 6.91 33.30
N ASN B 323 23.01 7.30 33.96
CA ASN B 323 22.06 6.31 34.45
C ASN B 323 21.45 5.44 33.32
N LEU B 324 21.19 6.03 32.15
CA LEU B 324 20.66 5.25 31.03
C LEU B 324 21.62 4.15 30.63
N LEU B 325 22.88 4.52 30.53
CA LEU B 325 23.95 3.51 30.28
C LEU B 325 23.95 2.41 31.35
N ASP B 326 23.76 2.75 32.63
CA ASP B 326 23.80 1.75 33.68
C ASP B 326 22.67 0.79 33.57
N GLU B 327 21.51 1.31 33.22
CA GLU B 327 20.35 0.48 32.99
C GLU B 327 20.59 -0.49 31.84
N ALA B 328 21.18 -0.02 30.74
CA ALA B 328 21.61 -0.89 29.60
C ALA B 328 22.57 -1.99 30.00
N VAL B 329 23.61 -1.59 30.72
CA VAL B 329 24.62 -2.54 31.24
C VAL B 329 23.99 -3.55 32.17
N LEU B 330 23.14 -3.10 33.10
CA LEU B 330 22.49 -4.03 33.94
C LEU B 330 21.69 -5.07 33.17
N ARG B 331 20.90 -4.65 32.17
CA ARG B 331 20.17 -5.63 31.41
C ARG B 331 21.08 -6.63 30.68
N MET B 332 22.19 -6.18 30.13
CA MET B 332 23.15 -7.09 29.51
C MET B 332 23.64 -8.11 30.57
N LEU B 333 24.08 -7.61 31.73
CA LEU B 333 24.57 -8.54 32.78
C LEU B 333 23.49 -9.51 33.27
N ASN B 334 22.25 -9.02 33.36
CA ASN B 334 21.17 -9.91 33.80
C ASN B 334 20.88 -11.00 32.79
N LEU B 335 21.03 -10.70 31.49
CA LEU B 335 20.81 -11.74 30.44
C LEU B 335 21.84 -12.85 30.65
N LYS B 336 23.05 -12.39 30.87
CA LYS B 336 24.24 -13.29 31.00
C LYS B 336 24.08 -14.18 32.22
N ASN B 337 23.61 -13.57 33.30
CA ASN B 337 23.23 -14.29 34.54
C ASN B 337 22.09 -15.26 34.34
N ASP B 338 21.04 -14.85 33.60
CA ASP B 338 19.94 -15.72 33.21
C ASP B 338 20.41 -16.99 32.46
N LEU B 339 21.49 -16.86 31.68
CA LEU B 339 22.05 -17.91 30.87
C LEU B 339 23.07 -18.78 31.65
N GLY B 340 23.43 -18.29 32.84
CA GLY B 340 24.29 -19.02 33.77
C GLY B 340 25.74 -18.78 33.51
N LEU B 341 26.05 -17.74 32.72
CA LEU B 341 27.39 -17.49 32.19
C LEU B 341 28.43 -17.19 33.28
N PHE B 342 27.99 -16.65 34.40
CA PHE B 342 28.89 -16.34 35.52
C PHE B 342 29.34 -17.59 36.28
N GLU B 343 28.57 -18.65 36.19
CA GLU B 343 28.92 -19.91 36.80
C GLU B 343 29.56 -20.76 35.76
N ASP B 344 29.02 -20.75 34.54
CA ASP B 344 29.63 -21.53 33.43
C ASP B 344 29.66 -20.72 32.10
N PRO B 345 30.78 -20.07 31.80
CA PRO B 345 30.81 -19.25 30.60
C PRO B 345 30.72 -19.96 29.26
N TYR B 346 30.86 -21.29 29.27
CA TYR B 346 30.95 -22.16 28.10
C TYR B 346 29.65 -22.88 27.87
N ARG B 347 28.68 -22.47 28.68
CA ARG B 347 27.36 -23.01 28.80
C ARG B 347 27.22 -24.50 28.43
N GLY B 348 27.91 -25.32 29.24
CA GLY B 348 27.76 -26.75 29.18
C GLY B 348 28.70 -27.48 28.26
N LEU B 349 29.57 -26.77 27.55
CA LEU B 349 30.37 -27.35 26.51
C LEU B 349 31.76 -27.77 26.99
N LYS B 350 32.25 -27.21 28.07
CA LYS B 350 33.64 -27.43 28.52
C LYS B 350 33.73 -28.86 29.03
N ASN B 351 34.69 -29.60 28.48
CA ASN B 351 34.80 -31.06 28.69
C ASN B 351 33.49 -31.84 28.42
N ASN B 352 32.63 -31.32 27.54
CA ASN B 352 31.39 -32.02 27.16
C ASN B 352 31.01 -31.70 25.72
N ASP B 353 31.67 -32.42 24.81
CA ASP B 353 31.46 -32.31 23.37
C ASP B 353 30.06 -32.79 23.00
N ARG B 354 29.19 -31.88 22.55
CA ARG B 354 27.85 -32.28 22.16
C ARG B 354 27.64 -32.46 20.66
N THR B 355 28.72 -32.61 19.87
CA THR B 355 28.66 -32.95 18.42
C THR B 355 27.65 -34.02 18.14
N LYS B 356 27.56 -34.98 19.06
CA LYS B 356 26.59 -36.08 18.97
C LYS B 356 25.10 -35.66 18.93
N ASP B 357 24.73 -34.47 19.41
CA ASP B 357 23.32 -34.01 19.45
C ASP B 357 22.90 -33.38 18.12
N ILE B 358 23.82 -33.24 17.17
CA ILE B 358 23.61 -32.45 15.94
C ILE B 358 23.36 -33.33 14.73
N LEU B 359 22.24 -33.11 14.04
CA LEU B 359 21.89 -33.86 12.83
C LEU B 359 21.67 -35.36 13.11
N THR B 360 20.94 -35.66 14.20
CA THR B 360 20.53 -37.04 14.49
C THR B 360 19.35 -37.47 13.65
N ASP B 361 19.24 -38.78 13.49
CA ASP B 361 18.05 -39.42 12.88
C ASP B 361 16.72 -39.01 13.44
N GLU B 362 16.61 -38.97 14.78
CA GLU B 362 15.41 -38.49 15.47
C GLU B 362 15.05 -37.05 15.04
N SER B 363 16.04 -36.17 15.07
CA SER B 363 15.86 -34.75 14.62
C SER B 363 15.39 -34.69 13.16
N ARG B 364 16.07 -35.43 12.30
CA ARG B 364 15.71 -35.59 10.88
C ARG B 364 14.23 -36.05 10.65
N GLY B 365 13.76 -37.05 11.43
CA GLY B 365 12.36 -37.49 11.40
C GLY B 365 11.43 -36.37 11.82
N LYS B 366 11.92 -35.57 12.80
CA LYS B 366 11.14 -34.41 13.27
C LYS B 366 11.04 -33.37 12.14
N ALA B 367 12.11 -33.10 11.45
CA ALA B 367 12.03 -32.18 10.28
C ALA B 367 11.16 -32.72 9.16
N ARG B 368 11.22 -34.03 8.84
CA ARG B 368 10.29 -34.62 7.86
C ARG B 368 8.88 -34.49 8.30
N ALA B 369 8.59 -34.75 9.58
CA ALA B 369 7.28 -34.61 10.07
C ALA B 369 6.81 -33.17 9.97
N ALA B 370 7.67 -32.20 10.28
CA ALA B 370 7.26 -30.80 10.08
C ALA B 370 6.92 -30.45 8.58
N GLY B 371 7.70 -30.95 7.63
CA GLY B 371 7.47 -30.76 6.17
C GLY B 371 6.15 -31.34 5.73
N VAL B 372 5.80 -32.56 6.18
CA VAL B 372 4.50 -33.14 5.80
C VAL B 372 3.29 -32.50 6.45
N GLU B 373 3.49 -31.85 7.60
CA GLU B 373 2.46 -31.01 8.24
C GLU B 373 2.26 -29.64 7.58
N SER B 374 3.34 -29.10 6.99
CA SER B 374 3.35 -27.73 6.45
C SER B 374 3.00 -27.56 4.97
N ALA B 375 3.23 -28.61 4.17
CA ALA B 375 2.83 -28.60 2.75
C ALA B 375 1.36 -28.34 2.58
N VAL B 376 1.00 -27.68 1.49
CA VAL B 376 -0.43 -27.41 1.24
C VAL B 376 -0.83 -28.00 -0.12
N LEU B 377 -1.83 -28.87 -0.12
CA LEU B 377 -2.33 -29.40 -1.37
C LEU B 377 -3.37 -28.47 -1.89
N LEU B 378 -3.11 -27.90 -3.08
CA LEU B 378 -3.94 -26.79 -3.62
C LEU B 378 -4.93 -27.26 -4.65
N GLU B 379 -4.54 -28.25 -5.44
CA GLU B 379 -5.42 -28.82 -6.46
C GLU B 379 -5.21 -30.29 -6.49
N ASN B 380 -6.29 -31.03 -6.76
CA ASN B 380 -6.11 -32.52 -6.96
C ASN B 380 -7.30 -32.97 -7.71
N LYS B 381 -7.26 -32.80 -9.00
CA LYS B 381 -8.42 -33.02 -9.85
C LYS B 381 -8.44 -34.53 -10.17
N SER B 382 -9.55 -35.17 -9.93
CA SER B 382 -9.71 -36.59 -10.27
C SER B 382 -8.82 -37.57 -9.53
N ARG B 383 -8.47 -37.33 -8.26
CA ARG B 383 -7.80 -38.41 -7.51
C ARG B 383 -6.50 -38.76 -8.19
N LEU B 384 -5.86 -37.79 -8.86
CA LEU B 384 -4.53 -38.07 -9.36
C LEU B 384 -3.71 -38.51 -8.16
N LEU B 385 -3.76 -37.75 -7.06
CA LEU B 385 -2.93 -38.04 -5.85
C LEU B 385 -3.82 -38.70 -4.83
N PRO B 386 -3.27 -39.60 -4.04
CA PRO B 386 -1.88 -40.11 -4.07
C PRO B 386 -1.54 -41.02 -5.30
N LEU B 387 -0.27 -40.98 -5.73
CA LEU B 387 0.23 -41.86 -6.76
C LEU B 387 0.46 -43.28 -6.16
N ALA B 388 0.12 -44.35 -6.89
CA ALA B 388 0.52 -45.72 -6.54
C ALA B 388 2.06 -45.83 -6.55
N LYS B 389 2.64 -46.62 -5.67
CA LYS B 389 4.07 -46.78 -5.77
C LYS B 389 4.55 -47.42 -7.05
N GLU B 390 3.69 -48.06 -7.83
CA GLU B 390 4.17 -48.61 -9.16
C GLU B 390 4.02 -47.59 -10.31
N ALA B 391 3.51 -46.41 -9.99
CA ALA B 391 3.26 -45.41 -11.00
C ALA B 391 4.58 -45.01 -11.63
N LYS B 392 4.64 -44.96 -12.96
CA LYS B 392 5.85 -44.66 -13.70
C LYS B 392 5.87 -43.13 -13.85
N ILE B 393 6.89 -42.55 -13.22
CA ILE B 393 7.10 -41.08 -13.01
C ILE B 393 8.15 -40.45 -13.95
N ALA B 394 7.67 -39.51 -14.74
CA ALA B 394 8.58 -38.62 -15.38
C ALA B 394 8.73 -37.43 -14.40
N LEU B 395 9.93 -37.24 -13.89
CA LEU B 395 10.20 -36.14 -12.94
C LEU B 395 10.94 -35.07 -13.75
N VAL B 396 10.32 -33.90 -13.96
CA VAL B 396 10.93 -32.86 -14.82
C VAL B 396 10.86 -31.48 -14.17
N GLY B 397 11.79 -30.65 -14.57
CA GLY B 397 11.90 -29.26 -14.06
C GLY B 397 13.11 -28.91 -13.27
N PRO B 398 13.21 -27.61 -12.92
CA PRO B 398 14.32 -27.14 -12.21
C PRO B 398 14.45 -27.61 -10.77
N LEU B 399 13.38 -28.07 -10.14
CA LEU B 399 13.44 -28.61 -8.80
C LEU B 399 13.57 -30.15 -8.79
N ALA B 400 13.79 -30.76 -9.94
CA ALA B 400 13.92 -32.23 -9.98
C ALA B 400 15.15 -32.73 -9.22
N THR B 401 16.28 -32.03 -9.40
CA THR B 401 17.56 -32.44 -8.82
C THR B 401 18.25 -31.32 -8.04
N SER B 402 17.67 -30.15 -8.07
CA SER B 402 18.29 -29.01 -7.40
C SER B 402 18.40 -29.24 -5.89
N PRO B 403 19.56 -28.90 -5.34
CA PRO B 403 19.74 -29.08 -3.90
C PRO B 403 19.20 -27.91 -3.09
N ASP B 404 18.76 -26.88 -3.82
CA ASP B 404 18.23 -25.65 -3.19
C ASP B 404 16.82 -25.78 -2.67
N ILE B 405 16.72 -26.54 -1.60
CA ILE B 405 15.45 -26.83 -0.99
C ILE B 405 15.48 -26.52 0.51
N LEU B 406 16.59 -25.98 1.04
CA LEU B 406 16.73 -25.77 2.49
C LEU B 406 16.08 -24.45 2.84
N GLY B 407 15.92 -23.53 1.88
CA GLY B 407 15.26 -22.30 2.21
C GLY B 407 16.23 -21.17 2.41
N GLY B 408 15.69 -19.97 2.43
CA GLY B 408 16.54 -18.87 2.86
C GLY B 408 16.65 -18.79 4.41
N TRP B 409 17.48 -17.86 4.86
CA TRP B 409 17.77 -17.75 6.31
C TRP B 409 18.22 -19.12 6.87
N ASN B 410 19.06 -19.75 6.06
CA ASN B 410 19.74 -20.99 6.41
C ASN B 410 21.25 -20.69 6.56
N VAL B 411 21.66 -20.27 7.74
CA VAL B 411 23.00 -19.75 7.96
C VAL B 411 24.01 -20.89 8.21
N TYR B 412 23.53 -22.01 8.75
CA TYR B 412 24.38 -23.11 9.24
C TYR B 412 24.09 -24.45 8.57
N GLY B 413 22.96 -24.59 7.86
CA GLY B 413 22.59 -25.90 7.28
C GLY B 413 23.31 -26.11 5.94
N GLU B 414 23.69 -27.35 5.64
CA GLU B 414 24.46 -27.63 4.41
C GLU B 414 23.66 -28.43 3.41
N GLU B 415 23.75 -28.01 2.14
CA GLU B 415 22.96 -28.65 1.07
C GLU B 415 23.43 -30.10 0.87
N LYS B 416 24.70 -30.34 1.16
CA LYS B 416 25.21 -31.72 1.10
C LYS B 416 24.38 -32.65 1.98
N ASP B 417 23.89 -32.20 3.13
CA ASP B 417 23.05 -33.06 4.01
C ASP B 417 21.57 -33.17 3.54
N GLY B 418 21.15 -32.40 2.53
CA GLY B 418 19.72 -32.36 2.20
C GLY B 418 19.34 -33.45 1.17
N ILE B 419 18.07 -33.77 1.09
CA ILE B 419 17.56 -34.79 0.18
C ILE B 419 16.80 -34.08 -0.93
N ASN B 420 17.30 -34.20 -2.16
CA ASN B 420 16.64 -33.64 -3.32
C ASN B 420 15.46 -34.49 -3.78
N VAL B 421 14.65 -33.94 -4.70
CA VAL B 421 13.42 -34.53 -5.00
C VAL B 421 13.60 -35.93 -5.70
N GLU B 422 14.48 -36.03 -6.67
CA GLU B 422 14.82 -37.31 -7.28
C GLU B 422 15.24 -38.35 -6.23
N THR B 423 16.17 -38.01 -5.35
CA THR B 423 16.64 -38.98 -4.36
C THR B 423 15.46 -39.47 -3.53
N GLY B 424 14.64 -38.52 -3.07
CA GLY B 424 13.46 -38.77 -2.29
C GLY B 424 12.51 -39.70 -3.04
N LEU B 425 12.20 -39.37 -4.27
CA LEU B 425 11.25 -40.15 -5.06
C LEU B 425 11.84 -41.54 -5.33
N ARG B 426 13.12 -41.64 -5.58
CA ARG B 426 13.69 -43.00 -5.87
C ARG B 426 13.65 -43.95 -4.68
N GLU B 427 13.56 -43.43 -3.46
CA GLU B 427 13.31 -44.27 -2.27
C GLU B 427 11.93 -44.91 -2.24
N VAL B 428 10.97 -44.33 -2.94
CA VAL B 428 9.60 -44.78 -2.86
C VAL B 428 9.13 -45.49 -4.15
N PHE B 429 9.49 -44.91 -5.31
CA PHE B 429 9.03 -45.30 -6.64
C PHE B 429 10.13 -46.02 -7.39
N GLU B 430 9.72 -47.09 -8.07
CA GLU B 430 10.68 -47.98 -8.72
C GLU B 430 11.04 -47.42 -10.06
N THR B 431 10.07 -46.77 -10.74
CA THR B 431 10.30 -46.21 -12.08
C THR B 431 10.11 -44.67 -12.09
N VAL B 432 11.27 -43.99 -12.23
CA VAL B 432 11.49 -42.56 -12.37
C VAL B 432 12.46 -42.25 -13.50
N GLU B 433 12.01 -41.46 -14.46
CA GLU B 433 12.91 -40.90 -15.45
C GLU B 433 13.00 -39.39 -15.24
N VAL B 434 14.22 -38.89 -15.17
CA VAL B 434 14.47 -37.51 -14.73
C VAL B 434 14.90 -36.67 -15.87
N VAL B 435 14.32 -35.47 -16.01
CA VAL B 435 14.87 -34.48 -16.95
C VAL B 435 14.91 -33.15 -16.19
N SER B 436 16.13 -32.77 -15.82
CA SER B 436 16.36 -31.51 -15.12
C SER B 436 16.35 -30.39 -16.15
N THR B 437 15.80 -29.24 -15.78
CA THR B 437 15.96 -28.07 -16.65
C THR B 437 16.44 -26.92 -15.72
N GLU B 438 16.84 -25.82 -16.33
CA GLU B 438 17.34 -24.65 -15.63
C GLU B 438 16.22 -23.80 -15.07
N TYR B 439 16.55 -22.96 -14.10
CA TYR B 439 15.49 -22.19 -13.47
C TYR B 439 14.86 -21.14 -14.36
N THR B 440 15.56 -20.61 -15.34
CA THR B 440 15.08 -19.45 -16.11
C THR B 440 15.09 -19.58 -17.62
N GLU B 441 15.31 -20.80 -18.10
CA GLU B 441 15.40 -21.13 -19.51
C GLU B 441 14.57 -22.36 -19.81
N LEU B 442 14.07 -22.48 -21.04
CA LEU B 442 13.46 -23.65 -21.57
C LEU B 442 13.96 -23.83 -23.01
N SER B 443 14.94 -24.74 -23.24
CA SER B 443 15.54 -24.88 -24.57
C SER B 443 14.73 -25.87 -25.43
N GLU B 444 15.02 -25.84 -26.72
CA GLU B 444 14.45 -26.80 -27.67
C GLU B 444 14.90 -28.18 -27.27
N GLU B 445 16.15 -28.29 -26.83
CA GLU B 445 16.74 -29.54 -26.45
C GLU B 445 16.05 -30.08 -25.17
N ASP B 446 15.75 -29.19 -24.21
CA ASP B 446 14.93 -29.55 -23.03
C ASP B 446 13.60 -30.13 -23.43
N LYS B 447 12.87 -29.51 -24.36
CA LYS B 447 11.56 -29.94 -24.70
C LYS B 447 11.58 -31.34 -25.35
N VAL B 448 12.59 -31.60 -26.17
CA VAL B 448 12.75 -32.96 -26.77
C VAL B 448 12.94 -34.01 -25.69
N ALA B 449 13.82 -33.73 -24.72
CA ALA B 449 14.11 -34.62 -23.61
C ALA B 449 12.91 -34.85 -22.72
N VAL B 450 12.17 -33.78 -22.40
CA VAL B 450 10.94 -33.86 -21.63
C VAL B 450 9.90 -34.70 -22.34
N LYS B 451 9.74 -34.47 -23.62
CA LYS B 451 8.73 -35.20 -24.42
C LYS B 451 9.02 -36.67 -24.42
N ALA B 452 10.30 -37.01 -24.60
CA ALA B 452 10.71 -38.41 -24.58
C ALA B 452 10.43 -39.06 -23.20
N ALA B 453 10.74 -38.41 -22.07
CA ALA B 453 10.50 -39.01 -20.74
C ALA B 453 9.06 -39.19 -20.41
N VAL B 454 8.26 -38.16 -20.72
CA VAL B 454 6.84 -38.25 -20.52
C VAL B 454 6.20 -39.35 -21.35
N GLN B 455 6.60 -39.47 -22.61
CA GLN B 455 6.12 -40.55 -23.49
C GLN B 455 6.40 -41.92 -22.90
N ASN B 456 7.56 -42.12 -22.32
CA ASN B 456 7.88 -43.36 -21.63
C ASN B 456 7.05 -43.64 -20.34
N MET B 457 6.74 -42.61 -19.56
CA MET B 457 6.15 -42.82 -18.22
C MET B 457 4.63 -42.63 -18.20
N ASP B 458 3.97 -42.74 -17.05
CA ASP B 458 2.49 -42.58 -17.03
C ASP B 458 1.97 -41.24 -16.38
N VAL B 459 2.78 -40.67 -15.52
CA VAL B 459 2.39 -39.39 -14.87
C VAL B 459 3.60 -38.49 -14.79
N VAL B 460 3.36 -37.20 -14.74
CA VAL B 460 4.46 -36.25 -14.77
C VAL B 460 4.48 -35.65 -13.39
N VAL B 461 5.65 -35.64 -12.75
CA VAL B 461 5.91 -34.81 -11.55
C VAL B 461 6.77 -33.64 -12.07
N LEU B 462 6.12 -32.50 -12.15
CA LEU B 462 6.71 -31.28 -12.68
C LEU B 462 7.11 -30.41 -11.47
N ALA B 463 8.41 -30.38 -11.19
CA ALA B 463 8.95 -29.73 -10.01
C ALA B 463 9.49 -28.37 -10.41
N LEU B 464 8.78 -27.35 -9.98
CA LEU B 464 9.11 -25.97 -10.28
C LEU B 464 9.39 -25.19 -9.02
N GLY B 465 9.97 -24.02 -9.16
CA GLY B 465 10.24 -23.21 -7.96
C GLY B 465 11.28 -22.09 -8.08
N GLU B 466 11.46 -21.40 -6.92
CA GLU B 466 12.36 -20.26 -6.83
C GLU B 466 13.68 -20.72 -6.28
N LYS B 467 14.74 -20.08 -6.69
CA LYS B 467 16.02 -20.08 -5.92
C LYS B 467 15.78 -19.36 -4.64
N ASN B 468 16.43 -19.83 -3.59
CA ASN B 468 16.16 -19.22 -2.31
C ASN B 468 16.69 -17.75 -2.30
N GLU B 469 17.67 -17.42 -3.15
CA GLU B 469 18.16 -16.08 -3.24
C GLU B 469 17.16 -15.05 -3.80
N TRP B 470 16.05 -15.50 -4.38
CA TRP B 470 15.01 -14.59 -4.86
C TRP B 470 14.07 -14.12 -3.75
N GLY B 471 14.30 -14.59 -2.52
CA GLY B 471 13.63 -14.07 -1.37
C GLY B 471 14.59 -13.93 -0.24
N GLY B 472 14.02 -13.89 0.99
CA GLY B 472 14.81 -13.55 2.13
C GLY B 472 15.10 -12.07 2.16
N GLU B 473 15.99 -11.64 3.04
CA GLU B 473 16.32 -10.22 3.14
C GLU B 473 16.91 -9.68 1.82
N ALA B 474 16.31 -8.57 1.38
CA ALA B 474 16.73 -7.82 0.20
C ALA B 474 16.58 -8.64 -1.09
N GLY B 475 15.57 -9.51 -1.03
CA GLY B 475 15.04 -10.27 -2.14
C GLY B 475 13.59 -9.88 -2.44
N SER B 476 13.43 -8.60 -2.81
CA SER B 476 12.14 -8.05 -3.23
C SER B 476 11.90 -8.30 -4.70
N LEU B 477 10.73 -8.82 -5.06
CA LEU B 477 10.31 -8.97 -6.44
C LEU B 477 9.11 -8.10 -6.66
N ALA B 478 9.22 -7.19 -7.62
CA ALA B 478 8.07 -6.43 -8.01
C ALA B 478 6.95 -7.25 -8.63
N THR B 479 7.22 -8.34 -9.34
CA THR B 479 6.21 -9.14 -9.97
C THR B 479 6.33 -10.54 -9.32
N ILE B 480 5.33 -10.96 -8.58
CA ILE B 480 5.44 -12.22 -7.79
C ILE B 480 5.13 -13.47 -8.67
N ARG B 481 5.98 -13.74 -9.66
CA ARG B 481 5.83 -14.81 -10.59
C ARG B 481 7.15 -15.58 -10.63
N LEU B 482 7.07 -16.84 -11.00
CA LEU B 482 8.32 -17.59 -11.34
C LEU B 482 8.85 -17.05 -12.61
N PRO B 483 10.10 -17.36 -12.96
CA PRO B 483 10.63 -17.06 -14.31
C PRO B 483 9.65 -17.55 -15.43
N GLU B 484 9.47 -16.75 -16.46
CA GLU B 484 8.54 -17.11 -17.49
C GLU B 484 8.82 -18.49 -18.10
N ALA B 485 10.08 -18.93 -18.13
CA ALA B 485 10.37 -20.24 -18.67
C ALA B 485 9.72 -21.37 -17.92
N GLN B 486 9.50 -21.19 -16.60
CA GLN B 486 8.77 -22.20 -15.84
C GLN B 486 7.28 -22.35 -16.19
N TYR B 487 6.60 -21.21 -16.38
CA TYR B 487 5.24 -21.22 -16.81
C TYR B 487 5.17 -21.82 -18.26
N GLN B 488 6.16 -21.53 -19.09
CA GLN B 488 6.16 -22.06 -20.47
C GLN B 488 6.34 -23.61 -20.36
N LEU B 489 7.16 -24.07 -19.43
CA LEU B 489 7.37 -25.50 -19.18
C LEU B 489 6.10 -26.17 -18.77
N ALA B 490 5.37 -25.54 -17.87
CA ALA B 490 4.12 -26.13 -17.39
C ALA B 490 3.11 -26.21 -18.59
N LYS B 491 3.13 -25.16 -19.42
CA LYS B 491 2.21 -25.13 -20.63
C LYS B 491 2.62 -26.27 -21.60
N PHE B 492 3.92 -26.44 -21.87
CA PHE B 492 4.40 -27.48 -22.75
C PHE B 492 4.02 -28.86 -22.27
N VAL B 493 4.28 -29.16 -20.99
CA VAL B 493 3.97 -30.44 -20.40
C VAL B 493 2.54 -30.81 -20.49
N GLN B 494 1.67 -29.83 -20.23
CA GLN B 494 0.25 -30.02 -20.39
C GLN B 494 -0.15 -30.60 -21.77
N THR B 495 0.55 -30.19 -22.84
CA THR B 495 0.26 -30.65 -24.19
C THR B 495 0.54 -32.12 -24.43
N LEU B 496 1.31 -32.78 -23.56
CA LEU B 496 1.79 -34.17 -23.80
C LEU B 496 0.80 -35.35 -23.47
N GLY B 497 -0.34 -35.00 -22.95
CA GLY B 497 -1.39 -35.95 -22.77
C GLY B 497 -1.42 -36.75 -21.51
N LYS B 498 -0.49 -36.53 -20.56
CA LYS B 498 -0.43 -37.35 -19.37
C LYS B 498 -0.78 -36.54 -18.14
N PRO B 499 -1.29 -37.18 -17.09
CA PRO B 499 -1.55 -36.36 -15.87
C PRO B 499 -0.32 -35.78 -15.27
N VAL B 500 -0.54 -34.54 -14.76
CA VAL B 500 0.53 -33.73 -14.27
C VAL B 500 0.28 -33.33 -12.80
N VAL B 501 1.26 -33.61 -11.94
CA VAL B 501 1.26 -33.00 -10.63
C VAL B 501 2.44 -32.02 -10.59
N ILE B 502 2.15 -30.77 -10.22
CA ILE B 502 3.16 -29.78 -10.01
C ILE B 502 3.53 -29.71 -8.55
N THR B 503 4.81 -29.93 -8.25
CA THR B 503 5.30 -29.82 -6.91
C THR B 503 6.12 -28.49 -6.83
N LEU B 504 5.58 -27.50 -6.14
CA LEU B 504 6.09 -26.12 -6.14
C LEU B 504 6.92 -25.79 -4.90
N PHE B 505 8.18 -25.34 -5.12
CA PHE B 505 9.11 -24.94 -4.09
C PHE B 505 9.39 -23.42 -4.14
N ASN B 506 9.12 -22.75 -3.03
CA ASN B 506 9.19 -21.31 -3.00
C ASN B 506 9.05 -20.76 -1.61
N GLY B 507 9.38 -19.45 -1.48
CA GLY B 507 9.39 -18.75 -0.19
C GLY B 507 8.36 -17.64 -0.07
N ARG B 508 7.52 -17.48 -1.08
CA ARG B 508 6.43 -16.48 -1.06
C ARG B 508 5.22 -16.95 -1.83
N PRO B 509 4.06 -16.43 -1.51
CA PRO B 509 2.98 -16.59 -2.46
C PRO B 509 3.45 -16.17 -3.88
N LEU B 510 2.92 -16.83 -4.89
CA LEU B 510 3.24 -16.52 -6.29
C LEU B 510 1.91 -16.52 -7.05
N GLU B 511 1.94 -15.97 -8.25
CA GLU B 511 0.83 -16.06 -9.20
C GLU B 511 0.82 -17.52 -9.77
N VAL B 512 -0.07 -18.34 -9.26
CA VAL B 512 -0.12 -19.76 -9.65
C VAL B 512 -1.33 -20.18 -10.46
N LYS B 513 -2.22 -19.25 -10.77
CA LYS B 513 -3.33 -19.60 -11.66
C LYS B 513 -2.91 -20.37 -12.92
N GLU B 514 -1.84 -19.93 -13.61
CA GLU B 514 -1.39 -20.54 -14.84
C GLU B 514 -0.86 -21.94 -14.54
N LEU B 515 -0.37 -22.19 -13.33
CA LEU B 515 0.03 -23.50 -12.96
C LEU B 515 -1.20 -24.45 -12.67
N ALA B 516 -2.07 -24.00 -11.79
CA ALA B 516 -3.29 -24.72 -11.46
C ALA B 516 -4.00 -25.09 -12.75
N GLU B 517 -4.10 -24.12 -13.66
CA GLU B 517 -4.80 -24.43 -14.92
C GLU B 517 -4.06 -25.31 -15.90
N SER B 518 -2.78 -25.50 -15.73
CA SER B 518 -1.99 -26.29 -16.66
C SER B 518 -1.65 -27.74 -16.10
N SER B 519 -2.21 -28.07 -14.93
CA SER B 519 -1.94 -29.31 -14.31
C SER B 519 -3.22 -29.90 -13.66
N ASP B 520 -3.10 -31.18 -13.27
CA ASP B 520 -4.20 -31.87 -12.59
C ASP B 520 -4.10 -31.75 -11.09
N ALA B 521 -2.88 -31.67 -10.55
CA ALA B 521 -2.71 -31.47 -9.14
C ALA B 521 -1.54 -30.46 -8.92
N LEU B 522 -1.58 -29.81 -7.76
CA LEU B 522 -0.65 -28.74 -7.38
C LEU B 522 -0.41 -28.84 -5.88
N LEU B 523 0.82 -29.10 -5.48
CA LEU B 523 1.16 -29.35 -4.07
C LEU B 523 2.26 -28.27 -3.75
N GLU B 524 1.94 -27.43 -2.81
CA GLU B 524 2.83 -26.31 -2.38
C GLU B 524 3.71 -26.84 -1.27
N LEU B 525 4.98 -27.07 -1.54
CA LEU B 525 5.86 -27.60 -0.53
C LEU B 525 6.64 -26.52 0.23
N TRP B 526 6.57 -25.30 -0.28
CA TRP B 526 7.43 -24.20 0.21
C TRP B 526 8.88 -24.62 0.10
N PHE B 527 9.65 -24.40 1.16
CA PHE B 527 10.97 -25.00 1.18
C PHE B 527 10.99 -25.89 2.45
N PRO B 528 10.95 -27.25 2.27
CA PRO B 528 10.72 -28.03 3.52
C PRO B 528 11.92 -28.23 4.40
N GLY B 529 13.10 -27.99 3.89
CA GLY B 529 14.34 -28.11 4.66
C GLY B 529 15.09 -29.41 4.32
N THR B 530 15.80 -29.94 5.31
CA THR B 530 16.77 -31.02 5.11
C THR B 530 16.17 -32.26 4.45
N GLU B 531 14.93 -32.55 4.83
CA GLU B 531 14.26 -33.77 4.41
C GLU B 531 13.32 -33.55 3.22
N ALA B 532 13.54 -32.44 2.48
CA ALA B 532 12.59 -32.04 1.41
C ALA B 532 12.19 -33.19 0.49
N GLY B 533 13.13 -33.96 -0.06
CA GLY B 533 12.75 -34.94 -1.11
C GLY B 533 11.89 -36.06 -0.53
N ARG B 534 12.11 -36.39 0.75
CA ARG B 534 11.32 -37.43 1.45
C ARG B 534 9.94 -36.86 1.76
N VAL B 535 9.88 -35.58 2.13
CA VAL B 535 8.57 -34.91 2.37
C VAL B 535 7.68 -35.03 1.14
N THR B 536 8.28 -34.72 0.00
CA THR B 536 7.58 -34.69 -1.29
C THR B 536 7.11 -36.16 -1.63
N ALA B 537 8.02 -37.11 -1.51
CA ALA B 537 7.74 -38.52 -1.87
C ALA B 537 6.66 -39.09 -0.96
N ASP B 538 6.73 -38.85 0.36
CA ASP B 538 5.68 -39.27 1.23
C ASP B 538 4.32 -38.68 0.92
N LEU B 539 4.23 -37.37 0.65
CA LEU B 539 2.94 -36.81 0.32
C LEU B 539 2.36 -37.31 -1.03
N LEU B 540 3.22 -37.41 -2.03
CA LEU B 540 2.83 -37.88 -3.36
C LEU B 540 2.32 -39.33 -3.36
N SER B 541 2.98 -40.16 -2.57
CA SER B 541 2.62 -41.60 -2.47
C SER B 541 1.53 -41.89 -1.47
N GLY B 542 1.20 -40.88 -0.62
CA GLY B 542 0.19 -40.99 0.39
C GLY B 542 0.67 -41.68 1.65
N ALA B 543 1.97 -41.85 1.82
CA ALA B 543 2.55 -42.34 3.10
C ALA B 543 2.12 -41.31 4.15
N SER B 544 2.04 -40.02 3.69
CA SER B 544 1.49 -38.91 4.45
C SER B 544 0.39 -38.24 3.66
N ASN B 545 -0.59 -37.77 4.43
CA ASN B 545 -1.76 -37.14 3.84
C ASN B 545 -1.64 -35.61 4.04
N PRO B 546 -1.63 -34.82 2.91
CA PRO B 546 -1.47 -33.33 3.06
C PRO B 546 -2.48 -32.78 4.02
N SER B 547 -2.07 -31.87 4.94
CA SER B 547 -2.99 -31.30 5.94
C SER B 547 -2.73 -29.83 6.26
N GLY B 548 -1.81 -29.20 5.50
CA GLY B 548 -1.51 -27.74 5.64
C GLY B 548 -2.62 -26.91 5.00
N LYS B 549 -2.69 -25.65 5.39
CA LYS B 549 -3.74 -24.72 4.94
C LYS B 549 -2.95 -23.39 4.78
N LEU B 550 -3.36 -22.55 3.82
CA LEU B 550 -2.62 -21.37 3.55
C LEU B 550 -2.69 -20.41 4.72
N SER B 551 -1.54 -19.95 5.18
CA SER B 551 -1.45 -18.86 6.15
C SER B 551 -1.29 -17.47 5.52
N MET B 552 -1.26 -17.43 4.17
CA MET B 552 -1.14 -16.19 3.43
C MET B 552 -1.90 -16.38 2.12
N SER B 553 -2.71 -15.40 1.75
CA SER B 553 -3.51 -15.39 0.55
C SER B 553 -2.65 -15.42 -0.70
N PHE B 554 -3.13 -16.14 -1.69
CA PHE B 554 -2.41 -16.23 -3.01
C PHE B 554 -3.13 -15.33 -4.01
N PRO B 555 -2.54 -14.16 -4.33
CA PRO B 555 -3.27 -13.23 -5.18
C PRO B 555 -3.53 -13.74 -6.61
N GLN B 556 -4.59 -13.20 -7.20
CA GLN B 556 -4.89 -13.43 -8.57
C GLN B 556 -3.75 -12.97 -9.47
N THR B 557 -3.14 -11.82 -9.10
CA THR B 557 -2.10 -11.16 -9.88
C THR B 557 -1.46 -10.13 -8.94
N THR B 558 -0.23 -9.75 -9.26
CA THR B 558 0.62 -8.88 -8.48
C THR B 558 -0.15 -7.61 -8.06
N GLY B 559 -0.88 -7.02 -9.01
CA GLY B 559 -1.62 -5.79 -8.75
C GLY B 559 -2.86 -5.91 -7.83
N GLN B 560 -3.22 -7.13 -7.39
CA GLN B 560 -4.24 -7.26 -6.32
C GLN B 560 -3.68 -6.99 -4.92
N ILE B 561 -2.36 -6.93 -4.85
CA ILE B 561 -1.72 -6.79 -3.54
C ILE B 561 -1.89 -5.39 -2.93
N PRO B 562 -2.24 -5.29 -1.64
CA PRO B 562 -2.53 -6.33 -0.68
C PRO B 562 -3.94 -6.88 -0.67
N VAL B 563 -3.99 -8.19 -0.62
CA VAL B 563 -5.21 -8.94 -0.52
C VAL B 563 -5.12 -9.93 0.64
N TYR B 564 -6.16 -9.96 1.48
CA TYR B 564 -6.05 -10.66 2.76
C TYR B 564 -7.43 -10.89 3.30
N TYR B 565 -7.59 -11.97 4.09
CA TYR B 565 -8.96 -12.44 4.44
C TYR B 565 -9.69 -11.53 5.39
N ASN B 566 -8.95 -10.91 6.28
CA ASN B 566 -9.46 -10.07 7.31
C ASN B 566 -9.58 -8.62 6.92
N HIS B 567 -10.45 -8.37 5.93
CA HIS B 567 -10.51 -7.08 5.34
C HIS B 567 -11.80 -6.39 5.72
N LEU B 568 -11.82 -5.07 5.56
CA LEU B 568 -13.02 -4.27 5.81
C LEU B 568 -14.04 -4.44 4.66
N ARG B 569 -15.26 -4.11 4.98
CA ARG B 569 -16.35 -4.31 4.07
C ARG B 569 -16.43 -3.26 2.98
N THR B 570 -16.03 -2.00 3.27
CA THR B 570 -16.24 -0.80 2.47
C THR B 570 -17.72 -0.45 2.51
N GLY B 571 -17.99 0.75 1.97
CA GLY B 571 -19.36 1.29 1.80
C GLY B 571 -20.12 0.64 0.70
N ARG B 572 -19.43 -0.04 -0.23
CA ARG B 572 -20.08 -0.61 -1.41
C ARG B 572 -19.49 -2.02 -1.70
N PRO B 573 -19.73 -2.96 -0.80
CA PRO B 573 -19.28 -4.31 -0.98
C PRO B 573 -20.00 -5.01 -2.17
N GLN B 574 -19.22 -5.85 -2.81
CA GLN B 574 -19.73 -6.71 -3.84
C GLN B 574 -20.50 -7.80 -3.09
N THR B 575 -21.73 -8.01 -3.52
CA THR B 575 -22.65 -9.00 -2.97
C THR B 575 -23.04 -9.94 -4.15
N PRO B 576 -23.41 -11.18 -3.84
CA PRO B 576 -24.06 -11.94 -4.92
C PRO B 576 -25.24 -11.19 -5.59
N GLU B 577 -25.99 -10.37 -4.84
CA GLU B 577 -27.14 -9.63 -5.41
C GLU B 577 -26.85 -8.35 -6.15
N ASN B 578 -25.57 -7.92 -6.23
CA ASN B 578 -25.19 -6.73 -7.05
C ASN B 578 -24.09 -7.01 -8.05
N LYS B 579 -23.65 -8.25 -8.10
CA LYS B 579 -22.50 -8.53 -8.95
C LYS B 579 -22.96 -8.18 -10.36
N GLY B 580 -22.01 -7.74 -11.20
CA GLY B 580 -22.33 -7.13 -12.49
C GLY B 580 -22.44 -5.61 -12.51
N GLU B 581 -22.91 -5.02 -11.43
CA GLU B 581 -23.05 -3.58 -11.35
C GLU B 581 -21.68 -2.87 -11.33
N ARG B 582 -21.70 -1.65 -11.85
CA ARG B 582 -20.52 -0.80 -11.94
C ARG B 582 -20.10 -0.20 -10.60
N TYR B 583 -21.06 0.34 -9.88
CA TYR B 583 -20.79 1.22 -8.73
C TYR B 583 -20.72 0.31 -7.45
N VAL B 584 -19.77 -0.62 -7.48
CA VAL B 584 -19.43 -1.44 -6.33
C VAL B 584 -17.91 -1.64 -6.31
N SER B 585 -17.41 -2.02 -5.15
CA SER B 585 -16.00 -2.23 -4.98
C SER B 585 -15.53 -3.50 -5.75
N HIS B 586 -14.86 -3.30 -6.87
CA HIS B 586 -14.40 -4.39 -7.72
C HIS B 586 -13.29 -3.83 -8.60
N TYR B 587 -12.62 -4.78 -9.24
CA TYR B 587 -11.74 -4.52 -10.33
C TYR B 587 -12.40 -4.86 -11.70
N LEU B 588 -11.99 -4.12 -12.75
CA LEU B 588 -12.47 -4.43 -14.09
C LEU B 588 -11.87 -5.72 -14.66
N ASP B 589 -10.70 -6.11 -14.19
CA ASP B 589 -9.92 -7.12 -14.87
C ASP B 589 -9.69 -8.42 -14.08
N ILE B 590 -10.00 -8.45 -12.78
CA ILE B 590 -9.85 -9.62 -11.93
C ILE B 590 -10.92 -9.68 -10.87
N PRO B 591 -11.17 -10.88 -10.30
CA PRO B 591 -12.00 -10.98 -9.11
C PRO B 591 -11.43 -10.24 -7.86
N ASN B 592 -12.30 -9.92 -6.90
CA ASN B 592 -11.93 -9.40 -5.56
C ASN B 592 -11.22 -10.44 -4.74
N GLU B 593 -11.61 -11.70 -4.97
CA GLU B 593 -11.12 -12.76 -4.16
C GLU B 593 -9.70 -13.06 -4.58
N PRO B 594 -8.84 -13.41 -3.61
CA PRO B 594 -7.58 -13.96 -4.03
C PRO B 594 -7.74 -15.29 -4.75
N PHE B 595 -6.65 -15.76 -5.42
CA PHE B 595 -6.78 -17.04 -6.18
C PHE B 595 -7.02 -18.17 -5.18
N TYR B 596 -6.24 -18.21 -4.06
CA TYR B 596 -6.57 -19.09 -2.91
C TYR B 596 -6.60 -18.29 -1.64
N PRO B 597 -7.52 -18.59 -0.73
CA PRO B 597 -7.74 -17.78 0.48
C PRO B 597 -7.11 -18.35 1.71
N PHE B 598 -7.04 -17.51 2.72
CA PHE B 598 -6.54 -17.88 4.00
C PHE B 598 -7.24 -19.16 4.53
N GLY B 599 -6.45 -20.09 5.05
CA GLY B 599 -7.00 -21.31 5.68
C GLY B 599 -7.39 -22.43 4.75
N TYR B 600 -7.09 -22.27 3.46
CA TYR B 600 -7.47 -23.21 2.42
C TYR B 600 -6.40 -24.24 2.25
N GLY B 601 -6.83 -25.49 2.17
CA GLY B 601 -5.95 -26.59 1.75
C GLY B 601 -6.80 -27.86 1.65
N LYS B 602 -6.41 -28.68 0.72
CA LYS B 602 -7.05 -30.01 0.44
C LYS B 602 -6.46 -31.18 1.23
N SER B 603 -7.10 -32.34 1.08
CA SER B 603 -6.68 -33.54 1.81
C SER B 603 -7.14 -34.74 0.97
N TYR B 604 -6.48 -35.88 1.22
CA TYR B 604 -6.89 -37.19 0.58
C TYR B 604 -8.14 -37.72 1.33
N SER B 605 -8.50 -37.14 2.51
CA SER B 605 -9.67 -37.55 3.29
C SER B 605 -10.81 -36.63 3.07
N GLU B 606 -11.98 -36.98 3.60
CA GLU B 606 -13.15 -36.15 3.58
C GLU B 606 -13.71 -36.02 5.01
N PHE B 607 -14.25 -34.86 5.42
CA PHE B 607 -14.53 -34.64 6.84
C PHE B 607 -15.90 -34.04 6.92
N GLU B 608 -16.64 -34.25 8.01
CA GLU B 608 -17.88 -33.54 8.23
C GLU B 608 -17.79 -32.92 9.57
N LEU B 609 -18.23 -31.68 9.70
CA LEU B 609 -18.19 -30.98 10.99
C LEU B 609 -19.57 -30.56 11.36
N LYS B 610 -19.83 -30.47 12.64
CA LYS B 610 -21.08 -29.93 13.09
C LYS B 610 -20.86 -29.25 14.43
N THR B 611 -21.44 -28.06 14.57
CA THR B 611 -21.23 -27.23 15.74
C THR B 611 -22.40 -27.43 16.70
N SER B 612 -22.09 -27.68 17.96
CA SER B 612 -23.13 -27.81 18.98
C SER B 612 -23.88 -26.49 19.19
N SER B 613 -25.10 -26.63 19.65
CA SER B 613 -25.98 -25.48 19.92
C SER B 613 -25.26 -24.36 20.66
N LEU B 614 -25.17 -23.18 20.06
CA LEU B 614 -24.52 -22.04 20.75
C LEU B 614 -25.60 -21.13 21.32
N PRO B 615 -25.29 -20.38 22.40
CA PRO B 615 -26.25 -19.40 22.90
C PRO B 615 -26.60 -18.25 21.90
N LYS B 616 -27.79 -17.74 21.98
CA LYS B 616 -28.21 -16.59 21.14
C LYS B 616 -27.72 -15.25 21.71
N GLU B 617 -27.43 -15.26 23.01
CA GLU B 617 -27.04 -14.07 23.76
C GLU B 617 -25.91 -14.39 24.72
N LEU B 618 -25.23 -13.34 25.13
CA LEU B 618 -24.04 -13.42 25.93
C LEU B 618 -23.94 -12.12 26.70
N ASN B 619 -23.43 -12.17 27.92
CA ASN B 619 -23.14 -10.92 28.61
C ASN B 619 -21.79 -10.33 28.13
N LEU B 620 -21.61 -9.04 28.33
CA LEU B 620 -20.28 -8.45 28.27
C LEU B 620 -19.37 -9.15 29.23
N GLY B 621 -18.13 -9.35 28.78
CA GLY B 621 -17.15 -10.10 29.52
C GLY B 621 -17.25 -11.60 29.59
N GLU B 622 -18.24 -12.18 28.97
CA GLU B 622 -18.45 -13.57 29.06
C GLU B 622 -17.85 -14.21 27.85
N SER B 623 -17.29 -15.40 28.07
CA SER B 623 -16.76 -16.19 26.98
C SER B 623 -17.83 -16.94 26.26
N LEU B 624 -17.58 -17.14 24.98
CA LEU B 624 -18.33 -18.07 24.17
C LEU B 624 -17.56 -19.37 24.09
N HIS B 625 -18.20 -20.46 24.50
CA HIS B 625 -17.71 -21.81 24.37
C HIS B 625 -18.28 -22.49 23.15
N VAL B 626 -17.39 -23.02 22.34
CA VAL B 626 -17.72 -23.51 20.96
C VAL B 626 -17.31 -24.94 20.87
N GLU B 627 -18.29 -25.81 20.74
CA GLU B 627 -18.00 -27.25 20.68
C GLU B 627 -18.22 -27.78 19.28
N VAL B 628 -17.17 -28.43 18.75
CA VAL B 628 -17.22 -28.96 17.40
C VAL B 628 -16.95 -30.46 17.32
N THR B 629 -17.87 -31.16 16.67
CA THR B 629 -17.72 -32.57 16.40
C THR B 629 -17.29 -32.75 14.98
N ILE B 630 -16.21 -33.47 14.82
CA ILE B 630 -15.69 -33.73 13.51
C ILE B 630 -15.53 -35.22 13.28
N LYS B 631 -16.03 -35.66 12.14
CA LYS B 631 -15.88 -37.04 11.69
C LYS B 631 -15.15 -37.14 10.34
N ASN B 632 -14.20 -38.07 10.24
CA ASN B 632 -13.61 -38.49 8.99
C ASN B 632 -14.50 -39.53 8.30
N ILE B 633 -15.20 -39.14 7.23
CA ILE B 633 -16.19 -39.98 6.55
C ILE B 633 -15.62 -40.73 5.32
N SER B 634 -14.29 -40.84 5.24
CA SER B 634 -13.57 -41.54 4.16
C SER B 634 -12.77 -42.73 4.75
N ASP B 635 -12.11 -43.45 3.88
CA ASP B 635 -11.28 -44.58 4.25
C ASP B 635 -9.80 -44.28 4.53
N ILE B 636 -9.47 -42.99 4.55
CA ILE B 636 -8.09 -42.55 4.55
C ILE B 636 -7.84 -41.75 5.82
N ALA B 637 -6.86 -42.11 6.63
CA ALA B 637 -6.59 -41.40 7.87
C ALA B 637 -6.08 -39.99 7.45
N GLY B 638 -6.45 -38.95 8.16
CA GLY B 638 -5.85 -37.63 7.86
C GLY B 638 -6.15 -36.63 8.92
N LYS B 639 -5.63 -35.41 8.70
CA LYS B 639 -5.80 -34.29 9.59
C LYS B 639 -6.55 -33.14 8.91
N GLU B 640 -7.49 -32.59 9.64
CA GLU B 640 -8.21 -31.35 9.30
C GLU B 640 -7.91 -30.21 10.29
N VAL B 641 -7.89 -28.97 9.81
CA VAL B 641 -7.68 -27.77 10.68
C VAL B 641 -9.01 -27.09 10.89
N ILE B 642 -9.57 -27.32 12.09
CA ILE B 642 -10.79 -26.63 12.47
C ILE B 642 -10.48 -25.16 12.76
N GLN B 643 -11.25 -24.26 12.14
CA GLN B 643 -11.01 -22.82 12.28
C GLN B 643 -12.29 -22.14 12.77
N VAL B 644 -12.12 -21.21 13.72
CA VAL B 644 -13.24 -20.44 14.21
C VAL B 644 -12.94 -19.00 14.01
N TYR B 645 -13.87 -18.27 13.37
CA TYR B 645 -13.67 -16.85 13.11
C TYR B 645 -14.72 -16.11 13.82
N LEU B 646 -14.45 -14.87 14.17
CA LEU B 646 -15.49 -13.95 14.65
C LEU B 646 -15.54 -12.70 13.81
N GLN B 647 -16.73 -12.09 13.77
CA GLN B 647 -16.99 -10.83 13.12
C GLN B 647 -17.79 -9.92 14.05
N ASP B 648 -17.46 -8.61 14.10
CA ASP B 648 -18.18 -7.62 14.81
C ASP B 648 -18.97 -6.87 13.75
N VAL B 649 -20.28 -7.04 13.77
CA VAL B 649 -21.09 -6.60 12.63
C VAL B 649 -21.19 -5.08 12.51
N THR B 650 -21.38 -4.41 13.66
CA THR B 650 -21.45 -2.97 13.73
C THR B 650 -20.58 -2.45 14.84
N ALA B 651 -19.77 -1.46 14.58
CA ALA B 651 -18.88 -1.06 15.66
C ALA B 651 -18.54 0.39 15.54
N SER B 652 -17.91 0.96 16.55
CA SER B 652 -17.50 2.34 16.37
C SER B 652 -16.28 2.58 15.41
N ILE B 653 -15.58 1.50 15.06
CA ILE B 653 -14.53 1.44 14.04
C ILE B 653 -15.05 0.38 13.00
N SER B 654 -14.79 0.56 11.72
CA SER B 654 -15.22 -0.51 10.77
C SER B 654 -14.38 -1.76 11.01
N ARG B 655 -14.95 -2.94 11.32
CA ARG B 655 -14.18 -4.06 11.74
C ARG B 655 -14.05 -5.05 10.56
N PRO B 656 -13.05 -5.89 10.61
CA PRO B 656 -12.94 -6.89 9.49
C PRO B 656 -14.13 -7.83 9.38
N VAL B 657 -14.38 -8.30 8.17
CA VAL B 657 -15.47 -9.26 7.93
C VAL B 657 -15.32 -10.60 8.66
N LYS B 658 -14.08 -10.98 8.98
CA LYS B 658 -13.71 -12.15 9.80
C LYS B 658 -12.35 -11.92 10.38
N GLU B 659 -12.15 -12.47 11.60
CA GLU B 659 -10.85 -12.65 12.21
C GLU B 659 -10.75 -14.00 12.87
N LEU B 660 -9.67 -14.73 12.63
CA LEU B 660 -9.40 -16.03 13.22
C LEU B 660 -9.21 -15.83 14.71
N LYS B 661 -9.92 -16.61 15.52
CA LYS B 661 -9.82 -16.50 16.97
C LYS B 661 -9.60 -17.83 17.66
N ALA B 662 -9.61 -18.92 16.91
CA ALA B 662 -9.26 -20.23 17.41
C ALA B 662 -8.93 -21.16 16.29
N PHE B 663 -8.11 -22.19 16.54
CA PHE B 663 -7.89 -23.24 15.57
C PHE B 663 -7.35 -24.45 16.29
N GLU B 664 -7.67 -25.63 15.78
CA GLU B 664 -7.02 -26.85 16.21
C GLU B 664 -6.95 -27.79 15.05
N LYS B 665 -5.82 -28.46 14.90
CA LYS B 665 -5.57 -29.43 13.88
C LYS B 665 -5.92 -30.81 14.48
N VAL B 666 -6.89 -31.49 13.88
CA VAL B 666 -7.45 -32.80 14.42
C VAL B 666 -7.11 -33.94 13.47
N ALA B 667 -6.54 -35.01 14.05
CA ALA B 667 -6.11 -36.21 13.36
C ALA B 667 -7.20 -37.24 13.57
N LEU B 668 -7.58 -37.89 12.49
CA LEU B 668 -8.69 -38.80 12.59
C LEU B 668 -8.38 -40.00 11.72
N GLN B 669 -8.50 -41.20 12.30
CA GLN B 669 -8.46 -42.43 11.46
C GLN B 669 -9.70 -42.46 10.60
N ALA B 670 -9.71 -43.31 9.60
CA ALA B 670 -10.98 -43.52 8.85
C ALA B 670 -12.15 -43.82 9.76
N GLY B 671 -13.27 -43.18 9.55
CA GLY B 671 -14.43 -43.32 10.37
C GLY B 671 -14.42 -42.65 11.70
N GLU B 672 -13.24 -42.17 12.16
CA GLU B 672 -13.09 -41.73 13.52
C GLU B 672 -13.77 -40.40 13.71
N GLU B 673 -14.39 -40.24 14.89
CA GLU B 673 -15.07 -39.02 15.31
C GLU B 673 -14.55 -38.47 16.65
N LYS B 674 -14.25 -37.17 16.70
CA LYS B 674 -13.77 -36.49 17.90
C LYS B 674 -14.57 -35.24 18.13
N THR B 675 -14.58 -34.78 19.37
CA THR B 675 -15.23 -33.54 19.70
C THR B 675 -14.14 -32.65 20.23
N VAL B 676 -14.12 -31.37 19.78
CA VAL B 676 -13.09 -30.43 20.33
C VAL B 676 -13.86 -29.22 20.78
N THR B 677 -13.28 -28.50 21.73
CA THR B 677 -13.97 -27.36 22.33
C THR B 677 -13.03 -26.13 22.29
N PHE B 678 -13.61 -24.99 22.04
CA PHE B 678 -12.82 -23.73 21.94
C PHE B 678 -13.47 -22.73 22.94
N GLU B 679 -12.68 -21.95 23.67
CA GLU B 679 -13.17 -20.77 24.41
C GLU B 679 -12.76 -19.43 23.75
N LEU B 680 -13.73 -18.67 23.28
CA LEU B 680 -13.47 -17.37 22.74
C LEU B 680 -13.77 -16.44 23.91
N THR B 681 -12.72 -15.99 24.59
CA THR B 681 -12.92 -15.08 25.70
C THR B 681 -13.40 -13.74 25.22
N SER B 682 -13.92 -12.94 26.17
CA SER B 682 -14.41 -11.61 25.84
C SER B 682 -13.30 -10.75 25.08
N GLU B 683 -12.01 -11.02 25.34
CA GLU B 683 -10.89 -10.39 24.59
C GLU B 683 -10.98 -10.64 23.12
N ALA B 684 -11.53 -11.79 22.73
CA ALA B 684 -11.70 -12.11 21.27
C ALA B 684 -12.75 -11.21 20.63
N PHE B 685 -13.62 -10.61 21.42
CA PHE B 685 -14.78 -9.73 20.94
C PHE B 685 -14.43 -8.24 20.99
N SER B 686 -13.25 -7.97 21.56
CA SER B 686 -12.79 -6.61 21.85
C SER B 686 -11.89 -6.08 20.72
N PHE B 687 -11.68 -4.76 20.71
CA PHE B 687 -10.82 -4.11 19.69
C PHE B 687 -10.39 -2.75 20.19
N TYR B 688 -9.42 -2.15 19.49
CA TYR B 688 -8.98 -0.81 19.77
C TYR B 688 -9.85 0.25 19.17
N ASN B 689 -10.35 1.18 19.97
CA ASN B 689 -11.22 2.22 19.42
C ASN B 689 -10.44 3.46 18.95
N HIS B 690 -11.20 4.48 18.52
CA HIS B 690 -10.68 5.74 17.89
C HIS B 690 -9.72 6.46 18.85
N GLN B 691 -10.00 6.38 20.15
CA GLN B 691 -9.16 6.99 21.20
C GLN B 691 -8.10 5.97 21.70
N LEU B 692 -7.99 4.87 20.98
CA LEU B 692 -6.97 3.82 21.29
C LEU B 692 -7.25 3.09 22.64
N GLU B 693 -8.51 3.02 23.04
CA GLU B 693 -8.80 2.18 24.21
C GLU B 693 -9.12 0.74 23.71
N LYS B 694 -8.69 -0.28 24.46
CA LYS B 694 -9.16 -1.68 24.22
C LYS B 694 -10.56 -1.88 24.81
N VAL B 695 -11.58 -2.15 23.98
CA VAL B 695 -13.04 -2.04 24.40
C VAL B 695 -13.84 -3.24 23.91
N GLN B 696 -14.94 -3.55 24.63
CA GLN B 696 -15.91 -4.45 24.14
C GLN B 696 -17.20 -3.64 24.05
N GLU B 697 -17.86 -3.70 22.91
CA GLU B 697 -19.13 -2.96 22.68
C GLU B 697 -20.27 -3.99 22.57
N PRO B 698 -21.44 -3.67 23.17
CA PRO B 698 -22.51 -4.60 23.07
C PRO B 698 -22.93 -4.58 21.60
N GLY B 699 -23.44 -5.70 21.11
CA GLY B 699 -23.89 -5.75 19.72
C GLY B 699 -23.85 -7.13 19.15
N LEU B 700 -24.22 -7.21 17.87
CA LEU B 700 -24.26 -8.46 17.14
C LEU B 700 -22.86 -8.89 16.71
N HIS B 701 -22.55 -10.16 16.94
CA HIS B 701 -21.38 -10.82 16.36
C HIS B 701 -21.79 -12.05 15.55
N ARG B 702 -21.10 -12.32 14.45
CA ARG B 702 -21.14 -13.63 13.85
C ARG B 702 -19.97 -14.49 14.21
N VAL B 703 -20.25 -15.80 14.31
CA VAL B 703 -19.31 -16.81 14.63
C VAL B 703 -19.33 -17.77 13.47
N PHE B 704 -18.14 -18.09 12.97
CA PHE B 704 -17.94 -18.93 11.80
C PHE B 704 -17.09 -20.09 12.19
N VAL B 705 -17.60 -21.28 11.92
CA VAL B 705 -16.90 -22.47 12.13
C VAL B 705 -16.71 -23.28 10.82
N GLY B 706 -15.47 -23.68 10.54
CA GLY B 706 -15.22 -24.46 9.37
C GLY B 706 -13.77 -24.78 9.16
N THR B 707 -13.41 -24.96 7.88
CA THR B 707 -12.17 -25.55 7.50
C THR B 707 -11.31 -24.69 6.53
N SER B 708 -11.77 -23.47 6.35
CA SER B 708 -11.03 -22.34 5.74
C SER B 708 -11.74 -21.02 6.07
N SER B 709 -11.22 -19.91 5.58
CA SER B 709 -11.89 -18.64 5.85
C SER B 709 -13.14 -18.50 5.02
N GLU B 710 -13.36 -19.40 4.04
CA GLU B 710 -14.55 -19.37 3.18
C GLU B 710 -15.53 -20.56 3.44
N ASP B 711 -14.99 -21.71 3.81
CA ASP B 711 -15.80 -22.94 4.02
C ASP B 711 -16.22 -23.06 5.51
N VAL B 712 -17.30 -22.38 5.85
CA VAL B 712 -17.73 -22.16 7.22
C VAL B 712 -19.23 -22.21 7.33
N ASP B 713 -19.72 -22.62 8.50
CA ASP B 713 -21.10 -22.34 8.88
C ASP B 713 -21.08 -21.08 9.71
N VAL B 714 -22.15 -20.32 9.63
CA VAL B 714 -22.29 -19.05 10.37
C VAL B 714 -23.42 -19.07 11.45
N PHE B 715 -23.14 -18.48 12.60
CA PHE B 715 -24.04 -18.39 13.76
C PHE B 715 -23.99 -16.95 14.28
N GLU B 716 -25.10 -16.44 14.83
CA GLU B 716 -25.18 -15.10 15.33
C GLU B 716 -25.35 -15.14 16.83
N VAL B 717 -24.68 -14.19 17.49
CA VAL B 717 -24.80 -14.01 18.97
C VAL B 717 -24.81 -12.55 19.31
N GLU B 718 -25.76 -12.17 20.13
CA GLU B 718 -26.01 -10.82 20.45
C GLU B 718 -25.41 -10.61 21.85
N VAL B 719 -24.40 -9.74 21.89
CA VAL B 719 -23.69 -9.40 23.09
C VAL B 719 -24.31 -8.14 23.74
N GLY B 720 -24.69 -8.24 25.03
CA GLY B 720 -25.11 -7.07 25.80
C GLY B 720 -25.26 -7.26 27.29
N GLY B 721 -26.04 -6.39 27.94
CA GLY B 721 -26.48 -6.64 29.32
C GLY B 721 -25.45 -6.07 30.26
N TYR B 722 -25.00 -6.86 31.20
CA TYR B 722 -24.07 -6.41 32.25
C TYR B 722 -22.72 -7.07 32.01
N VAL B 723 -21.73 -6.64 32.73
CA VAL B 723 -20.38 -7.13 32.51
C VAL B 723 -20.03 -8.16 33.59
N LEU B 724 -19.51 -9.32 33.18
CA LEU B 724 -18.97 -10.39 34.06
C LEU B 724 -17.51 -10.29 34.49
#